data_8JIF
#
_entry.id   8JIF
#
_cell.length_a   1.00
_cell.length_b   1.00
_cell.length_c   1.00
_cell.angle_alpha   90.00
_cell.angle_beta   90.00
_cell.angle_gamma   90.00
#
_symmetry.space_group_name_H-M   'P 1'
#
loop_
_entity.id
_entity.type
_entity.pdbx_description
1 polymer 'Carbonic anhydrase 4'
2 polymer 'Capsid protein VP1'
3 non-polymer 'ZINC ION'
#
loop_
_entity_poly.entity_id
_entity_poly.type
_entity_poly.pdbx_seq_one_letter_code
_entity_poly.pdbx_strand_id
1 'polypeptide(L)'
;WCYEIQTKDPRSSCLGPEKWPGACKENQQSPINIVTARTKVNPRLTPFILVGYDQKQQWPIKNNQHTVEMTLGGGACIIG
GDLPARYEAVQLHLHWSNGNDNGSEHSIDGRHFAMEMHIVHKKLTSSKEDSKDKFAVLAFMIEVGDKVNKGFQPLVEALP
SISKPHSTSTVRESSLQDMLPPSTKMYTYFRYNGSLTTPNCDETVIWTVYKQPIKIHKNQFLEFSKNLYYDEDQKLNMKD
NVRPLQPLGKRQVFKS
;
R
2 'polypeptide(L)'
;DGVGSSSGNWHCDSQWLGDRVITTSTRTWALPTYNNHLYKQISNSTSGGSSNDNAYFGYSTPWGYFDFNRFHCHFSPRDW
QRLINNNWGFRPKRLNFKLFNIQVKEVTDNNGVKTIANNLTSTVQVFTDSDYQLPYVLGSAHEGCLPPFPADVFMIPQYG
YLTLNDGSQAVGRSSFYCLEYFPSQMLRTGNNFQFSYEFENVPFHSSYAHSQSLDRLMNPLIDQYLYYLSKTINGSGQNQ
QTLKFSVAGPSNMAVQGRNYIPGPSYRQQRVSTTVTQNNNSEFAWPGASSWALNGRNSLMNPGPAMASHKEGEDRFFPLS
GSLIFGKQGTGRDNVDADKVMITNEEEIKTTNPVATESYGQVATNHQSAQWPTSYDAAQAQTGWVQNQGILPGMVWQDRD
VYLQGPIWAKIPHTDGNFHPSPLMGGFGMKHPPPQILIKNTPVPADPPTAFNKDKLNSFITQYSTGQVSVEIEWELQKEN
SKRWNPEIQYTSNYYKSNNVEFAVNTEGVYSEPRPIGTRYLTRNL
;
A,B,C
#
# COMPACT_ATOMS: atom_id res chain seq x y z
N TRP A 1 7.17 40.23 26.82
CA TRP A 1 8.54 39.76 26.89
C TRP A 1 8.83 39.11 28.23
N CYS A 2 8.10 39.53 29.26
CA CYS A 2 8.43 39.13 30.62
C CYS A 2 7.27 39.21 31.56
N TYR A 3 7.25 38.36 32.57
CA TYR A 3 6.20 38.46 33.57
C TYR A 3 6.60 39.47 34.64
N GLU A 4 5.63 39.85 35.47
CA GLU A 4 5.88 40.87 36.49
C GLU A 4 6.87 40.36 37.53
N ILE A 5 6.86 39.06 37.81
CA ILE A 5 7.81 38.51 38.78
C ILE A 5 9.23 38.57 38.22
N GLN A 6 9.38 38.38 36.91
CA GLN A 6 10.72 38.39 36.31
C GLN A 6 11.36 39.77 36.40
N THR A 7 10.59 40.82 36.16
CA THR A 7 11.12 42.19 36.20
C THR A 7 11.16 42.67 37.66
N LYS A 8 11.99 41.99 38.45
CA LYS A 8 12.17 42.33 39.84
C LYS A 8 13.61 42.67 40.19
N ASP A 9 14.58 42.31 39.36
CA ASP A 9 15.99 42.59 39.56
C ASP A 9 16.41 43.84 38.80
N PRO A 10 17.44 44.54 39.26
CA PRO A 10 17.94 45.69 38.49
C PRO A 10 18.38 45.32 37.09
N ARG A 11 18.96 44.14 36.91
CA ARG A 11 19.34 43.65 35.59
C ARG A 11 18.16 42.92 34.96
N SER A 12 18.42 42.24 33.85
CA SER A 12 17.38 41.56 33.07
C SER A 12 16.26 42.53 32.69
N SER A 13 16.67 43.63 32.06
CA SER A 13 15.73 44.67 31.67
C SER A 13 14.88 44.20 30.50
N CYS A 14 13.64 43.80 30.79
CA CYS A 14 12.69 43.36 29.78
C CYS A 14 11.35 44.02 30.05
N LEU A 15 10.39 43.77 29.16
CA LEU A 15 9.08 44.42 29.18
C LEU A 15 8.11 43.58 29.99
N GLY A 16 7.57 44.16 31.06
CA GLY A 16 6.61 43.48 31.90
C GLY A 16 5.23 43.50 31.29
N PRO A 17 4.30 42.82 31.97
CA PRO A 17 2.92 42.74 31.44
C PRO A 17 2.27 44.10 31.23
N GLU A 18 2.58 45.08 32.08
CA GLU A 18 2.06 46.42 31.90
C GLU A 18 2.61 47.11 30.66
N LYS A 19 3.68 46.59 30.07
CA LYS A 19 4.29 47.18 28.88
C LYS A 19 4.44 46.16 27.75
N TRP A 20 3.58 45.15 27.71
CA TRP A 20 3.69 44.14 26.65
C TRP A 20 3.38 44.77 25.29
N PRO A 21 4.20 44.48 24.27
CA PRO A 21 3.96 45.06 22.94
C PRO A 21 2.86 44.34 22.18
N GLY A 22 2.69 44.68 20.91
CA GLY A 22 1.68 44.05 20.09
C GLY A 22 0.28 44.53 20.40
N ALA A 23 -0.72 43.66 20.18
CA ALA A 23 -2.12 43.98 20.40
C ALA A 23 -2.61 43.55 21.78
N CYS A 24 -1.74 43.54 22.78
CA CYS A 24 -2.12 43.13 24.13
C CYS A 24 -2.67 44.27 24.95
N LYS A 25 -2.83 45.47 24.36
CA LYS A 25 -3.44 46.61 25.04
C LYS A 25 -4.71 46.96 24.27
N GLU A 26 -5.80 46.29 24.63
CA GLU A 26 -7.10 46.45 23.98
C GLU A 26 -8.16 45.98 24.96
N ASN A 27 -9.38 45.77 24.45
CA ASN A 27 -10.50 45.37 25.30
C ASN A 27 -10.41 43.89 25.68
N GLN A 28 -10.43 43.01 24.69
CA GLN A 28 -10.47 41.57 24.94
C GLN A 28 -9.04 41.03 24.97
N GLN A 29 -8.63 40.50 26.12
CA GLN A 29 -7.28 39.96 26.23
C GLN A 29 -7.27 38.46 26.47
N SER A 30 -7.91 38.01 27.56
CA SER A 30 -8.18 36.62 27.94
C SER A 30 -8.49 36.51 29.43
N PRO A 31 -7.55 36.84 30.35
CA PRO A 31 -7.79 36.52 31.76
C PRO A 31 -8.78 37.49 32.39
N ILE A 32 -9.99 36.99 32.67
CA ILE A 32 -11.05 37.82 33.24
C ILE A 32 -11.63 37.11 34.45
N ASN A 33 -12.19 37.89 35.35
CA ASN A 33 -12.96 37.33 36.46
C ASN A 33 -14.35 36.97 35.99
N ILE A 34 -14.75 35.72 36.22
CA ILE A 34 -16.00 35.19 35.72
C ILE A 34 -16.99 35.17 36.88
N VAL A 35 -17.92 36.12 36.88
CA VAL A 35 -18.98 36.16 37.89
C VAL A 35 -20.13 35.28 37.41
N THR A 36 -20.47 34.26 38.19
CA THR A 36 -21.54 33.34 37.81
C THR A 36 -22.91 33.99 37.86
N ALA A 37 -23.05 35.11 38.57
CA ALA A 37 -24.34 35.79 38.63
C ALA A 37 -24.68 36.45 37.30
N ARG A 38 -23.69 37.06 36.65
CA ARG A 38 -23.94 37.84 35.44
C ARG A 38 -23.92 37.02 34.17
N THR A 39 -23.50 35.76 34.22
CA THR A 39 -23.49 34.94 33.02
C THR A 39 -24.89 34.42 32.71
N LYS A 40 -25.17 34.23 31.42
CA LYS A 40 -26.47 33.76 30.96
C LYS A 40 -26.31 32.37 30.35
N VAL A 41 -27.25 31.48 30.67
CA VAL A 41 -27.17 30.10 30.21
C VAL A 41 -27.48 30.05 28.72
N ASN A 42 -26.62 29.36 27.96
CA ASN A 42 -26.83 29.16 26.54
C ASN A 42 -27.20 27.70 26.30
N PRO A 43 -28.42 27.41 25.85
CA PRO A 43 -28.80 26.01 25.64
C PRO A 43 -27.97 25.29 24.60
N ARG A 44 -27.43 26.01 23.62
CA ARG A 44 -26.66 25.36 22.56
C ARG A 44 -25.34 24.80 23.08
N LEU A 45 -24.84 25.33 24.20
CA LEU A 45 -23.60 24.83 24.77
C LEU A 45 -23.79 23.41 25.28
N THR A 46 -23.04 22.47 24.71
CA THR A 46 -23.07 21.06 25.05
C THR A 46 -21.67 20.58 25.34
N PRO A 47 -21.51 19.53 26.15
CA PRO A 47 -20.17 19.01 26.42
C PRO A 47 -19.47 18.56 25.14
N PHE A 48 -18.18 18.85 25.06
CA PHE A 48 -17.39 18.51 23.89
C PHE A 48 -17.26 17.00 23.73
N ILE A 49 -17.15 16.56 22.48
CA ILE A 49 -16.88 15.17 22.16
C ILE A 49 -15.37 15.03 21.98
N LEU A 50 -14.74 14.27 22.87
CA LEU A 50 -13.29 14.13 22.89
C LEU A 50 -12.91 12.89 22.09
N VAL A 51 -12.44 13.09 20.86
CA VAL A 51 -12.00 12.01 19.99
C VAL A 51 -10.48 12.01 19.96
N GLY A 52 -9.88 10.85 20.20
CA GLY A 52 -8.44 10.73 20.28
C GLY A 52 -7.86 11.06 21.63
N TYR A 53 -8.68 11.40 22.62
CA TYR A 53 -8.18 11.69 23.96
C TYR A 53 -7.91 10.44 24.78
N ASP A 54 -8.28 9.27 24.30
CA ASP A 54 -8.09 8.02 25.02
C ASP A 54 -6.86 7.25 24.57
N GLN A 55 -6.22 7.67 23.47
CA GLN A 55 -5.02 7.01 22.99
C GLN A 55 -3.82 7.38 23.84
N LYS A 56 -2.93 6.41 24.05
CA LYS A 56 -1.73 6.61 24.85
C LYS A 56 -0.52 6.63 23.93
N GLN A 57 0.27 7.69 24.02
CA GLN A 57 1.46 7.81 23.19
C GLN A 57 2.42 8.80 23.84
N GLN A 58 3.69 8.74 23.42
CA GLN A 58 4.69 9.64 23.95
C GLN A 58 4.42 11.07 23.49
N TRP A 59 4.70 12.03 24.38
CA TRP A 59 4.50 13.43 24.03
C TRP A 59 5.78 14.21 24.29
N PRO A 60 6.11 15.16 23.41
CA PRO A 60 7.31 15.98 23.58
C PRO A 60 7.10 17.03 24.66
N ILE A 61 7.91 17.00 25.70
CA ILE A 61 7.79 17.98 26.77
C ILE A 61 9.05 18.84 26.81
N LYS A 62 8.87 20.16 26.83
CA LYS A 62 10.03 21.06 26.77
C LYS A 62 9.90 22.30 27.65
N ASN A 63 11.04 22.85 28.09
CA ASN A 63 11.02 24.04 28.92
C ASN A 63 10.92 25.27 28.05
N ASN A 64 9.70 25.75 27.83
CA ASN A 64 9.49 26.92 26.99
C ASN A 64 9.91 28.21 27.67
N GLN A 65 10.73 28.12 28.72
CA GLN A 65 11.22 29.30 29.43
C GLN A 65 10.12 30.04 30.18
N HIS A 66 9.01 30.32 29.49
CA HIS A 66 7.91 31.04 30.12
C HIS A 66 6.97 30.07 30.81
N THR A 67 6.95 28.83 30.32
CA THR A 67 6.11 27.77 30.89
C THR A 67 6.60 26.45 30.31
N VAL A 68 5.93 25.37 30.69
CA VAL A 68 6.20 24.04 30.15
C VAL A 68 5.08 23.70 29.19
N GLU A 69 5.43 23.50 27.91
CA GLU A 69 4.46 23.19 26.88
C GLU A 69 4.71 21.78 26.37
N MET A 70 3.63 21.02 26.22
CA MET A 70 3.67 19.65 25.75
C MET A 70 3.00 19.56 24.39
N THR A 71 3.74 19.08 23.40
CA THR A 71 3.19 18.97 22.05
C THR A 71 2.20 17.80 22.00
N LEU A 72 0.99 18.08 21.54
CA LEU A 72 -0.07 17.08 21.50
C LEU A 72 -0.15 16.36 20.16
N GLY A 73 0.66 16.74 19.18
CA GLY A 73 0.67 16.05 17.91
C GLY A 73 -0.67 16.11 17.21
N GLY A 74 -0.98 15.02 16.50
CA GLY A 74 -2.22 14.91 15.77
C GLY A 74 -3.15 13.85 16.37
N GLY A 75 -4.35 13.77 15.80
CA GLY A 75 -5.34 12.80 16.24
C GLY A 75 -5.88 13.04 17.63
N ALA A 76 -6.09 14.30 18.00
CA ALA A 76 -6.70 14.66 19.27
C ALA A 76 -7.66 15.83 19.08
N CYS A 77 -8.45 15.76 18.02
CA CYS A 77 -9.33 16.86 17.65
C CYS A 77 -10.55 16.91 18.56
N ILE A 78 -11.31 18.01 18.43
CA ILE A 78 -12.53 18.23 19.20
C ILE A 78 -13.61 18.70 18.24
N ILE A 79 -14.82 18.12 18.37
CA ILE A 79 -15.90 18.39 17.44
C ILE A 79 -17.15 18.86 18.18
N GLY A 80 -17.16 18.74 19.50
CA GLY A 80 -18.32 19.08 20.28
C GLY A 80 -18.50 20.58 20.45
N GLY A 81 -19.41 20.94 21.35
CA GLY A 81 -19.66 22.33 21.66
C GLY A 81 -20.24 23.10 20.49
N ASP A 82 -20.11 24.42 20.57
CA ASP A 82 -20.58 25.33 19.54
C ASP A 82 -19.43 25.86 18.69
N LEU A 83 -18.34 25.10 18.60
CA LEU A 83 -17.22 25.51 17.76
C LEU A 83 -17.66 25.52 16.30
N PRO A 84 -17.11 26.39 15.47
CA PRO A 84 -17.62 26.54 14.08
C PRO A 84 -17.64 25.24 13.29
N ALA A 85 -16.49 24.61 13.09
CA ALA A 85 -16.46 23.29 12.46
C ALA A 85 -15.88 22.21 13.37
N ARG A 86 -14.62 22.36 13.79
CA ARG A 86 -13.92 21.42 14.66
C ARG A 86 -12.52 21.96 14.86
N TYR A 87 -11.90 21.56 15.98
CA TYR A 87 -10.58 22.03 16.34
C TYR A 87 -9.69 20.86 16.73
N GLU A 88 -8.42 20.93 16.34
CA GLU A 88 -7.46 19.87 16.59
C GLU A 88 -6.43 20.33 17.62
N ALA A 89 -6.20 19.49 18.62
CA ALA A 89 -5.25 19.83 19.69
C ALA A 89 -3.83 19.93 19.14
N VAL A 90 -3.13 20.98 19.54
CA VAL A 90 -1.76 21.20 19.09
C VAL A 90 -0.76 21.39 20.22
N GLN A 91 -1.17 21.83 21.40
CA GLN A 91 -0.22 22.16 22.46
C GLN A 91 -0.92 22.06 23.80
N LEU A 92 -0.13 21.89 24.86
CA LEU A 92 -0.66 21.82 26.22
C LEU A 92 0.38 22.43 27.16
N HIS A 93 0.07 23.60 27.69
CA HIS A 93 0.88 24.27 28.69
C HIS A 93 0.04 24.56 29.93
N LEU A 94 0.69 25.06 30.97
CA LEU A 94 -0.02 25.35 32.21
C LEU A 94 0.69 26.46 32.98
N HIS A 95 -0.06 27.11 33.87
CA HIS A 95 0.45 28.19 34.70
C HIS A 95 0.14 27.87 36.16
N TRP A 96 1.06 28.25 37.06
CA TRP A 96 0.93 27.93 38.47
C TRP A 96 1.54 29.06 39.29
N SER A 97 1.74 28.79 40.59
CA SER A 97 2.37 29.73 41.50
C SER A 97 3.12 28.95 42.55
N ASN A 98 3.59 29.64 43.58
CA ASN A 98 4.27 28.98 44.69
C ASN A 98 3.31 28.41 45.73
N GLY A 99 2.04 28.82 45.70
CA GLY A 99 1.05 28.29 46.61
C GLY A 99 -0.33 28.44 46.02
N ASN A 100 -1.29 27.75 46.62
CA ASN A 100 -2.66 27.85 46.14
C ASN A 100 -3.35 29.08 46.70
N ASP A 101 -2.68 30.21 46.67
CA ASP A 101 -3.22 31.49 47.08
C ASP A 101 -2.99 32.60 46.05
N ASN A 102 -1.82 32.59 45.39
CA ASN A 102 -1.51 33.64 44.42
C ASN A 102 -2.45 33.57 43.22
N GLY A 103 -2.72 32.37 42.73
CA GLY A 103 -3.68 32.15 41.68
C GLY A 103 -3.04 31.64 40.41
N SER A 104 -3.89 31.42 39.39
CA SER A 104 -3.44 30.94 38.10
C SER A 104 -4.47 31.34 37.06
N GLU A 105 -4.12 32.30 36.21
CA GLU A 105 -4.95 32.77 35.10
C GLU A 105 -6.36 33.14 35.51
N HIS A 106 -7.35 32.41 34.98
CA HIS A 106 -8.75 32.79 35.18
C HIS A 106 -9.19 32.61 36.63
N SER A 107 -10.19 33.40 37.01
CA SER A 107 -10.77 33.34 38.35
C SER A 107 -12.28 33.24 38.23
N ILE A 108 -12.88 32.39 39.05
CA ILE A 108 -14.33 32.19 39.07
C ILE A 108 -14.88 32.84 40.33
N ASP A 109 -15.74 33.85 40.15
CA ASP A 109 -16.32 34.61 41.27
C ASP A 109 -15.23 35.19 42.15
N GLY A 110 -14.13 35.60 41.54
CA GLY A 110 -13.00 36.13 42.28
C GLY A 110 -12.13 35.10 42.97
N ARG A 111 -12.43 33.82 42.78
CA ARG A 111 -11.67 32.74 43.40
C ARG A 111 -10.64 32.20 42.42
N HIS A 112 -9.39 32.13 42.86
CA HIS A 112 -8.30 31.60 42.06
C HIS A 112 -7.97 30.17 42.49
N PHE A 113 -7.13 29.52 41.70
CA PHE A 113 -6.75 28.14 41.93
C PHE A 113 -5.23 28.00 41.86
N ALA A 114 -4.73 26.87 42.35
CA ALA A 114 -3.29 26.66 42.43
C ALA A 114 -2.66 26.64 41.04
N MET A 115 -3.28 25.94 40.09
CA MET A 115 -2.70 25.76 38.77
C MET A 115 -3.80 25.82 37.71
N GLU A 116 -3.44 26.35 36.55
CA GLU A 116 -4.36 26.47 35.42
C GLU A 116 -3.71 25.83 34.21
N MET A 117 -4.44 24.92 33.54
CA MET A 117 -3.92 24.15 32.42
C MET A 117 -4.63 24.61 31.15
N HIS A 118 -3.84 24.92 30.11
CA HIS A 118 -4.38 25.42 28.84
C HIS A 118 -4.19 24.44 27.66
N ILE A 119 -5.23 23.68 27.30
CA ILE A 119 -5.15 22.78 26.15
C ILE A 119 -5.68 23.52 24.93
N VAL A 120 -4.77 23.87 24.02
CA VAL A 120 -5.09 24.75 22.90
C VAL A 120 -5.31 23.92 21.65
N HIS A 121 -6.42 24.16 20.96
CA HIS A 121 -6.80 23.44 19.74
C HIS A 121 -6.84 24.44 18.59
N LYS A 122 -6.11 24.15 17.52
CA LYS A 122 -6.14 24.99 16.33
C LYS A 122 -7.33 24.61 15.45
N LYS A 123 -7.84 25.59 14.71
CA LYS A 123 -8.91 25.34 13.75
C LYS A 123 -8.41 24.38 12.68
N LEU A 124 -9.25 23.39 12.36
CA LEU A 124 -8.83 22.27 11.53
C LEU A 124 -8.39 22.69 10.13
N THR A 125 -9.33 23.20 9.34
CA THR A 125 -9.00 23.57 7.97
C THR A 125 -9.15 25.07 7.74
N SER A 126 -10.35 25.59 8.00
CA SER A 126 -10.68 27.00 7.74
C SER A 126 -10.22 27.43 6.35
N SER A 127 -9.48 28.53 6.30
CA SER A 127 -8.90 29.02 5.06
C SER A 127 -7.79 30.00 5.42
N LYS A 128 -7.27 30.69 4.41
CA LYS A 128 -6.26 31.72 4.61
C LYS A 128 -6.93 33.05 5.00
N GLU A 129 -7.54 33.04 6.18
CA GLU A 129 -8.32 34.17 6.67
C GLU A 129 -7.69 34.74 7.92
N ASP A 130 -7.74 36.07 8.06
CA ASP A 130 -7.28 36.74 9.27
C ASP A 130 -8.37 36.84 10.33
N SER A 131 -9.54 36.27 10.07
CA SER A 131 -10.66 36.38 11.00
C SER A 131 -10.35 35.70 12.33
N LYS A 132 -11.25 35.90 13.29
CA LYS A 132 -11.08 35.40 14.63
C LYS A 132 -11.44 33.91 14.69
N ASP A 133 -11.58 33.37 15.91
CA ASP A 133 -11.98 31.99 16.14
C ASP A 133 -10.98 31.01 15.50
N LYS A 134 -9.69 31.33 15.62
CA LYS A 134 -8.63 30.48 15.10
C LYS A 134 -8.16 29.44 16.10
N PHE A 135 -8.38 29.66 17.40
CA PHE A 135 -7.97 28.72 18.44
C PHE A 135 -9.14 28.49 19.37
N ALA A 136 -9.36 27.25 19.78
CA ALA A 136 -10.34 26.92 20.81
C ALA A 136 -9.60 26.20 21.93
N VAL A 137 -9.21 26.96 22.95
CA VAL A 137 -8.42 26.41 24.04
C VAL A 137 -9.33 25.99 25.18
N LEU A 138 -8.97 24.91 25.86
CA LEU A 138 -9.71 24.44 27.03
C LEU A 138 -8.91 24.77 28.28
N ALA A 139 -9.57 25.41 29.24
CA ALA A 139 -8.93 25.82 30.49
C ALA A 139 -9.45 24.95 31.63
N PHE A 140 -8.53 24.34 32.35
CA PHE A 140 -8.86 23.51 33.51
C PHE A 140 -8.13 24.05 34.73
N MET A 141 -8.86 24.17 35.84
CA MET A 141 -8.30 24.63 37.11
C MET A 141 -7.76 23.44 37.88
N ILE A 142 -6.71 23.70 38.66
CA ILE A 142 -6.08 22.66 39.48
C ILE A 142 -5.82 23.25 40.87
N GLU A 143 -6.45 22.67 41.90
CA GLU A 143 -6.17 23.07 43.27
C GLU A 143 -6.60 21.94 44.20
N VAL A 144 -5.65 21.17 44.69
CA VAL A 144 -5.88 20.16 45.72
C VAL A 144 -4.53 19.75 46.29
N GLY A 145 -4.54 19.31 47.55
CA GLY A 145 -3.31 18.85 48.18
C GLY A 145 -3.47 17.57 48.97
N ASP A 146 -4.34 16.66 48.51
CA ASP A 146 -4.64 15.48 49.29
C ASP A 146 -4.22 14.17 48.63
N LYS A 147 -4.69 13.89 47.42
CA LYS A 147 -4.52 12.59 46.79
C LYS A 147 -3.78 12.72 45.46
N VAL A 148 -2.95 11.74 45.17
CA VAL A 148 -2.15 11.73 43.94
C VAL A 148 -2.94 11.02 42.84
N ASN A 149 -3.01 11.66 41.68
CA ASN A 149 -3.66 11.09 40.50
C ASN A 149 -2.60 10.65 39.51
N LYS A 150 -2.75 9.44 38.98
CA LYS A 150 -1.73 8.88 38.08
C LYS A 150 -1.72 9.57 36.73
N GLY A 151 -2.75 10.38 36.44
CA GLY A 151 -2.78 11.07 35.16
C GLY A 151 -1.64 12.06 35.00
N PHE A 152 -1.37 12.82 36.04
CA PHE A 152 -0.29 13.82 36.02
C PHE A 152 1.06 13.23 36.43
N GLN A 153 1.11 11.97 36.83
CA GLN A 153 2.37 11.39 37.29
C GLN A 153 3.46 11.38 36.23
N PRO A 154 3.22 10.94 34.98
CA PRO A 154 4.32 10.98 33.99
C PRO A 154 4.80 12.39 33.70
N LEU A 155 3.91 13.38 33.74
CA LEU A 155 4.33 14.77 33.55
C LEU A 155 5.30 15.21 34.63
N VAL A 156 4.98 14.89 35.89
CA VAL A 156 5.86 15.24 37.00
C VAL A 156 7.18 14.49 36.88
N GLU A 157 7.13 13.23 36.45
CA GLU A 157 8.36 12.46 36.26
C GLU A 157 9.24 13.07 35.19
N ALA A 158 8.65 13.59 34.12
CA ALA A 158 9.41 14.23 33.05
C ALA A 158 9.85 15.64 33.37
N LEU A 159 9.23 16.28 34.38
CA LEU A 159 9.60 17.66 34.73
C LEU A 159 11.09 17.84 35.01
N PRO A 160 11.77 16.99 35.78
CA PRO A 160 13.20 17.25 36.06
C PRO A 160 14.08 17.26 34.82
N SER A 161 13.69 16.56 33.75
CA SER A 161 14.53 16.48 32.57
C SER A 161 14.62 17.80 31.81
N ILE A 162 13.70 18.72 32.06
CA ILE A 162 13.66 19.99 31.32
C ILE A 162 13.90 21.15 32.28
N SER A 163 14.73 20.92 33.30
CA SER A 163 14.97 21.92 34.32
C SER A 163 15.48 23.23 33.70
N LYS A 164 16.50 23.14 32.85
CA LYS A 164 17.02 24.34 32.20
C LYS A 164 16.06 24.83 31.14
N PRO A 165 16.01 26.15 30.88
CA PRO A 165 15.15 26.65 29.81
C PRO A 165 15.66 26.20 28.45
N HIS A 166 14.74 26.13 27.49
CA HIS A 166 15.03 25.68 26.12
C HIS A 166 15.60 24.26 26.10
N SER A 167 15.09 23.41 26.99
CA SER A 167 15.49 22.01 27.06
C SER A 167 14.32 21.14 26.63
N THR A 168 14.62 20.01 26.01
CA THR A 168 13.61 19.14 25.44
C THR A 168 13.71 17.73 26.02
N SER A 169 12.56 17.12 26.24
CA SER A 169 12.47 15.74 26.72
C SER A 169 11.17 15.15 26.20
N THR A 170 10.80 13.98 26.71
CA THR A 170 9.57 13.32 26.28
C THR A 170 8.89 12.64 27.46
N VAL A 171 7.58 12.78 27.54
CA VAL A 171 6.77 12.05 28.50
C VAL A 171 6.81 10.57 28.14
N ARG A 172 6.85 9.71 29.16
CA ARG A 172 7.01 8.28 28.90
C ARG A 172 5.85 7.73 28.08
N GLU A 173 4.64 7.75 28.65
CA GLU A 173 3.43 7.37 27.92
C GLU A 173 2.20 7.69 28.75
N SER A 174 1.24 8.40 28.17
CA SER A 174 0.04 8.80 28.88
C SER A 174 -1.04 9.15 27.87
N SER A 175 -2.26 9.31 28.38
CA SER A 175 -3.41 9.69 27.56
C SER A 175 -3.96 11.01 28.06
N LEU A 176 -4.54 11.79 27.14
CA LEU A 176 -5.14 13.06 27.51
C LEU A 176 -6.31 12.88 28.46
N GLN A 177 -7.02 11.75 28.36
CA GLN A 177 -8.17 11.52 29.23
C GLN A 177 -7.76 11.43 30.68
N ASP A 178 -6.60 10.84 30.96
CA ASP A 178 -6.16 10.65 32.34
C ASP A 178 -5.89 11.97 33.03
N MET A 179 -5.46 12.98 32.29
CA MET A 179 -5.14 14.29 32.84
C MET A 179 -6.36 15.20 32.96
N LEU A 180 -7.53 14.74 32.54
CA LEU A 180 -8.75 15.51 32.59
C LEU A 180 -9.66 15.03 33.71
N PRO A 181 -10.57 15.86 34.18
CA PRO A 181 -11.54 15.41 35.19
C PRO A 181 -12.45 14.33 34.62
N PRO A 182 -13.14 13.58 35.48
CA PRO A 182 -14.05 12.55 34.97
C PRO A 182 -15.13 13.16 34.10
N SER A 183 -15.55 12.38 33.08
CA SER A 183 -16.51 12.87 32.11
C SER A 183 -17.83 13.28 32.76
N THR A 184 -18.16 12.67 33.91
CA THR A 184 -19.38 13.05 34.61
C THR A 184 -19.30 14.46 35.19
N LYS A 185 -18.09 14.99 35.32
CA LYS A 185 -17.92 16.32 35.92
C LYS A 185 -17.77 17.40 34.85
N MET A 186 -17.34 17.02 33.64
CA MET A 186 -17.12 17.98 32.56
C MET A 186 -18.43 18.30 31.86
N TYR A 187 -19.31 18.97 32.60
CA TYR A 187 -20.60 19.39 32.07
C TYR A 187 -20.84 20.89 32.11
N THR A 188 -20.23 21.59 33.06
CA THR A 188 -20.44 23.03 33.22
C THR A 188 -19.16 23.78 32.88
N TYR A 189 -19.27 24.79 32.02
CA TYR A 189 -18.13 25.61 31.62
C TYR A 189 -18.64 26.98 31.19
N PHE A 190 -17.72 27.84 30.77
CA PHE A 190 -18.03 29.22 30.40
C PHE A 190 -17.34 29.57 29.10
N ARG A 191 -17.99 30.38 28.26
CA ARG A 191 -17.35 30.81 27.02
C ARG A 191 -17.23 32.33 26.92
N TYR A 192 -16.03 32.82 26.66
CA TYR A 192 -15.81 34.25 26.51
C TYR A 192 -14.73 34.53 25.47
N ASN A 193 -14.88 35.61 24.72
CA ASN A 193 -13.92 35.88 23.63
C ASN A 193 -12.64 36.55 24.08
N GLY A 194 -11.62 35.75 24.43
CA GLY A 194 -10.33 36.32 24.77
C GLY A 194 -9.32 36.16 23.65
N SER A 195 -8.23 36.93 23.76
CA SER A 195 -7.23 36.95 22.71
C SER A 195 -6.10 35.96 22.97
N LEU A 196 -5.35 36.16 24.04
CA LEU A 196 -4.20 35.33 24.32
C LEU A 196 -3.63 35.72 25.68
N THR A 197 -3.17 34.73 26.43
CA THR A 197 -2.55 34.98 27.73
C THR A 197 -1.05 35.27 27.63
N THR A 198 -0.49 35.25 26.43
CA THR A 198 0.93 35.47 26.20
C THR A 198 1.09 36.74 25.36
N PRO A 199 2.27 37.40 25.39
CA PRO A 199 2.46 38.62 24.58
C PRO A 199 2.15 38.45 23.11
N ASN A 200 2.04 39.57 22.39
CA ASN A 200 1.56 39.61 21.01
C ASN A 200 0.19 38.94 20.92
N CYS A 201 -0.71 39.39 21.79
CA CYS A 201 -2.07 38.86 21.88
C CYS A 201 -2.84 39.04 20.58
N ASP A 202 -3.54 38.00 20.14
CA ASP A 202 -4.39 38.06 18.96
C ASP A 202 -5.78 37.55 19.33
N GLU A 203 -6.81 38.35 19.03
CA GLU A 203 -8.18 38.04 19.43
C GLU A 203 -8.74 36.93 18.53
N THR A 204 -8.26 35.71 18.78
CA THR A 204 -8.64 34.57 17.96
C THR A 204 -8.86 33.31 18.79
N VAL A 205 -9.32 33.45 20.04
CA VAL A 205 -9.47 32.30 20.92
C VAL A 205 -10.87 32.32 21.54
N ILE A 206 -11.42 31.12 21.73
CA ILE A 206 -12.79 30.94 22.24
C ILE A 206 -12.80 30.92 23.76
N TRP A 207 -11.79 30.31 24.36
CA TRP A 207 -11.61 30.28 25.83
C TRP A 207 -12.82 29.65 26.52
N THR A 208 -13.00 28.36 26.25
CA THR A 208 -13.98 27.56 26.99
C THR A 208 -13.33 27.04 28.26
N VAL A 209 -13.63 27.68 29.39
CA VAL A 209 -13.00 27.37 30.67
C VAL A 209 -13.96 26.55 31.51
N TYR A 210 -13.46 25.43 32.05
CA TYR A 210 -14.27 24.47 32.79
C TYR A 210 -14.31 24.82 34.27
N LYS A 211 -15.42 24.47 34.91
CA LYS A 211 -15.52 24.47 36.37
C LYS A 211 -15.03 23.11 36.87
N GLN A 212 -15.23 22.83 38.16
CA GLN A 212 -14.89 21.54 38.76
C GLN A 212 -13.42 21.22 38.55
N PRO A 213 -12.52 21.87 39.30
CA PRO A 213 -11.08 21.72 39.03
C PRO A 213 -10.61 20.29 39.18
N ILE A 214 -9.41 20.04 38.64
CA ILE A 214 -8.78 18.74 38.72
C ILE A 214 -7.94 18.68 39.99
N LYS A 215 -7.77 17.46 40.52
CA LYS A 215 -7.11 17.25 41.80
C LYS A 215 -5.78 16.52 41.57
N ILE A 216 -4.69 17.11 42.08
CA ILE A 216 -3.37 16.50 42.05
C ILE A 216 -2.75 16.63 43.43
N HIS A 217 -1.81 15.75 43.74
CA HIS A 217 -1.16 15.77 45.05
C HIS A 217 -0.30 17.02 45.20
N LYS A 218 -0.17 17.46 46.46
CA LYS A 218 0.62 18.66 46.75
C LYS A 218 2.08 18.48 46.39
N ASN A 219 2.59 17.24 46.49
CA ASN A 219 3.98 16.99 46.13
C ASN A 219 4.25 17.29 44.67
N GLN A 220 3.32 16.91 43.79
CA GLN A 220 3.46 17.22 42.37
C GLN A 220 3.46 18.72 42.13
N PHE A 221 2.57 19.44 42.81
CA PHE A 221 2.52 20.89 42.67
C PHE A 221 3.83 21.53 43.12
N LEU A 222 4.40 21.05 44.22
CA LEU A 222 5.69 21.58 44.67
C LEU A 222 6.79 21.25 43.69
N GLU A 223 6.79 20.02 43.13
CA GLU A 223 7.80 19.64 42.16
C GLU A 223 7.73 20.52 40.92
N PHE A 224 6.52 20.93 40.53
CA PHE A 224 6.36 21.82 39.39
C PHE A 224 7.21 23.09 39.56
N SER A 225 7.12 23.73 40.71
CA SER A 225 7.90 24.95 40.94
C SER A 225 9.36 24.64 41.23
N LYS A 226 9.65 23.48 41.81
CA LYS A 226 11.03 23.17 42.22
C LYS A 226 11.92 22.78 41.04
N ASN A 227 11.37 22.08 40.05
CA ASN A 227 12.18 21.51 38.98
C ASN A 227 12.34 22.43 37.77
N LEU A 228 11.75 23.62 37.80
CA LEU A 228 11.78 24.52 36.65
C LEU A 228 12.46 25.84 37.02
N TYR A 229 13.07 26.46 36.02
CA TYR A 229 13.77 27.72 36.22
C TYR A 229 13.53 28.64 35.03
N TYR A 230 13.66 29.94 35.27
CA TYR A 230 13.50 30.93 34.21
C TYR A 230 14.78 31.10 33.40
N ASP A 231 15.85 31.52 34.07
CA ASP A 231 17.12 31.78 33.41
C ASP A 231 17.91 30.49 33.23
N GLU A 232 19.00 30.59 32.47
CA GLU A 232 19.84 29.42 32.22
C GLU A 232 20.42 28.88 33.51
N ASP A 233 20.91 29.75 34.37
CA ASP A 233 21.39 29.32 35.68
C ASP A 233 20.21 28.95 36.58
N GLN A 234 20.39 27.90 37.37
CA GLN A 234 19.34 27.41 38.26
C GLN A 234 19.22 28.29 39.50
N LYS A 235 18.85 29.55 39.27
CA LYS A 235 18.70 30.54 40.32
C LYS A 235 17.27 31.03 40.48
N LEU A 236 16.63 31.46 39.40
CA LEU A 236 15.27 31.96 39.43
C LEU A 236 14.32 30.87 38.97
N ASN A 237 13.37 30.50 39.83
CA ASN A 237 12.42 29.45 39.48
C ASN A 237 11.33 30.01 38.56
N MET A 238 10.32 29.17 38.31
CA MET A 238 9.23 29.47 37.40
C MET A 238 7.91 29.60 38.15
N LYS A 239 7.92 30.36 39.25
CA LYS A 239 6.78 30.40 40.15
C LYS A 239 5.56 31.03 39.49
N ASP A 240 5.65 32.30 39.08
CA ASP A 240 4.46 33.11 38.85
C ASP A 240 4.25 33.51 37.39
N ASN A 241 4.38 32.56 36.46
CA ASN A 241 4.13 32.84 35.05
C ASN A 241 2.63 32.94 34.81
N VAL A 242 2.05 34.01 35.35
CA VAL A 242 0.61 34.26 35.24
C VAL A 242 0.39 35.70 34.82
N ARG A 243 -0.48 35.90 33.83
CA ARG A 243 -0.83 37.24 33.40
C ARG A 243 -1.90 37.84 34.31
N PRO A 244 -1.76 39.11 34.69
CA PRO A 244 -2.79 39.74 35.53
C PRO A 244 -4.12 39.83 34.80
N LEU A 245 -5.20 39.87 35.59
CA LEU A 245 -6.54 39.90 35.03
C LEU A 245 -6.77 41.15 34.20
N GLN A 246 -7.72 41.05 33.27
CA GLN A 246 -8.01 42.12 32.33
C GLN A 246 -9.50 42.46 32.39
N PRO A 247 -9.89 43.69 32.05
CA PRO A 247 -11.31 44.06 32.12
C PRO A 247 -12.16 43.24 31.16
N LEU A 248 -13.37 42.89 31.62
CA LEU A 248 -14.29 42.15 30.78
C LEU A 248 -14.79 43.00 29.61
N GLY A 249 -15.06 44.28 29.87
CA GLY A 249 -15.62 45.13 28.84
C GLY A 249 -17.08 44.82 28.55
N LYS A 250 -17.47 45.04 27.30
CA LYS A 250 -18.83 44.76 26.86
C LYS A 250 -19.05 43.32 26.46
N ARG A 251 -18.01 42.48 26.52
CA ARG A 251 -18.17 41.08 26.17
C ARG A 251 -19.07 40.38 27.18
N GLN A 252 -19.84 39.40 26.69
CA GLN A 252 -20.80 38.68 27.51
C GLN A 252 -20.38 37.23 27.61
N VAL A 253 -20.22 36.74 28.84
CA VAL A 253 -19.80 35.37 29.09
C VAL A 253 -21.05 34.49 29.23
N PHE A 254 -21.07 33.39 28.48
CA PHE A 254 -22.18 32.45 28.50
C PHE A 254 -21.83 31.25 29.36
N LYS A 255 -22.86 30.54 29.79
CA LYS A 255 -22.72 29.36 30.64
C LYS A 255 -23.42 28.18 30.00
N SER A 256 -22.81 27.00 30.11
CA SER A 256 -23.40 25.78 29.57
C SER A 256 -24.49 25.25 30.50
N ASP B 1 -6.26 -58.61 -15.89
CA ASP B 1 -6.68 -58.47 -14.50
C ASP B 1 -6.99 -59.82 -13.88
N GLY B 2 -7.80 -59.82 -12.82
CA GLY B 2 -8.16 -61.07 -12.18
C GLY B 2 -7.68 -61.12 -10.75
N VAL B 3 -8.47 -61.75 -9.87
CA VAL B 3 -8.08 -61.86 -8.48
C VAL B 3 -6.67 -62.39 -8.33
N GLY B 4 -6.38 -63.49 -9.00
CA GLY B 4 -5.06 -64.10 -8.90
C GLY B 4 -3.98 -63.31 -9.62
N SER B 5 -4.11 -61.99 -9.65
CA SER B 5 -3.10 -61.16 -10.30
C SER B 5 -3.09 -59.75 -9.72
N SER B 6 -1.90 -59.28 -9.35
CA SER B 6 -1.78 -57.93 -8.80
C SER B 6 -1.86 -56.88 -9.90
N SER B 7 -2.05 -55.63 -9.51
CA SER B 7 -2.13 -54.55 -10.49
C SER B 7 -1.08 -53.49 -10.20
N GLY B 8 -0.18 -53.77 -9.26
CA GLY B 8 0.87 -52.82 -8.92
C GLY B 8 2.04 -53.51 -8.25
N ASN B 9 3.22 -52.93 -8.40
CA ASN B 9 4.40 -53.49 -7.75
C ASN B 9 5.09 -52.42 -6.91
N TRP B 10 4.97 -52.53 -5.58
CA TRP B 10 5.60 -51.56 -4.68
C TRP B 10 6.60 -50.62 -5.35
N HIS B 11 6.27 -49.34 -5.45
CA HIS B 11 7.23 -48.39 -6.01
C HIS B 11 7.56 -47.26 -5.04
N CYS B 12 8.74 -47.31 -4.44
CA CYS B 12 9.18 -46.27 -3.51
C CYS B 12 10.69 -46.20 -3.57
N ASP B 13 11.27 -45.05 -3.94
CA ASP B 13 12.72 -45.02 -4.11
C ASP B 13 13.40 -43.65 -4.18
N SER B 14 12.96 -42.77 -5.08
CA SER B 14 13.58 -41.45 -5.28
C SER B 14 14.84 -41.49 -6.13
N GLN B 15 14.91 -40.64 -7.15
CA GLN B 15 16.08 -40.61 -8.03
C GLN B 15 16.46 -39.16 -8.29
N TRP B 16 17.70 -38.80 -8.00
CA TRP B 16 18.12 -37.41 -8.16
C TRP B 16 18.66 -37.17 -9.55
N LEU B 17 18.02 -36.31 -10.32
CA LEU B 17 18.47 -36.12 -11.69
C LEU B 17 19.23 -34.81 -11.80
N GLY B 18 20.36 -34.71 -11.10
CA GLY B 18 21.12 -33.48 -11.10
C GLY B 18 20.24 -32.29 -10.79
N ASP B 19 19.87 -31.54 -11.82
CA ASP B 19 19.02 -30.37 -11.62
C ASP B 19 17.59 -30.77 -11.29
N ARG B 20 17.34 -32.06 -11.08
CA ARG B 20 16.02 -32.52 -10.71
C ARG B 20 16.06 -33.71 -9.79
N VAL B 21 14.90 -34.14 -9.30
CA VAL B 21 14.82 -35.33 -8.46
C VAL B 21 13.42 -35.89 -8.52
N ILE B 22 13.31 -37.20 -8.74
CA ILE B 22 12.00 -37.82 -8.81
C ILE B 22 11.71 -38.54 -7.51
N THR B 23 10.58 -38.23 -6.90
CA THR B 23 10.20 -38.90 -5.67
C THR B 23 9.10 -39.90 -5.98
N THR B 24 9.19 -41.09 -5.41
CA THR B 24 8.15 -42.10 -5.60
C THR B 24 7.76 -42.67 -4.26
N SER B 25 6.46 -42.78 -4.01
CA SER B 25 5.99 -43.28 -2.74
C SER B 25 4.81 -44.22 -2.90
N THR B 26 4.83 -45.33 -2.17
CA THR B 26 3.74 -46.30 -2.23
C THR B 26 3.24 -46.57 -0.81
N ARG B 27 1.93 -46.82 -0.64
CA ARG B 27 1.36 -47.01 0.70
C ARG B 27 0.03 -47.77 0.72
N THR B 28 -0.25 -48.53 1.78
CA THR B 28 -1.54 -49.23 1.90
C THR B 28 -2.55 -48.28 2.54
N TRP B 29 -3.83 -48.35 2.19
CA TRP B 29 -4.79 -47.32 2.67
C TRP B 29 -6.23 -47.58 3.21
N ALA B 30 -6.56 -48.74 3.76
CA ALA B 30 -7.92 -48.99 4.34
C ALA B 30 -9.00 -47.88 4.30
N LEU B 31 -10.16 -48.16 3.70
CA LEU B 31 -11.24 -47.18 3.60
C LEU B 31 -12.60 -47.73 4.08
N PRO B 32 -13.23 -47.05 5.05
CA PRO B 32 -14.54 -47.48 5.54
C PRO B 32 -15.70 -46.94 4.71
N THR B 33 -16.93 -47.32 5.05
CA THR B 33 -18.10 -46.89 4.28
C THR B 33 -18.41 -45.42 4.48
N TYR B 34 -18.27 -44.91 5.71
CA TYR B 34 -18.46 -43.48 5.97
C TYR B 34 -19.91 -42.97 5.92
N ASN B 35 -20.38 -42.36 7.01
CA ASN B 35 -21.78 -41.87 7.07
C ASN B 35 -22.70 -42.83 6.38
N ASN B 36 -22.67 -44.11 6.76
CA ASN B 36 -23.46 -45.10 6.04
C ASN B 36 -23.16 -44.91 4.57
N HIS B 37 -24.09 -44.34 3.83
CA HIS B 37 -23.82 -44.09 2.44
C HIS B 37 -24.60 -42.86 2.06
N LEU B 38 -24.79 -41.98 3.03
CA LEU B 38 -25.61 -40.80 2.79
C LEU B 38 -24.89 -39.49 2.96
N TYR B 39 -25.46 -38.44 2.40
CA TYR B 39 -24.90 -37.13 2.60
C TYR B 39 -25.62 -36.58 3.80
N LYS B 40 -24.95 -35.72 4.56
CA LYS B 40 -25.56 -35.23 5.77
C LYS B 40 -25.42 -33.73 5.90
N GLN B 41 -26.55 -33.04 6.00
CA GLN B 41 -26.47 -31.60 6.19
C GLN B 41 -25.77 -31.32 7.49
N ILE B 42 -24.68 -30.57 7.46
CA ILE B 42 -24.02 -30.19 8.70
C ILE B 42 -24.00 -28.68 8.89
N SER B 43 -23.76 -28.22 10.12
CA SER B 43 -23.80 -26.79 10.40
C SER B 43 -23.32 -26.46 11.79
N ASN B 44 -23.11 -25.18 12.05
CA ASN B 44 -22.74 -24.77 13.38
C ASN B 44 -23.67 -25.51 14.30
N SER B 45 -24.95 -25.51 13.95
CA SER B 45 -25.93 -26.21 14.78
C SER B 45 -25.55 -27.67 14.95
N THR B 46 -25.31 -28.36 13.84
CA THR B 46 -24.98 -29.77 13.92
C THR B 46 -23.81 -29.99 14.87
N SER B 47 -22.73 -29.24 14.68
CA SER B 47 -21.60 -29.34 15.60
C SER B 47 -22.06 -28.97 16.99
N GLY B 48 -22.96 -28.00 17.08
CA GLY B 48 -23.45 -27.55 18.37
C GLY B 48 -23.66 -26.06 18.37
N GLY B 49 -22.97 -25.36 19.26
CA GLY B 49 -23.09 -23.91 19.31
C GLY B 49 -21.89 -23.24 18.68
N SER B 50 -20.81 -24.01 18.50
CA SER B 50 -19.59 -23.45 17.92
C SER B 50 -19.39 -22.03 18.42
N SER B 51 -19.58 -21.05 17.53
CA SER B 51 -19.50 -19.64 17.91
C SER B 51 -19.89 -18.82 16.72
N ASN B 52 -20.20 -17.53 16.91
CA ASN B 52 -20.46 -16.70 15.75
C ASN B 52 -19.27 -16.86 14.84
N ASP B 53 -18.07 -16.76 15.41
CA ASP B 53 -16.85 -16.92 14.62
C ASP B 53 -16.57 -18.38 14.27
N ASN B 54 -17.38 -19.30 14.78
CA ASN B 54 -17.19 -20.74 14.49
C ASN B 54 -18.43 -21.30 13.83
N ALA B 55 -19.30 -20.42 13.39
CA ALA B 55 -20.57 -20.79 12.78
C ALA B 55 -20.34 -21.29 11.36
N TYR B 56 -21.08 -22.32 10.97
CA TYR B 56 -20.87 -22.90 9.65
C TYR B 56 -22.08 -23.67 9.14
N PHE B 57 -21.96 -24.23 7.93
CA PHE B 57 -23.04 -25.02 7.34
C PHE B 57 -22.50 -25.63 6.07
N GLY B 58 -22.68 -26.92 5.91
CA GLY B 58 -22.21 -27.59 4.73
C GLY B 58 -22.71 -29.00 4.75
N TYR B 59 -21.92 -29.92 4.22
CA TYR B 59 -22.39 -31.30 4.13
C TYR B 59 -21.32 -32.33 4.34
N SER B 60 -21.66 -33.42 5.04
CA SER B 60 -20.71 -34.50 5.21
C SER B 60 -20.98 -35.49 4.10
N THR B 61 -20.02 -35.67 3.21
CA THR B 61 -20.19 -36.58 2.11
C THR B 61 -19.77 -37.97 2.53
N PRO B 62 -20.43 -39.02 1.96
CA PRO B 62 -19.95 -40.34 2.38
C PRO B 62 -18.68 -40.75 1.67
N TRP B 63 -18.06 -39.83 0.95
CA TRP B 63 -16.85 -40.15 0.21
C TRP B 63 -15.59 -39.87 1.00
N GLY B 64 -14.48 -40.46 0.56
CA GLY B 64 -13.20 -40.17 1.19
C GLY B 64 -12.32 -39.60 0.09
N TYR B 65 -11.09 -39.23 0.43
CA TYR B 65 -10.18 -38.69 -0.57
C TYR B 65 -8.72 -38.91 -0.19
N PHE B 66 -7.85 -38.97 -1.20
CA PHE B 66 -6.42 -39.14 -0.95
C PHE B 66 -5.77 -37.78 -0.72
N ASP B 67 -4.64 -37.76 -0.03
CA ASP B 67 -3.92 -36.50 0.22
C ASP B 67 -2.41 -36.69 0.37
N PHE B 68 -1.61 -35.81 -0.22
CA PHE B 68 -0.16 -35.88 -0.05
C PHE B 68 0.43 -34.49 -0.15
N ASN B 69 -0.33 -33.48 0.24
CA ASN B 69 0.16 -32.11 0.19
C ASN B 69 1.12 -31.82 1.32
N ARG B 70 2.01 -32.77 1.61
CA ARG B 70 3.02 -32.57 2.65
C ARG B 70 4.33 -33.10 2.14
N PHE B 71 5.38 -32.29 2.19
CA PHE B 71 6.66 -32.71 1.63
C PHE B 71 7.07 -34.09 2.13
N HIS B 72 6.79 -34.39 3.39
CA HIS B 72 7.21 -35.69 3.97
C HIS B 72 6.52 -36.85 3.28
N CYS B 73 5.45 -36.58 2.54
CA CYS B 73 4.80 -37.63 1.77
C CYS B 73 5.60 -37.97 0.53
N HIS B 74 6.70 -37.26 0.29
CA HIS B 74 7.48 -37.48 -0.92
C HIS B 74 8.99 -37.44 -0.67
N PHE B 75 9.42 -36.65 0.31
CA PHE B 75 10.84 -36.57 0.62
C PHE B 75 11.18 -37.24 1.93
N SER B 76 12.22 -38.06 1.94
CA SER B 76 12.67 -38.71 3.16
C SER B 76 13.61 -37.78 3.91
N PRO B 77 13.83 -38.03 5.21
CA PRO B 77 14.67 -37.09 5.94
C PRO B 77 16.00 -36.91 5.22
N ARG B 78 16.65 -38.02 4.89
CA ARG B 78 17.90 -37.91 4.15
C ARG B 78 17.66 -37.14 2.85
N ASP B 79 16.60 -37.48 2.11
CA ASP B 79 16.27 -36.75 0.88
C ASP B 79 16.24 -35.25 1.10
N TRP B 80 15.41 -34.80 2.04
CA TRP B 80 15.30 -33.37 2.35
C TRP B 80 16.66 -32.76 2.61
N GLN B 81 17.25 -33.08 3.74
CA GLN B 81 18.60 -32.66 4.08
C GLN B 81 19.37 -32.28 2.84
N ARG B 82 19.66 -33.28 1.98
CA ARG B 82 20.42 -33.05 0.74
C ARG B 82 19.86 -31.91 -0.02
N LEU B 83 18.62 -32.08 -0.46
CA LEU B 83 17.96 -31.01 -1.17
C LEU B 83 18.32 -29.68 -0.56
N ILE B 84 18.16 -29.57 0.77
CA ILE B 84 18.38 -28.27 1.41
C ILE B 84 19.86 -27.90 1.61
N ASN B 85 20.74 -28.88 1.64
CA ASN B 85 22.16 -28.59 1.79
C ASN B 85 22.82 -28.35 0.44
N ASN B 86 22.06 -28.46 -0.63
CA ASN B 86 22.67 -28.33 -1.95
C ASN B 86 21.90 -27.50 -2.97
N ASN B 87 20.76 -26.91 -2.63
CA ASN B 87 20.09 -26.13 -3.67
C ASN B 87 19.50 -24.82 -3.20
N TRP B 88 19.53 -23.80 -4.05
CA TRP B 88 18.95 -22.52 -3.70
C TRP B 88 17.45 -22.55 -3.91
N GLY B 89 16.99 -23.40 -4.82
CA GLY B 89 15.57 -23.45 -5.12
C GLY B 89 15.06 -24.80 -5.56
N PHE B 90 13.75 -24.98 -5.51
CA PHE B 90 13.13 -26.24 -5.91
C PHE B 90 11.65 -26.05 -6.16
N ARG B 91 11.05 -26.91 -6.98
CA ARG B 91 9.63 -26.79 -7.28
C ARG B 91 9.08 -28.02 -8.00
N PRO B 92 7.82 -28.37 -7.70
CA PRO B 92 7.20 -29.52 -8.37
C PRO B 92 6.86 -29.19 -9.81
N LYS B 93 6.94 -30.17 -10.69
CA LYS B 93 6.67 -29.95 -12.11
C LYS B 93 5.54 -30.83 -12.56
N ARG B 94 5.39 -31.98 -11.91
CA ARG B 94 4.32 -32.90 -12.29
C ARG B 94 4.04 -33.91 -11.20
N LEU B 95 3.05 -34.76 -11.48
CA LEU B 95 2.72 -35.82 -10.56
C LEU B 95 2.09 -37.01 -11.29
N ASN B 96 2.34 -38.22 -10.84
CA ASN B 96 1.66 -39.39 -11.41
C ASN B 96 1.10 -40.20 -10.26
N PHE B 97 -0.15 -40.64 -10.37
CA PHE B 97 -0.78 -41.34 -9.25
C PHE B 97 -1.37 -42.66 -9.70
N LYS B 98 -1.44 -43.62 -8.79
CA LYS B 98 -2.00 -44.92 -9.12
C LYS B 98 -2.61 -45.65 -7.94
N LEU B 99 -3.80 -46.21 -8.13
CA LEU B 99 -4.41 -47.02 -7.08
C LEU B 99 -4.46 -48.43 -7.61
N PHE B 100 -4.15 -49.41 -6.77
CA PHE B 100 -4.07 -50.78 -7.26
C PHE B 100 -4.16 -51.82 -6.16
N ASN B 101 -4.17 -53.09 -6.55
CA ASN B 101 -4.23 -54.16 -5.57
C ASN B 101 -5.31 -53.86 -4.56
N ILE B 102 -6.48 -53.44 -5.06
CA ILE B 102 -7.60 -53.14 -4.19
C ILE B 102 -8.32 -54.39 -3.73
N GLN B 103 -8.70 -54.42 -2.46
CA GLN B 103 -9.39 -55.58 -1.92
C GLN B 103 -10.57 -55.09 -1.10
N VAL B 104 -11.77 -55.56 -1.44
CA VAL B 104 -12.94 -55.12 -0.70
C VAL B 104 -13.44 -56.28 0.14
N LYS B 105 -13.68 -56.02 1.42
CA LYS B 105 -14.09 -57.10 2.32
C LYS B 105 -15.38 -56.80 3.06
N GLU B 106 -16.14 -57.83 3.40
CA GLU B 106 -17.35 -57.65 4.19
C GLU B 106 -17.12 -58.20 5.58
N VAL B 107 -17.68 -57.53 6.58
CA VAL B 107 -17.48 -57.97 7.95
C VAL B 107 -18.78 -58.53 8.51
N THR B 108 -18.67 -59.61 9.26
CA THR B 108 -19.86 -60.19 9.84
C THR B 108 -19.63 -60.50 11.30
N ASP B 109 -20.02 -59.57 12.17
CA ASP B 109 -19.84 -59.77 13.60
C ASP B 109 -20.82 -60.80 14.14
N ASN B 110 -20.79 -62.00 13.58
CA ASN B 110 -21.72 -63.05 14.00
C ASN B 110 -21.94 -63.04 15.50
N ASN B 111 -23.02 -62.40 15.95
CA ASN B 111 -23.30 -62.31 17.39
C ASN B 111 -22.01 -62.25 18.20
N GLY B 112 -21.16 -61.27 17.90
CA GLY B 112 -19.91 -61.14 18.63
C GLY B 112 -18.72 -61.74 17.90
N VAL B 113 -18.98 -62.46 16.83
CA VAL B 113 -17.90 -63.08 16.06
C VAL B 113 -17.71 -62.33 14.76
N LYS B 114 -17.16 -61.12 14.85
CA LYS B 114 -16.92 -60.35 13.64
C LYS B 114 -16.06 -61.17 12.69
N THR B 115 -16.58 -61.41 11.49
CA THR B 115 -15.85 -62.23 10.55
C THR B 115 -15.67 -61.49 9.26
N ILE B 116 -14.42 -61.31 8.85
CA ILE B 116 -14.16 -60.62 7.61
C ILE B 116 -14.04 -61.60 6.48
N ALA B 117 -14.79 -61.35 5.41
CA ALA B 117 -14.70 -62.21 4.25
C ALA B 117 -14.59 -61.32 3.03
N ASN B 118 -13.93 -61.81 1.99
CA ASN B 118 -13.75 -61.02 0.78
C ASN B 118 -14.98 -61.00 -0.10
N ASN B 119 -15.41 -59.81 -0.50
CA ASN B 119 -16.53 -59.70 -1.43
C ASN B 119 -15.92 -59.47 -2.79
N LEU B 120 -15.50 -60.54 -3.45
CA LEU B 120 -14.82 -60.42 -4.73
C LEU B 120 -15.58 -59.63 -5.80
N THR B 121 -16.89 -59.45 -5.63
CA THR B 121 -17.67 -58.78 -6.67
C THR B 121 -18.01 -57.31 -6.39
N SER B 122 -17.39 -56.71 -5.36
CA SER B 122 -17.72 -55.32 -5.00
C SER B 122 -16.78 -54.26 -5.61
N THR B 123 -17.05 -52.96 -5.36
CA THR B 123 -16.23 -51.87 -5.97
C THR B 123 -16.01 -50.55 -5.18
N VAL B 124 -14.97 -49.83 -5.53
CA VAL B 124 -14.74 -48.55 -4.93
C VAL B 124 -14.93 -47.55 -6.04
N GLN B 125 -15.68 -46.50 -5.77
CA GLN B 125 -15.85 -45.44 -6.77
C GLN B 125 -14.83 -44.34 -6.60
N VAL B 126 -13.98 -44.13 -7.60
CA VAL B 126 -12.95 -43.10 -7.51
C VAL B 126 -13.04 -42.08 -8.62
N PHE B 127 -12.77 -40.81 -8.30
CA PHE B 127 -12.74 -39.78 -9.35
C PHE B 127 -11.95 -38.56 -8.90
N THR B 128 -11.54 -37.75 -9.86
CA THR B 128 -10.78 -36.56 -9.55
C THR B 128 -11.55 -35.28 -9.83
N ASP B 129 -11.36 -34.27 -9.00
CA ASP B 129 -12.02 -32.99 -9.24
C ASP B 129 -11.17 -32.21 -10.22
N SER B 130 -10.87 -32.83 -11.37
CA SER B 130 -9.97 -32.20 -12.35
C SER B 130 -10.46 -30.88 -12.91
N ASP B 131 -11.76 -30.78 -13.15
CA ASP B 131 -12.32 -29.50 -13.61
C ASP B 131 -12.55 -28.59 -12.40
N TYR B 132 -12.04 -28.99 -11.25
CA TYR B 132 -12.16 -28.17 -10.04
C TYR B 132 -13.59 -27.67 -9.84
N GLN B 133 -14.54 -28.59 -9.80
CA GLN B 133 -15.93 -28.20 -9.65
C GLN B 133 -16.44 -28.39 -8.22
N LEU B 134 -15.63 -29.00 -7.36
CA LEU B 134 -16.03 -29.20 -5.98
C LEU B 134 -15.21 -28.35 -5.02
N PRO B 135 -15.78 -28.07 -3.83
CA PRO B 135 -15.00 -27.33 -2.83
C PRO B 135 -13.64 -27.96 -2.63
N TYR B 136 -12.58 -27.18 -2.71
CA TYR B 136 -11.22 -27.70 -2.57
C TYR B 136 -10.76 -27.63 -1.13
N VAL B 137 -10.68 -28.77 -0.45
CA VAL B 137 -10.29 -28.78 0.96
C VAL B 137 -8.84 -29.22 1.15
N LEU B 138 -8.10 -29.35 0.07
CA LEU B 138 -6.73 -29.84 0.19
C LEU B 138 -5.74 -28.74 0.57
N GLY B 139 -6.23 -27.50 0.69
CA GLY B 139 -5.36 -26.40 1.06
C GLY B 139 -5.61 -25.89 2.46
N SER B 140 -6.07 -26.77 3.35
CA SER B 140 -6.39 -26.34 4.71
C SER B 140 -5.57 -27.06 5.77
N ALA B 141 -4.43 -27.63 5.38
CA ALA B 141 -3.53 -28.28 6.34
C ALA B 141 -4.23 -29.25 7.30
N HIS B 142 -5.09 -30.11 6.77
CA HIS B 142 -5.78 -31.08 7.61
C HIS B 142 -4.99 -32.39 7.69
N GLU B 143 -5.33 -33.25 8.65
CA GLU B 143 -4.68 -34.56 8.72
C GLU B 143 -5.19 -35.48 7.62
N GLY B 144 -4.74 -36.74 7.63
CA GLY B 144 -5.21 -37.69 6.64
C GLY B 144 -4.34 -37.77 5.41
N CYS B 145 -3.05 -37.47 5.53
CA CYS B 145 -2.14 -37.58 4.40
C CYS B 145 -1.39 -38.89 4.45
N LEU B 146 -0.68 -39.24 3.37
CA LEU B 146 0.14 -40.44 3.38
C LEU B 146 1.23 -40.25 4.42
N PRO B 147 1.25 -41.12 5.44
CA PRO B 147 2.27 -41.04 6.49
C PRO B 147 3.70 -40.95 5.93
N PRO B 148 4.63 -40.38 6.70
CA PRO B 148 6.00 -40.24 6.22
C PRO B 148 6.74 -41.58 6.28
N PHE B 149 6.31 -42.47 7.15
CA PHE B 149 6.98 -43.77 7.28
C PHE B 149 6.32 -44.79 6.39
N PRO B 150 6.98 -45.19 5.27
CA PRO B 150 6.30 -46.08 4.32
C PRO B 150 5.61 -47.30 4.93
N ALA B 151 6.19 -47.91 5.95
CA ALA B 151 5.60 -49.13 6.50
C ALA B 151 4.25 -48.88 7.18
N ASP B 152 3.93 -47.62 7.45
CA ASP B 152 2.68 -47.29 8.15
C ASP B 152 1.43 -47.43 7.29
N VAL B 153 0.38 -48.06 7.83
CA VAL B 153 -0.88 -48.19 7.10
C VAL B 153 -1.76 -46.97 7.36
N PHE B 154 -2.53 -46.53 6.37
CA PHE B 154 -3.31 -45.29 6.50
C PHE B 154 -4.83 -45.50 6.35
N MET B 155 -5.64 -44.61 6.92
CA MET B 155 -7.11 -44.79 6.90
C MET B 155 -7.96 -44.01 5.85
N ILE B 156 -7.39 -43.05 5.15
CA ILE B 156 -8.14 -42.24 4.16
C ILE B 156 -9.22 -41.38 4.80
N PRO B 157 -9.01 -40.06 4.81
CA PRO B 157 -9.97 -39.17 5.47
C PRO B 157 -11.32 -39.04 4.76
N GLN B 158 -12.33 -38.55 5.45
CA GLN B 158 -13.65 -38.36 4.85
C GLN B 158 -13.83 -36.97 4.24
N TYR B 159 -14.45 -36.90 3.07
CA TYR B 159 -14.65 -35.63 2.39
C TYR B 159 -15.88 -34.89 2.90
N GLY B 160 -15.72 -33.62 3.23
CA GLY B 160 -16.84 -32.80 3.67
C GLY B 160 -16.56 -31.38 3.22
N TYR B 161 -17.59 -30.56 3.07
CA TYR B 161 -17.38 -29.21 2.57
C TYR B 161 -18.32 -28.20 3.21
N LEU B 162 -17.98 -26.92 3.08
CA LEU B 162 -18.80 -25.88 3.65
C LEU B 162 -19.30 -24.93 2.60
N THR B 163 -20.42 -24.28 2.87
CA THR B 163 -20.93 -23.30 1.94
C THR B 163 -21.32 -22.06 2.73
N LEU B 164 -22.14 -21.20 2.15
CA LEU B 164 -22.55 -19.98 2.83
C LEU B 164 -23.46 -20.29 4.00
N ASN B 165 -23.30 -19.54 5.10
CA ASN B 165 -24.13 -19.78 6.27
C ASN B 165 -24.58 -18.52 6.98
N ASP B 166 -25.85 -18.45 7.34
CA ASP B 166 -26.34 -17.33 8.12
C ASP B 166 -26.49 -17.93 9.50
N GLY B 167 -25.48 -17.76 10.35
CA GLY B 167 -25.50 -18.41 11.64
C GLY B 167 -25.37 -19.89 11.33
N SER B 168 -26.31 -20.68 11.83
CA SER B 168 -26.29 -22.11 11.52
C SER B 168 -27.19 -22.40 10.33
N GLN B 169 -27.81 -21.37 9.78
CA GLN B 169 -28.72 -21.56 8.65
C GLN B 169 -28.04 -21.32 7.32
N ALA B 170 -28.65 -21.80 6.24
CA ALA B 170 -28.09 -21.58 4.92
C ALA B 170 -28.82 -20.45 4.23
N VAL B 171 -28.30 -20.00 3.10
CA VAL B 171 -28.99 -18.98 2.33
C VAL B 171 -29.28 -19.56 0.95
N GLY B 172 -30.07 -18.86 0.16
CA GLY B 172 -30.39 -19.34 -1.19
C GLY B 172 -29.14 -19.47 -2.03
N ARG B 173 -28.14 -18.64 -1.76
CA ARG B 173 -26.89 -18.69 -2.50
C ARG B 173 -26.09 -19.95 -2.17
N SER B 174 -26.39 -20.57 -1.03
CA SER B 174 -25.67 -21.78 -0.62
C SER B 174 -25.83 -22.88 -1.64
N SER B 175 -24.82 -23.74 -1.79
CA SER B 175 -24.88 -24.78 -2.80
C SER B 175 -24.72 -26.17 -2.25
N PHE B 176 -25.39 -27.13 -2.87
CA PHE B 176 -25.24 -28.52 -2.46
C PHE B 176 -24.59 -29.29 -3.58
N TYR B 177 -23.60 -30.12 -3.25
CA TYR B 177 -22.93 -30.91 -4.27
C TYR B 177 -23.09 -32.40 -4.04
N CYS B 178 -23.36 -33.15 -5.10
CA CYS B 178 -23.46 -34.60 -5.00
C CYS B 178 -22.33 -35.22 -5.82
N LEU B 179 -21.43 -35.96 -5.18
CA LEU B 179 -20.28 -36.53 -5.89
C LEU B 179 -20.70 -37.64 -6.85
N GLU B 180 -21.87 -38.21 -6.65
CA GLU B 180 -22.37 -39.23 -7.54
C GLU B 180 -22.84 -38.54 -8.80
N TYR B 181 -22.93 -37.22 -8.78
CA TYR B 181 -23.31 -36.47 -9.97
C TYR B 181 -22.06 -36.27 -10.82
N PHE B 182 -21.08 -37.14 -10.63
CA PHE B 182 -19.84 -37.06 -11.37
C PHE B 182 -19.53 -38.43 -11.95
N PRO B 183 -18.98 -38.46 -13.17
CA PRO B 183 -18.59 -39.75 -13.71
C PRO B 183 -17.49 -40.34 -12.84
N SER B 184 -17.53 -41.63 -12.58
CA SER B 184 -16.53 -42.24 -11.71
C SER B 184 -16.17 -43.64 -12.16
N GLN B 185 -14.93 -44.04 -11.90
CA GLN B 185 -14.46 -45.37 -12.28
C GLN B 185 -14.86 -46.38 -11.23
N MET B 186 -15.37 -47.53 -11.66
CA MET B 186 -15.72 -48.59 -10.72
C MET B 186 -14.66 -49.67 -10.80
N LEU B 187 -14.09 -50.03 -9.66
CA LEU B 187 -12.99 -50.97 -9.66
C LEU B 187 -13.30 -52.24 -8.91
N ARG B 188 -13.08 -53.39 -9.55
CA ARG B 188 -13.21 -54.63 -8.82
C ARG B 188 -11.81 -55.02 -8.39
N THR B 189 -11.68 -56.11 -7.63
CA THR B 189 -10.37 -56.48 -7.11
C THR B 189 -9.29 -56.66 -8.18
N GLY B 190 -9.70 -56.96 -9.41
CA GLY B 190 -8.74 -57.12 -10.48
C GLY B 190 -8.37 -55.83 -11.17
N ASN B 191 -9.04 -54.74 -10.81
CA ASN B 191 -8.81 -53.47 -11.52
C ASN B 191 -7.93 -52.44 -10.82
N ASN B 192 -7.46 -51.46 -11.57
CA ASN B 192 -6.63 -50.41 -10.99
C ASN B 192 -6.91 -49.06 -11.62
N PHE B 193 -6.39 -48.00 -11.02
CA PHE B 193 -6.63 -46.65 -11.53
C PHE B 193 -5.35 -45.86 -11.57
N GLN B 194 -5.24 -44.94 -12.52
CA GLN B 194 -4.04 -44.11 -12.61
C GLN B 194 -4.28 -42.82 -13.38
N PHE B 195 -3.54 -41.77 -13.03
CA PHE B 195 -3.65 -40.52 -13.76
C PHE B 195 -2.38 -39.70 -13.59
N SER B 196 -2.18 -38.75 -14.50
CA SER B 196 -1.00 -37.89 -14.40
C SER B 196 -1.43 -36.43 -14.39
N TYR B 197 -0.59 -35.58 -13.81
CA TYR B 197 -0.93 -34.17 -13.71
C TYR B 197 0.28 -33.28 -13.88
N GLU B 198 0.10 -32.15 -14.55
CA GLU B 198 1.18 -31.21 -14.75
C GLU B 198 1.05 -30.01 -13.84
N PHE B 199 2.07 -29.77 -13.02
CA PHE B 199 2.04 -28.59 -12.17
C PHE B 199 2.15 -27.36 -13.03
N GLU B 200 1.34 -26.35 -12.74
CA GLU B 200 1.46 -25.11 -13.48
C GLU B 200 2.76 -24.43 -13.07
N ASN B 201 3.27 -23.56 -13.91
CA ASN B 201 4.53 -22.91 -13.62
C ASN B 201 4.47 -22.18 -12.29
N VAL B 202 5.37 -22.51 -11.37
CA VAL B 202 5.43 -21.82 -10.10
C VAL B 202 6.85 -21.37 -9.87
N PRO B 203 7.04 -20.30 -9.09
CA PRO B 203 8.39 -19.84 -8.78
C PRO B 203 9.14 -20.84 -7.92
N PHE B 204 10.44 -20.99 -8.13
CA PHE B 204 11.22 -21.87 -7.27
C PHE B 204 11.06 -21.41 -5.84
N HIS B 205 11.04 -22.34 -4.89
CA HIS B 205 11.01 -21.92 -3.49
C HIS B 205 12.41 -21.50 -3.10
N SER B 206 12.54 -20.43 -2.32
CA SER B 206 13.85 -19.94 -1.90
C SER B 206 14.45 -20.80 -0.80
N SER B 207 15.22 -21.82 -1.17
CA SER B 207 15.88 -22.66 -0.18
C SER B 207 17.24 -22.08 0.18
N TYR B 208 17.25 -20.82 0.61
CA TYR B 208 18.50 -20.18 1.01
C TYR B 208 18.25 -19.06 2.00
N ALA B 209 19.31 -18.53 2.58
CA ALA B 209 19.17 -17.41 3.50
C ALA B 209 20.13 -16.33 3.03
N HIS B 210 19.73 -15.07 3.15
CA HIS B 210 20.60 -14.00 2.62
C HIS B 210 21.80 -13.75 3.50
N SER B 211 22.96 -13.51 2.89
CA SER B 211 24.18 -13.23 3.64
C SER B 211 24.35 -11.72 3.80
N GLN B 212 23.36 -10.95 3.39
CA GLN B 212 23.41 -9.49 3.53
C GLN B 212 22.07 -8.98 4.02
N SER B 213 22.08 -7.79 4.61
CA SER B 213 20.83 -7.19 5.08
C SER B 213 20.46 -5.97 4.26
N LEU B 214 19.16 -5.78 4.02
CA LEU B 214 18.69 -4.66 3.21
C LEU B 214 19.29 -3.32 3.63
N ASP B 215 19.56 -3.15 4.92
CA ASP B 215 20.11 -1.90 5.42
C ASP B 215 21.65 -1.87 5.41
N ARG B 216 22.28 -2.88 4.83
CA ARG B 216 23.74 -2.94 4.80
C ARG B 216 24.26 -3.38 3.43
N LEU B 217 23.89 -2.65 2.39
CA LEU B 217 24.29 -3.01 1.04
C LEU B 217 25.29 -2.04 0.45
N MET B 218 25.61 -0.98 1.18
CA MET B 218 26.50 0.05 0.65
C MET B 218 27.97 -0.30 0.81
N ASN B 219 28.84 0.46 0.15
CA ASN B 219 30.27 0.25 0.30
C ASN B 219 30.69 0.88 1.60
N PRO B 220 31.15 0.06 2.54
CA PRO B 220 31.52 0.57 3.88
C PRO B 220 32.73 1.48 3.88
N LEU B 221 33.29 1.81 2.72
CA LEU B 221 34.50 2.62 2.67
C LEU B 221 34.26 3.97 2.02
N ILE B 222 33.22 4.07 1.20
CA ILE B 222 32.99 5.29 0.44
C ILE B 222 31.81 6.11 0.92
N ASP B 223 31.97 7.42 0.94
CA ASP B 223 30.86 8.29 1.33
C ASP B 223 29.81 8.36 0.25
N GLN B 224 28.62 8.81 0.60
CA GLN B 224 27.59 9.00 -0.40
C GLN B 224 27.72 10.43 -0.91
N TYR B 225 27.28 10.69 -2.13
CA TYR B 225 27.29 12.07 -2.62
C TYR B 225 26.01 12.79 -2.21
N LEU B 226 25.32 12.25 -1.20
CA LEU B 226 24.07 12.85 -0.74
C LEU B 226 24.21 13.41 0.67
N TYR B 227 23.43 14.44 0.96
CA TYR B 227 23.48 15.05 2.29
C TYR B 227 22.21 14.79 3.07
N TYR B 228 22.30 14.85 4.40
CA TYR B 228 21.13 14.66 5.24
C TYR B 228 21.11 15.76 6.29
N LEU B 229 19.92 16.10 6.76
CA LEU B 229 19.81 17.14 7.79
C LEU B 229 20.46 16.66 9.06
N SER B 230 21.48 17.37 9.52
CA SER B 230 22.21 16.95 10.71
C SER B 230 21.77 17.69 11.97
N LYS B 231 21.40 18.96 11.83
CA LYS B 231 21.01 19.75 12.98
C LYS B 231 19.90 20.74 12.68
N THR B 232 19.14 21.10 13.70
CA THR B 232 18.04 22.04 13.50
C THR B 232 18.16 23.23 14.44
N ILE B 233 19.07 23.16 15.39
CA ILE B 233 19.29 24.28 16.30
C ILE B 233 20.77 24.43 16.61
N ASN B 234 21.27 25.66 16.62
CA ASN B 234 22.67 25.89 16.94
C ASN B 234 23.01 25.21 18.25
N GLY B 235 22.08 25.23 19.19
CA GLY B 235 22.30 24.56 20.46
C GLY B 235 22.20 25.47 21.66
N SER B 236 23.28 26.17 21.99
CA SER B 236 23.30 27.04 23.17
C SER B 236 21.93 27.28 23.81
N GLY B 237 21.07 28.02 23.12
CA GLY B 237 19.74 28.28 23.65
C GLY B 237 19.13 29.55 23.08
N GLN B 238 17.81 29.62 23.02
CA GLN B 238 17.08 30.80 22.53
C GLN B 238 17.20 31.00 21.03
N ASN B 239 16.06 31.04 20.34
CA ASN B 239 16.06 31.18 18.89
C ASN B 239 17.32 30.59 18.27
N GLN B 240 17.51 29.29 18.44
CA GLN B 240 18.69 28.63 17.90
C GLN B 240 18.43 28.00 16.54
N GLN B 241 17.25 28.25 15.97
CA GLN B 241 16.91 27.65 14.68
C GLN B 241 18.08 27.63 13.70
N THR B 242 18.34 26.48 13.10
CA THR B 242 19.41 26.38 12.12
C THR B 242 19.17 25.19 11.21
N LEU B 243 19.88 25.12 10.09
CA LEU B 243 19.78 23.95 9.23
C LEU B 243 21.16 23.48 8.85
N LYS B 244 21.64 22.43 9.51
CA LYS B 244 22.95 21.90 9.21
C LYS B 244 22.83 20.64 8.37
N PHE B 245 23.72 20.49 7.40
CA PHE B 245 23.68 19.32 6.55
C PHE B 245 25.01 18.62 6.53
N SER B 246 24.98 17.30 6.42
CA SER B 246 26.21 16.52 6.41
C SER B 246 26.14 15.39 5.41
N VAL B 247 27.30 14.94 4.94
CA VAL B 247 27.34 13.84 3.98
C VAL B 247 27.10 12.53 4.72
N ALA B 248 26.31 11.64 4.14
CA ALA B 248 26.09 10.34 4.76
C ALA B 248 27.19 9.37 4.35
N GLY B 249 27.77 8.68 5.32
CA GLY B 249 28.86 7.76 5.04
C GLY B 249 28.95 6.56 5.95
N PRO B 250 30.09 5.86 5.92
CA PRO B 250 30.30 4.66 6.75
C PRO B 250 30.00 4.88 8.23
N SER B 251 30.26 6.08 8.74
CA SER B 251 30.04 6.36 10.15
C SER B 251 28.56 6.40 10.52
N ASN B 252 27.71 6.76 9.57
CA ASN B 252 26.28 6.84 9.85
C ASN B 252 25.48 6.16 8.76
N MET B 253 25.56 4.85 8.70
CA MET B 253 24.84 4.10 7.69
C MET B 253 23.34 4.29 7.83
N ALA B 254 22.87 4.54 9.05
CA ALA B 254 21.44 4.67 9.29
C ALA B 254 20.76 5.77 8.48
N VAL B 255 21.47 6.87 8.25
CA VAL B 255 20.87 8.00 7.54
C VAL B 255 21.16 8.04 6.05
N GLN B 256 21.76 6.98 5.52
CA GLN B 256 22.14 6.97 4.11
C GLN B 256 20.97 6.71 3.17
N GLY B 257 20.96 7.37 2.02
CA GLY B 257 19.92 7.14 1.05
C GLY B 257 19.88 5.69 0.60
N ARG B 258 18.68 5.12 0.47
CA ARG B 258 18.53 3.73 0.04
C ARG B 258 17.51 3.59 -1.08
N ASN B 259 17.62 2.53 -1.88
CA ASN B 259 16.72 2.37 -3.03
C ASN B 259 15.57 1.42 -2.75
N TYR B 260 15.75 0.52 -1.79
CA TYR B 260 14.70 -0.47 -1.52
C TYR B 260 14.41 -0.59 -0.02
N ILE B 261 13.17 -0.93 0.32
CA ILE B 261 12.78 -0.99 1.72
C ILE B 261 12.17 -2.33 2.12
N PRO B 262 12.05 -2.59 3.44
CA PRO B 262 11.54 -3.89 3.89
C PRO B 262 10.09 -4.16 3.54
N GLY B 263 9.71 -5.43 3.45
CA GLY B 263 8.35 -5.80 3.12
C GLY B 263 7.29 -5.33 4.09
N PRO B 264 6.01 -5.59 3.75
CA PRO B 264 4.90 -5.13 4.58
C PRO B 264 4.78 -5.84 5.93
N SER B 265 3.80 -5.47 6.74
CA SER B 265 3.67 -6.06 8.08
C SER B 265 2.30 -5.97 8.73
N TYR B 266 2.04 -6.83 9.72
CA TYR B 266 0.79 -6.79 10.48
C TYR B 266 1.17 -7.24 11.88
N ARG B 267 1.49 -6.30 12.77
CA ARG B 267 1.99 -6.65 14.11
C ARG B 267 1.31 -7.80 14.84
N GLN B 268 2.10 -8.63 15.50
CA GLN B 268 1.56 -9.74 16.30
C GLN B 268 2.08 -9.59 17.71
N GLN B 269 1.27 -9.99 18.69
CA GLN B 269 1.71 -9.93 20.08
C GLN B 269 2.90 -10.86 20.29
N ARG B 270 3.86 -10.42 21.08
CA ARG B 270 5.02 -11.25 21.36
C ARG B 270 4.74 -12.17 22.52
N VAL B 271 5.21 -13.40 22.44
CA VAL B 271 5.02 -14.34 23.54
C VAL B 271 6.34 -14.99 23.90
N SER B 272 6.64 -15.05 25.19
CA SER B 272 7.89 -15.67 25.62
C SER B 272 7.68 -17.13 26.00
N THR B 273 8.64 -17.97 25.67
CA THR B 273 8.55 -19.36 26.07
C THR B 273 8.72 -19.42 27.57
N THR B 274 9.50 -18.49 28.11
CA THR B 274 9.68 -18.43 29.55
C THR B 274 8.43 -17.82 30.16
N VAL B 275 7.54 -18.66 30.66
CA VAL B 275 6.28 -18.17 31.18
C VAL B 275 6.43 -17.57 32.56
N THR B 276 7.30 -16.58 32.69
CA THR B 276 7.46 -15.90 33.96
C THR B 276 7.61 -14.45 33.59
N GLN B 277 8.05 -14.22 32.36
CA GLN B 277 8.25 -12.86 31.89
C GLN B 277 7.10 -12.44 30.99
N ASN B 278 6.11 -13.31 30.82
CA ASN B 278 4.99 -13.00 29.96
C ASN B 278 4.06 -11.99 30.61
N ASN B 279 2.94 -12.44 31.15
CA ASN B 279 1.99 -11.55 31.81
C ASN B 279 0.89 -12.40 32.42
N ASN B 280 0.61 -12.18 33.70
CA ASN B 280 -0.40 -12.99 34.38
C ASN B 280 -1.81 -12.68 33.91
N SER B 281 -2.11 -13.02 32.67
CA SER B 281 -3.42 -12.72 32.11
C SER B 281 -3.75 -13.68 30.99
N GLU B 282 -5.03 -13.96 30.80
CA GLU B 282 -5.41 -14.80 29.68
C GLU B 282 -5.50 -13.94 28.43
N PHE B 283 -4.48 -13.95 27.59
CA PHE B 283 -4.48 -13.07 26.43
C PHE B 283 -4.43 -13.79 25.09
N ALA B 284 -4.40 -15.12 25.10
CA ALA B 284 -4.32 -15.88 23.86
C ALA B 284 -5.22 -15.30 22.78
N TRP B 285 -6.53 -15.30 23.01
CA TRP B 285 -7.44 -14.67 22.05
C TRP B 285 -7.50 -13.15 22.18
N PRO B 286 -7.64 -12.62 23.42
CA PRO B 286 -7.76 -11.17 23.56
C PRO B 286 -6.63 -10.39 22.90
N GLY B 287 -5.39 -10.87 23.03
CA GLY B 287 -4.26 -10.16 22.46
C GLY B 287 -3.88 -10.64 21.07
N ALA B 288 -4.75 -11.42 20.44
CA ALA B 288 -4.44 -11.97 19.12
C ALA B 288 -4.73 -10.99 17.99
N SER B 289 -3.89 -11.00 16.97
CA SER B 289 -4.14 -10.16 15.81
C SER B 289 -5.11 -10.90 14.91
N SER B 290 -6.14 -10.23 14.40
CA SER B 290 -7.14 -10.91 13.61
C SER B 290 -7.73 -10.06 12.50
N TRP B 291 -8.55 -10.66 11.65
CA TRP B 291 -9.22 -9.90 10.60
C TRP B 291 -10.68 -10.29 10.58
N ALA B 292 -11.53 -9.41 10.07
CA ALA B 292 -12.97 -9.69 10.09
C ALA B 292 -13.55 -9.90 8.70
N LEU B 293 -14.64 -10.65 8.63
CA LEU B 293 -15.30 -10.89 7.36
C LEU B 293 -16.79 -11.07 7.62
N ASN B 294 -17.62 -10.23 6.99
CA ASN B 294 -19.06 -10.31 7.18
C ASN B 294 -19.42 -10.50 8.65
N GLY B 295 -18.88 -9.65 9.52
CA GLY B 295 -19.20 -9.73 10.94
C GLY B 295 -18.57 -10.90 11.68
N ARG B 296 -17.58 -11.54 11.06
CA ARG B 296 -16.97 -12.69 11.67
C ARG B 296 -15.44 -12.57 11.69
N ASN B 297 -14.85 -12.56 12.87
CA ASN B 297 -13.40 -12.40 12.95
C ASN B 297 -12.67 -13.73 12.86
N SER B 298 -11.52 -13.72 12.20
CA SER B 298 -10.72 -14.92 12.07
C SER B 298 -9.29 -14.58 12.41
N LEU B 299 -8.66 -15.39 13.23
CA LEU B 299 -7.30 -15.10 13.67
C LEU B 299 -6.34 -14.95 12.50
N MET B 300 -5.48 -13.94 12.55
CA MET B 300 -4.47 -13.80 11.52
C MET B 300 -3.49 -14.90 11.89
N ASN B 301 -3.79 -16.13 11.49
CA ASN B 301 -2.95 -17.27 11.93
C ASN B 301 -1.53 -17.23 11.39
N PRO B 302 -1.33 -17.61 10.12
CA PRO B 302 0.07 -17.50 9.70
C PRO B 302 0.37 -16.02 9.57
N GLY B 303 -0.46 -15.32 8.81
CA GLY B 303 -0.24 -13.91 8.58
C GLY B 303 0.90 -13.68 7.62
N PRO B 304 1.21 -12.40 7.33
CA PRO B 304 2.32 -12.09 6.43
C PRO B 304 3.63 -12.67 6.90
N ALA B 305 4.52 -13.02 5.97
CA ALA B 305 5.83 -13.54 6.34
C ALA B 305 6.65 -12.47 7.03
N MET B 306 6.91 -12.66 8.32
CA MET B 306 7.70 -11.69 9.08
C MET B 306 8.70 -12.40 9.98
N ALA B 307 9.88 -11.82 10.15
CA ALA B 307 10.88 -12.42 11.01
C ALA B 307 10.27 -12.75 12.36
N SER B 308 10.49 -13.97 12.84
CA SER B 308 9.87 -14.40 14.09
C SER B 308 10.32 -13.59 15.31
N HIS B 309 11.57 -13.13 15.30
CA HIS B 309 12.09 -12.37 16.42
C HIS B 309 13.42 -11.72 16.06
N LYS B 310 13.88 -10.82 16.89
CA LYS B 310 15.14 -10.15 16.64
C LYS B 310 16.33 -11.02 17.04
N GLU B 311 17.51 -10.71 16.55
CA GLU B 311 18.70 -11.49 16.90
C GLU B 311 18.75 -11.73 18.40
N GLY B 312 18.76 -13.00 18.79
CA GLY B 312 18.83 -13.34 20.21
C GLY B 312 17.49 -13.41 20.92
N GLU B 313 16.42 -13.01 20.23
CA GLU B 313 15.09 -13.03 20.83
C GLU B 313 14.47 -14.41 20.81
N ASP B 314 15.26 -15.42 20.45
CA ASP B 314 14.75 -16.80 20.34
C ASP B 314 13.53 -17.12 21.20
N ARG B 315 13.66 -17.00 22.51
CA ARG B 315 12.56 -17.34 23.42
C ARG B 315 11.22 -16.70 23.07
N PHE B 316 11.25 -15.64 22.26
CA PHE B 316 10.02 -14.98 21.84
C PHE B 316 9.42 -15.56 20.57
N PHE B 317 8.10 -15.54 20.47
CA PHE B 317 7.42 -16.00 19.26
C PHE B 317 6.11 -15.24 19.11
N PRO B 318 5.78 -14.85 17.87
CA PRO B 318 4.55 -14.09 17.63
C PRO B 318 3.34 -14.92 18.01
N LEU B 319 2.40 -14.33 18.76
CA LEU B 319 1.22 -15.06 19.21
C LEU B 319 0.68 -16.00 18.15
N SER B 320 0.46 -15.49 16.96
CA SER B 320 0.01 -16.32 15.86
C SER B 320 0.73 -15.88 14.61
N GLY B 321 1.99 -16.27 14.47
CA GLY B 321 2.74 -15.91 13.28
C GLY B 321 3.65 -17.03 12.83
N SER B 322 3.63 -18.14 13.54
CA SER B 322 4.50 -19.26 13.21
C SER B 322 3.73 -20.58 13.11
N LEU B 323 4.29 -21.55 12.39
CA LEU B 323 3.64 -22.85 12.29
C LEU B 323 4.03 -23.70 13.49
N ILE B 324 3.04 -24.29 14.16
CA ILE B 324 3.33 -25.12 15.32
C ILE B 324 2.92 -26.55 15.08
N PHE B 325 3.88 -27.47 15.13
CA PHE B 325 3.58 -28.87 14.89
C PHE B 325 3.56 -29.62 16.21
N GLY B 326 2.82 -30.73 16.26
CA GLY B 326 2.79 -31.54 17.46
C GLY B 326 3.81 -32.64 17.37
N LYS B 327 4.52 -32.88 18.48
CA LYS B 327 5.50 -33.95 18.49
C LYS B 327 4.81 -35.30 18.50
N GLN B 328 5.55 -36.34 18.18
CA GLN B 328 4.97 -37.68 18.11
C GLN B 328 4.22 -38.03 19.38
N GLY B 329 2.96 -38.42 19.25
CA GLY B 329 2.18 -38.83 20.41
C GLY B 329 1.51 -37.68 21.14
N THR B 330 1.73 -36.45 20.69
CA THR B 330 1.18 -35.29 21.39
C THR B 330 -0.35 -35.25 21.32
N GLY B 331 -0.98 -34.90 22.44
CA GLY B 331 -2.43 -34.85 22.49
C GLY B 331 -3.07 -33.80 21.62
N ARG B 332 -4.40 -33.73 21.63
CA ARG B 332 -5.09 -32.80 20.76
C ARG B 332 -5.41 -31.46 21.42
N ASP B 333 -5.57 -31.45 22.74
CA ASP B 333 -5.98 -30.21 23.41
C ASP B 333 -5.14 -29.78 24.61
N ASN B 334 -4.94 -28.47 24.76
CA ASN B 334 -4.22 -27.95 25.92
C ASN B 334 -2.97 -28.73 26.28
N VAL B 335 -2.04 -28.83 25.34
CA VAL B 335 -0.79 -29.51 25.61
C VAL B 335 0.27 -28.46 25.92
N ASP B 336 1.28 -28.86 26.68
CA ASP B 336 2.34 -27.93 27.03
C ASP B 336 3.29 -27.65 25.87
N ALA B 337 4.08 -26.58 26.00
CA ALA B 337 5.03 -26.23 24.95
C ALA B 337 5.94 -27.41 24.63
N ASP B 338 6.35 -28.14 25.66
CA ASP B 338 7.25 -29.28 25.46
C ASP B 338 6.63 -30.38 24.59
N LYS B 339 5.37 -30.24 24.21
CA LYS B 339 4.73 -31.23 23.37
C LYS B 339 4.66 -30.79 21.91
N VAL B 340 5.02 -29.54 21.64
CA VAL B 340 4.87 -29.04 20.28
C VAL B 340 6.15 -28.44 19.72
N MET B 341 6.24 -28.37 18.39
CA MET B 341 7.42 -27.81 17.75
C MET B 341 7.04 -26.50 17.06
N ILE B 342 7.52 -25.38 17.60
CA ILE B 342 7.18 -24.08 17.02
C ILE B 342 8.26 -23.62 16.06
N THR B 343 7.89 -23.43 14.79
CA THR B 343 8.85 -22.99 13.79
C THR B 343 9.21 -21.53 13.95
N ASN B 344 10.18 -21.06 13.16
CA ASN B 344 10.57 -19.65 13.21
C ASN B 344 11.12 -19.21 11.86
N GLU B 345 11.08 -17.90 11.59
CA GLU B 345 11.56 -17.39 10.32
C GLU B 345 12.64 -16.34 10.50
N GLU B 346 13.58 -16.61 11.41
CA GLU B 346 14.66 -15.66 11.65
C GLU B 346 15.43 -15.35 10.38
N GLU B 347 15.63 -16.35 9.53
CA GLU B 347 16.38 -16.17 8.29
C GLU B 347 15.93 -14.93 7.52
N ILE B 348 14.63 -14.68 7.48
CA ILE B 348 14.12 -13.56 6.67
C ILE B 348 14.24 -12.19 7.34
N LYS B 349 14.88 -12.14 8.50
CA LYS B 349 15.08 -10.86 9.17
C LYS B 349 15.93 -9.91 8.34
N THR B 350 16.65 -10.45 7.36
CA THR B 350 17.46 -9.63 6.48
C THR B 350 16.63 -8.72 5.58
N THR B 351 15.40 -9.10 5.28
CA THR B 351 14.55 -8.31 4.38
C THR B 351 13.16 -8.04 4.94
N ASN B 352 12.69 -8.88 5.85
CA ASN B 352 11.36 -8.74 6.40
C ASN B 352 11.41 -8.16 7.81
N PRO B 353 10.42 -7.32 8.15
CA PRO B 353 10.36 -6.77 9.51
C PRO B 353 10.07 -7.84 10.56
N VAL B 354 10.40 -7.55 11.82
CA VAL B 354 10.11 -8.49 12.89
C VAL B 354 8.61 -8.52 13.18
N ALA B 355 8.04 -9.72 13.25
CA ALA B 355 6.59 -9.87 13.48
C ALA B 355 6.06 -9.17 14.72
N THR B 356 6.89 -9.04 15.74
CA THR B 356 6.41 -8.46 16.99
C THR B 356 6.87 -7.03 17.22
N GLU B 357 7.28 -6.35 16.17
CA GLU B 357 7.69 -4.95 16.29
C GLU B 357 6.95 -4.08 15.29
N SER B 358 6.92 -2.77 15.52
CA SER B 358 6.30 -1.87 14.55
C SER B 358 7.16 -1.82 13.29
N TYR B 359 6.52 -1.57 12.15
CA TYR B 359 7.28 -1.47 10.90
C TYR B 359 8.24 -0.31 10.98
N GLY B 360 7.83 0.77 11.65
CA GLY B 360 8.67 1.94 11.74
C GLY B 360 7.88 3.12 12.27
N GLN B 361 8.37 4.33 12.02
CA GLN B 361 7.71 5.53 12.53
C GLN B 361 7.39 6.51 11.42
N VAL B 362 6.36 7.33 11.65
CA VAL B 362 5.95 8.30 10.64
C VAL B 362 5.58 9.62 11.30
N ALA B 363 5.81 10.72 10.59
CA ALA B 363 5.45 12.03 11.13
C ALA B 363 3.95 12.15 11.29
N THR B 364 3.51 12.88 12.29
CA THR B 364 2.07 13.00 12.55
C THR B 364 1.63 14.45 12.67
N ASN B 365 2.54 15.37 12.40
CA ASN B 365 2.21 16.79 12.52
C ASN B 365 3.19 17.68 11.78
N HIS B 366 3.01 18.99 11.91
CA HIS B 366 3.93 19.92 11.29
C HIS B 366 4.63 20.70 12.39
N GLN B 367 5.86 20.31 12.70
CA GLN B 367 6.62 21.03 13.71
C GLN B 367 6.64 22.51 13.37
N SER B 368 6.58 23.36 14.38
CA SER B 368 6.57 24.80 14.13
C SER B 368 6.97 25.58 15.36
N ALA B 369 7.21 26.87 15.18
CA ALA B 369 7.54 27.72 16.31
C ALA B 369 6.37 28.61 16.62
N GLN B 370 6.59 29.60 17.49
CA GLN B 370 5.54 30.56 17.78
C GLN B 370 5.59 31.64 16.74
N TRP B 371 6.23 31.35 15.60
CA TRP B 371 6.39 32.34 14.51
C TRP B 371 5.07 33.00 14.09
N PRO B 372 3.95 32.24 13.97
CA PRO B 372 2.69 32.95 13.68
C PRO B 372 2.18 33.46 15.00
N THR B 373 1.13 32.87 15.55
CA THR B 373 0.65 33.22 16.87
C THR B 373 1.62 32.53 17.78
N SER B 374 1.65 32.94 19.05
CA SER B 374 2.53 32.32 20.03
C SER B 374 2.18 30.86 20.19
N TYR B 375 1.00 30.47 19.71
CA TYR B 375 0.62 29.06 19.72
C TYR B 375 1.43 28.44 18.60
N ASP B 376 0.93 27.36 18.00
CA ASP B 376 1.59 26.74 16.84
C ASP B 376 3.01 26.32 17.14
N ALA B 377 3.46 26.53 18.38
CA ALA B 377 4.80 26.08 18.76
C ALA B 377 4.74 24.59 18.97
N ALA B 378 4.71 23.84 17.87
CA ALA B 378 4.58 22.40 17.97
C ALA B 378 5.90 21.70 17.71
N GLN B 379 6.25 20.75 18.57
CA GLN B 379 7.47 19.98 18.36
C GLN B 379 7.17 18.83 17.41
N ALA B 380 8.16 18.43 16.62
CA ALA B 380 7.96 17.33 15.68
C ALA B 380 7.40 16.11 16.39
N GLN B 381 6.24 15.65 15.96
CA GLN B 381 5.63 14.48 16.56
C GLN B 381 5.55 13.33 15.56
N THR B 382 5.84 12.12 16.03
CA THR B 382 5.81 10.96 15.14
C THR B 382 4.99 9.83 15.74
N GLY B 383 4.55 8.89 14.91
CA GLY B 383 3.76 7.78 15.39
C GLY B 383 4.29 6.45 14.90
N TRP B 384 3.93 5.38 15.61
CA TRP B 384 4.42 4.05 15.23
C TRP B 384 3.53 3.35 14.22
N VAL B 385 4.14 2.63 13.30
CA VAL B 385 3.37 1.90 12.29
C VAL B 385 3.20 0.44 12.69
N GLN B 386 2.01 0.07 13.14
CA GLN B 386 1.75 -1.32 13.55
C GLN B 386 1.52 -2.23 12.35
N ASN B 387 0.87 -1.72 11.31
CA ASN B 387 0.64 -2.51 10.11
C ASN B 387 0.96 -1.68 8.88
N GLN B 388 1.82 -2.19 8.01
CA GLN B 388 2.21 -1.44 6.84
C GLN B 388 1.86 -2.23 5.58
N GLY B 389 1.13 -1.59 4.67
CA GLY B 389 0.77 -2.26 3.43
C GLY B 389 1.87 -2.16 2.40
N ILE B 390 1.66 -2.77 1.24
CA ILE B 390 2.67 -2.78 0.20
C ILE B 390 3.06 -1.39 -0.28
N LEU B 391 4.35 -1.15 -0.47
CA LEU B 391 4.81 0.13 -0.99
C LEU B 391 5.81 -0.13 -2.12
N PRO B 392 5.76 0.69 -3.18
CA PRO B 392 6.76 0.54 -4.24
C PRO B 392 8.16 0.61 -3.64
N GLY B 393 9.06 -0.24 -4.13
CA GLY B 393 10.41 -0.26 -3.59
C GLY B 393 10.57 -1.26 -2.46
N MET B 394 9.46 -1.89 -2.05
CA MET B 394 9.53 -2.90 -1.03
C MET B 394 10.03 -4.22 -1.58
N VAL B 395 10.75 -4.99 -0.77
CA VAL B 395 11.18 -6.32 -1.18
C VAL B 395 11.02 -7.24 0.01
N TRP B 396 10.84 -8.53 -0.22
CA TRP B 396 10.59 -9.45 0.88
C TRP B 396 10.75 -10.91 0.53
N GLN B 397 10.97 -11.75 1.54
CA GLN B 397 11.04 -13.18 1.31
C GLN B 397 9.73 -13.81 1.76
N ASP B 398 9.42 -14.99 1.24
CA ASP B 398 8.20 -15.68 1.68
C ASP B 398 8.51 -16.67 2.81
N ARG B 399 7.48 -17.18 3.47
CA ARG B 399 7.67 -18.10 4.58
C ARG B 399 8.34 -19.38 4.10
N ASP B 400 9.23 -19.94 4.92
CA ASP B 400 9.94 -21.16 4.52
C ASP B 400 9.02 -22.37 4.48
N VAL B 401 9.47 -23.43 3.84
CA VAL B 401 8.68 -24.66 3.82
C VAL B 401 9.36 -25.70 4.71
N TYR B 402 8.61 -26.70 5.15
CA TYR B 402 9.17 -27.70 6.06
C TYR B 402 8.88 -29.12 5.61
N LEU B 403 9.75 -30.06 5.96
CA LEU B 403 9.53 -31.46 5.60
C LEU B 403 8.12 -31.87 5.97
N GLN B 404 7.69 -31.53 7.17
CA GLN B 404 6.37 -31.90 7.64
C GLN B 404 5.31 -30.85 7.29
N GLY B 405 5.69 -29.88 6.46
CA GLY B 405 4.76 -28.81 6.11
C GLY B 405 4.01 -29.07 4.81
N PRO B 406 3.10 -28.17 4.44
CA PRO B 406 2.32 -28.33 3.21
C PRO B 406 3.13 -27.99 1.97
N ILE B 407 2.68 -28.46 0.80
CA ILE B 407 3.41 -28.21 -0.44
C ILE B 407 2.75 -27.16 -1.30
N TRP B 408 1.48 -27.36 -1.62
CA TRP B 408 0.78 -26.42 -2.50
C TRP B 408 -0.55 -25.94 -1.96
N ALA B 409 -1.19 -25.02 -2.69
CA ALA B 409 -2.49 -24.52 -2.28
C ALA B 409 -3.22 -23.98 -3.51
N LYS B 410 -4.54 -23.95 -3.45
CA LYS B 410 -5.30 -23.43 -4.57
C LYS B 410 -5.58 -21.95 -4.39
N ILE B 411 -5.15 -21.14 -5.36
CA ILE B 411 -5.42 -19.72 -5.29
C ILE B 411 -6.92 -19.49 -5.47
N PRO B 412 -7.53 -18.73 -4.55
CA PRO B 412 -8.97 -18.47 -4.63
C PRO B 412 -9.35 -17.87 -5.97
N HIS B 413 -10.42 -18.36 -6.58
CA HIS B 413 -10.88 -17.84 -7.86
C HIS B 413 -11.53 -16.48 -7.70
N THR B 414 -10.74 -15.41 -7.79
CA THR B 414 -11.27 -14.06 -7.64
C THR B 414 -10.78 -13.10 -8.72
N ASP B 415 -11.35 -11.91 -8.78
CA ASP B 415 -10.92 -10.91 -9.73
C ASP B 415 -9.51 -10.46 -9.43
N GLY B 416 -9.20 -10.29 -8.15
CA GLY B 416 -7.90 -9.79 -7.78
C GLY B 416 -7.19 -10.49 -6.65
N ASN B 417 -5.86 -10.52 -6.72
CA ASN B 417 -5.07 -11.10 -5.65
C ASN B 417 -3.70 -10.45 -5.70
N PHE B 418 -2.90 -10.63 -4.66
CA PHE B 418 -1.54 -10.10 -4.72
C PHE B 418 -0.53 -11.08 -4.16
N HIS B 419 0.55 -11.31 -4.90
CA HIS B 419 1.58 -12.23 -4.45
C HIS B 419 0.92 -13.43 -3.81
N PRO B 420 0.22 -14.24 -4.60
CA PRO B 420 -0.55 -15.36 -4.04
C PRO B 420 0.23 -16.58 -3.52
N SER B 421 1.36 -16.38 -2.85
CA SER B 421 2.06 -17.50 -2.25
C SER B 421 1.27 -17.90 -1.01
N PRO B 422 0.94 -19.18 -0.87
CA PRO B 422 0.09 -19.58 0.26
C PRO B 422 0.70 -19.12 1.59
N LEU B 423 -0.07 -18.43 2.42
CA LEU B 423 0.48 -17.89 3.67
C LEU B 423 1.05 -18.94 4.63
N MET B 424 0.58 -20.18 4.55
CA MET B 424 1.14 -21.23 5.40
C MET B 424 2.44 -21.76 4.82
N GLY B 425 2.76 -21.36 3.59
CA GLY B 425 4.00 -21.80 2.96
C GLY B 425 3.74 -22.70 1.77
N GLY B 426 4.58 -22.61 0.75
CA GLY B 426 4.43 -23.49 -0.39
C GLY B 426 4.14 -22.84 -1.73
N PHE B 427 3.52 -23.58 -2.63
CA PHE B 427 3.25 -23.06 -3.97
C PHE B 427 1.76 -22.86 -4.23
N GLY B 428 1.38 -21.64 -4.62
CA GLY B 428 -0.01 -21.34 -4.89
C GLY B 428 -0.33 -21.59 -6.35
N MET B 429 -1.43 -22.27 -6.63
CA MET B 429 -1.77 -22.60 -8.00
C MET B 429 -3.25 -22.45 -8.28
N LYS B 430 -3.60 -21.86 -9.42
CA LYS B 430 -5.01 -21.76 -9.80
C LYS B 430 -5.53 -23.15 -10.07
N HIS B 431 -4.69 -23.99 -10.65
CA HIS B 431 -5.08 -25.37 -10.95
C HIS B 431 -4.08 -26.33 -10.36
N PRO B 432 -4.12 -26.52 -9.04
CA PRO B 432 -3.19 -27.42 -8.37
C PRO B 432 -3.59 -28.87 -8.57
N PRO B 433 -2.82 -29.81 -8.02
CA PRO B 433 -3.23 -31.21 -8.10
C PRO B 433 -4.70 -31.36 -7.73
N PRO B 434 -5.48 -32.02 -8.59
CA PRO B 434 -6.92 -32.14 -8.34
C PRO B 434 -7.23 -33.09 -7.18
N GLN B 435 -8.38 -32.91 -6.55
CA GLN B 435 -8.78 -33.81 -5.48
C GLN B 435 -9.14 -35.17 -6.03
N ILE B 436 -8.68 -36.22 -5.39
CA ILE B 436 -9.02 -37.57 -5.82
C ILE B 436 -9.99 -38.18 -4.84
N LEU B 437 -11.27 -38.15 -5.19
CA LEU B 437 -12.29 -38.66 -4.29
C LEU B 437 -12.46 -40.14 -4.41
N ILE B 438 -12.70 -40.83 -3.31
CA ILE B 438 -12.87 -42.26 -3.36
C ILE B 438 -13.86 -42.74 -2.33
N LYS B 439 -14.76 -43.61 -2.76
CA LYS B 439 -15.74 -44.15 -1.84
C LYS B 439 -16.21 -45.48 -2.38
N ASN B 440 -16.29 -46.50 -1.52
CA ASN B 440 -16.82 -47.81 -1.94
C ASN B 440 -18.25 -47.69 -2.44
N THR B 441 -18.77 -48.77 -3.01
CA THR B 441 -20.15 -48.77 -3.47
C THR B 441 -21.02 -49.53 -2.48
N PRO B 442 -22.07 -48.87 -1.97
CA PRO B 442 -22.94 -49.51 -0.96
C PRO B 442 -23.67 -50.72 -1.49
N VAL B 443 -23.42 -51.89 -0.90
CA VAL B 443 -24.13 -53.10 -1.31
C VAL B 443 -25.59 -53.00 -0.91
N PRO B 444 -26.52 -53.16 -1.87
CA PRO B 444 -27.91 -52.97 -1.43
C PRO B 444 -28.33 -53.98 -0.38
N ALA B 445 -27.66 -55.14 -0.34
CA ALA B 445 -27.99 -56.18 0.63
C ALA B 445 -29.45 -56.63 0.55
N ASP B 446 -29.93 -57.28 1.61
CA ASP B 446 -31.29 -57.79 1.62
C ASP B 446 -32.31 -56.78 1.13
N PRO B 447 -33.21 -57.24 0.22
CA PRO B 447 -34.35 -56.39 -0.14
C PRO B 447 -35.64 -57.12 0.28
N PRO B 448 -36.77 -56.40 0.43
CA PRO B 448 -38.03 -57.08 0.76
C PRO B 448 -38.58 -57.90 -0.40
N THR B 449 -39.52 -58.79 -0.13
CA THR B 449 -40.15 -59.59 -1.19
C THR B 449 -41.37 -58.89 -1.76
N ALA B 450 -41.75 -57.76 -1.18
CA ALA B 450 -42.86 -56.98 -1.73
C ALA B 450 -42.29 -55.61 -2.03
N PHE B 451 -42.67 -55.00 -3.14
CA PHE B 451 -42.06 -53.72 -3.56
C PHE B 451 -41.94 -52.65 -2.46
N ASN B 452 -40.79 -51.97 -2.42
CA ASN B 452 -40.57 -50.90 -1.42
C ASN B 452 -40.01 -49.63 -2.05
N LYS B 453 -40.89 -48.67 -2.33
CA LYS B 453 -40.45 -47.41 -2.92
C LYS B 453 -39.43 -46.72 -2.02
N ASP B 454 -39.46 -47.05 -0.73
CA ASP B 454 -38.51 -46.46 0.20
C ASP B 454 -37.10 -46.89 -0.13
N LYS B 455 -36.27 -45.91 -0.12
CA LYS B 455 -34.95 -46.23 -0.62
C LYS B 455 -34.32 -47.31 0.24
N LEU B 456 -33.34 -48.08 -0.24
CA LEU B 456 -32.80 -49.18 0.59
C LEU B 456 -32.01 -48.72 1.82
N ASN B 457 -31.76 -49.59 2.79
CA ASN B 457 -31.09 -49.13 4.00
C ASN B 457 -30.15 -50.20 4.51
N SER B 458 -30.65 -51.41 4.72
CA SER B 458 -29.78 -52.49 5.12
C SER B 458 -28.79 -52.64 3.98
N PHE B 459 -27.50 -52.55 4.27
CA PHE B 459 -26.53 -52.54 3.18
C PHE B 459 -25.32 -53.48 3.23
N ILE B 460 -25.26 -54.39 4.20
CA ILE B 460 -24.09 -55.27 4.37
C ILE B 460 -22.81 -54.49 4.69
N THR B 461 -22.20 -54.81 5.82
CA THR B 461 -21.01 -54.09 6.24
C THR B 461 -19.81 -54.42 5.37
N GLN B 462 -19.10 -53.40 4.91
CA GLN B 462 -17.95 -53.63 4.06
C GLN B 462 -16.89 -52.55 4.24
N TYR B 463 -15.67 -52.84 3.82
CA TYR B 463 -14.60 -51.85 3.87
C TYR B 463 -13.62 -52.21 2.78
N SER B 464 -12.76 -51.28 2.39
CA SER B 464 -11.88 -51.57 1.27
C SER B 464 -10.48 -51.09 1.57
N THR B 465 -9.50 -51.72 0.95
CA THR B 465 -8.10 -51.40 1.18
C THR B 465 -7.32 -51.60 -0.11
N GLY B 466 -6.12 -51.04 -0.18
CA GLY B 466 -5.30 -51.22 -1.36
C GLY B 466 -4.00 -50.45 -1.30
N GLN B 467 -3.53 -49.97 -2.44
CA GLN B 467 -2.29 -49.20 -2.48
C GLN B 467 -2.36 -47.99 -3.40
N VAL B 468 -1.84 -46.87 -2.89
CA VAL B 468 -1.75 -45.62 -3.63
C VAL B 468 -0.29 -45.35 -3.99
N SER B 469 -0.05 -44.69 -5.12
CA SER B 469 1.31 -44.36 -5.52
C SER B 469 1.43 -42.97 -6.15
N VAL B 470 2.10 -42.04 -5.48
CA VAL B 470 2.26 -40.69 -5.99
C VAL B 470 3.72 -40.46 -6.34
N GLU B 471 3.96 -39.90 -7.53
CA GLU B 471 5.29 -39.50 -7.98
C GLU B 471 5.24 -38.04 -8.36
N ILE B 472 6.20 -37.26 -7.85
CA ILE B 472 6.26 -35.81 -8.11
C ILE B 472 7.65 -35.48 -8.65
N GLU B 473 7.68 -34.70 -9.72
CA GLU B 473 8.95 -34.23 -10.29
C GLU B 473 9.23 -32.82 -9.79
N TRP B 474 10.41 -32.64 -9.18
CA TRP B 474 10.81 -31.37 -8.62
C TRP B 474 12.02 -30.83 -9.39
N GLU B 475 11.87 -29.67 -10.01
CA GLU B 475 13.02 -29.08 -10.68
C GLU B 475 13.89 -28.45 -9.61
N LEU B 476 15.20 -28.46 -9.81
CA LEU B 476 16.10 -27.95 -8.79
C LEU B 476 16.88 -26.74 -9.27
N GLN B 477 17.20 -25.85 -8.33
CA GLN B 477 18.00 -24.69 -8.68
C GLN B 477 19.36 -24.82 -8.04
N LYS B 478 20.39 -25.00 -8.85
CA LYS B 478 21.74 -25.19 -8.32
C LYS B 478 22.32 -23.90 -7.79
N GLU B 479 23.45 -23.99 -7.11
CA GLU B 479 24.09 -22.80 -6.58
C GLU B 479 25.45 -22.57 -7.20
N ASN B 480 25.76 -21.32 -7.52
CA ASN B 480 27.07 -21.00 -8.09
C ASN B 480 27.72 -19.96 -7.21
N SER B 481 27.66 -20.18 -5.90
CA SER B 481 28.19 -19.18 -4.98
C SER B 481 29.71 -19.10 -4.94
N LYS B 482 30.22 -17.90 -4.74
CA LYS B 482 31.66 -17.75 -4.61
C LYS B 482 32.03 -17.58 -3.15
N ARG B 483 31.16 -18.03 -2.24
CA ARG B 483 31.50 -17.78 -0.83
C ARG B 483 32.73 -18.58 -0.43
N TRP B 484 33.67 -17.92 0.27
CA TRP B 484 34.93 -18.58 0.61
C TRP B 484 34.74 -19.53 1.80
N ASN B 485 34.29 -19.00 2.93
CA ASN B 485 34.17 -19.80 4.14
C ASN B 485 33.04 -20.83 3.99
N PRO B 486 33.12 -21.93 4.72
CA PRO B 486 32.10 -22.98 4.58
C PRO B 486 30.71 -22.49 4.95
N GLU B 487 29.72 -23.07 4.30
CA GLU B 487 28.32 -22.72 4.52
C GLU B 487 27.78 -23.45 5.75
N ILE B 488 26.59 -23.03 6.18
CA ILE B 488 25.87 -23.71 7.24
C ILE B 488 25.07 -24.86 6.63
N GLN B 489 25.24 -26.05 7.20
CA GLN B 489 24.59 -27.25 6.68
C GLN B 489 23.81 -27.93 7.79
N TYR B 490 22.72 -28.58 7.41
CA TYR B 490 21.95 -29.39 8.35
C TYR B 490 22.57 -30.78 8.44
N THR B 491 22.90 -31.17 9.66
CA THR B 491 23.52 -32.46 9.90
C THR B 491 22.93 -33.07 11.15
N SER B 492 22.99 -34.39 11.25
CA SER B 492 22.55 -35.05 12.47
C SER B 492 23.69 -34.88 13.47
N ASN B 493 23.43 -35.17 14.73
CA ASN B 493 24.45 -34.95 15.74
C ASN B 493 25.02 -36.24 16.27
N TYR B 494 26.34 -36.36 16.27
CA TYR B 494 26.94 -37.53 16.87
C TYR B 494 27.15 -37.21 18.33
N TYR B 495 26.52 -37.97 19.21
CA TYR B 495 26.68 -37.73 20.64
C TYR B 495 26.12 -38.87 21.49
N LYS B 496 25.86 -40.02 20.88
CA LYS B 496 25.27 -41.15 21.60
C LYS B 496 23.89 -40.83 22.14
N SER B 497 22.87 -41.32 21.46
CA SER B 497 21.51 -41.08 21.90
C SER B 497 20.83 -42.40 22.21
N ASN B 498 19.59 -42.33 22.65
CA ASN B 498 18.88 -43.58 22.90
C ASN B 498 18.28 -44.11 21.61
N ASN B 499 17.86 -43.22 20.73
CA ASN B 499 17.24 -43.62 19.47
C ASN B 499 17.64 -42.68 18.35
N VAL B 500 17.90 -43.23 17.17
CA VAL B 500 18.23 -42.40 16.02
C VAL B 500 17.14 -41.37 15.77
N GLU B 501 17.53 -40.14 15.50
CA GLU B 501 16.55 -39.11 15.19
C GLU B 501 15.79 -39.48 13.93
N PHE B 502 14.54 -39.08 13.77
CA PHE B 502 13.78 -39.54 12.59
C PHE B 502 13.86 -41.06 12.36
N ALA B 503 13.51 -41.86 13.37
CA ALA B 503 13.48 -43.32 13.20
C ALA B 503 12.39 -43.91 14.10
N VAL B 504 12.32 -45.23 14.16
CA VAL B 504 11.34 -45.87 15.04
C VAL B 504 11.96 -46.24 16.37
N ASN B 505 11.13 -46.45 17.38
CA ASN B 505 11.62 -46.81 18.69
C ASN B 505 11.47 -48.30 18.96
N THR B 506 11.65 -48.70 20.22
CA THR B 506 11.50 -50.11 20.59
C THR B 506 10.09 -50.60 20.31
N GLU B 507 9.14 -49.68 20.29
CA GLU B 507 7.75 -50.06 20.04
C GLU B 507 7.39 -49.93 18.58
N GLY B 508 8.36 -49.62 17.73
CA GLY B 508 8.09 -49.46 16.32
C GLY B 508 7.43 -48.14 15.96
N VAL B 509 7.51 -47.17 16.84
CA VAL B 509 6.90 -45.87 16.59
C VAL B 509 7.86 -44.86 15.98
N TYR B 510 7.44 -44.21 14.89
CA TYR B 510 8.27 -43.20 14.25
C TYR B 510 8.24 -41.86 15.01
N SER B 511 9.16 -40.94 14.72
CA SER B 511 9.29 -39.67 15.43
C SER B 511 10.08 -38.69 14.59
N GLU B 512 9.47 -37.54 14.30
CA GLU B 512 10.18 -36.43 13.67
C GLU B 512 10.58 -35.46 14.77
N PRO B 513 11.80 -35.59 15.30
CA PRO B 513 12.15 -34.85 16.53
C PRO B 513 12.09 -33.33 16.38
N ARG B 514 12.39 -32.78 15.20
CA ARG B 514 12.39 -31.33 15.03
C ARG B 514 11.90 -31.01 13.63
N PRO B 515 11.32 -29.84 13.42
CA PRO B 515 11.02 -29.40 12.06
C PRO B 515 12.31 -29.08 11.32
N ILE B 516 12.28 -29.31 10.01
CA ILE B 516 13.44 -29.02 9.17
C ILE B 516 13.07 -28.07 8.05
N GLY B 517 13.76 -26.94 7.98
CA GLY B 517 13.50 -25.94 6.96
C GLY B 517 14.23 -26.26 5.67
N THR B 518 14.43 -25.21 4.87
CA THR B 518 15.14 -25.35 3.60
C THR B 518 16.21 -24.30 3.40
N ARG B 519 16.37 -23.36 4.33
CA ARG B 519 17.24 -22.20 4.14
C ARG B 519 18.51 -22.40 4.97
N TYR B 520 19.50 -23.05 4.36
CA TYR B 520 20.81 -23.22 4.96
C TYR B 520 21.91 -22.60 4.12
N LEU B 521 21.83 -22.73 2.79
CA LEU B 521 22.76 -22.04 1.91
C LEU B 521 22.48 -20.54 1.93
N THR B 522 23.49 -19.76 1.55
CA THR B 522 23.41 -18.30 1.60
C THR B 522 23.77 -17.70 0.25
N ARG B 523 23.18 -16.54 -0.02
CA ARG B 523 23.49 -15.78 -1.22
C ARG B 523 23.25 -14.30 -0.95
N ASN B 524 23.88 -13.47 -1.77
CA ASN B 524 23.78 -12.02 -1.59
C ASN B 524 22.39 -11.52 -1.98
N LEU B 525 22.09 -10.30 -1.55
CA LEU B 525 20.82 -9.65 -1.88
C LEU B 525 20.83 -9.16 -3.31
N ASP C 1 54.85 -3.25 -31.29
CA ASP C 1 54.17 -2.02 -30.92
C ASP C 1 54.12 -1.86 -29.41
N GLY C 2 54.21 -2.99 -28.70
CA GLY C 2 54.21 -2.93 -27.24
C GLY C 2 55.20 -1.92 -26.74
N VAL C 3 54.87 -1.24 -25.65
CA VAL C 3 55.74 -0.19 -25.14
C VAL C 3 56.22 0.68 -26.29
N GLY C 4 55.29 1.36 -26.95
CA GLY C 4 55.64 2.21 -28.07
C GLY C 4 54.39 2.59 -28.82
N SER C 5 53.33 1.81 -28.66
CA SER C 5 52.06 2.10 -29.34
C SER C 5 50.92 2.36 -28.37
N SER C 6 49.79 2.86 -28.85
CA SER C 6 48.67 3.22 -28.00
C SER C 6 47.66 2.10 -27.91
N SER C 7 46.95 2.02 -26.80
CA SER C 7 45.91 1.02 -26.67
C SER C 7 44.60 1.77 -26.87
N GLY C 8 44.66 3.03 -27.29
CA GLY C 8 43.39 3.69 -27.57
C GLY C 8 43.34 5.18 -27.88
N ASN C 9 42.20 5.63 -28.40
CA ASN C 9 42.03 7.04 -28.70
C ASN C 9 41.11 7.67 -27.67
N TRP C 10 40.90 8.97 -27.76
CA TRP C 10 40.10 9.65 -26.73
C TRP C 10 38.60 9.53 -26.91
N HIS C 11 38.09 9.64 -28.13
CA HIS C 11 36.63 9.63 -28.28
C HIS C 11 35.94 10.57 -27.30
N CYS C 12 35.06 10.07 -26.44
CA CYS C 12 34.31 10.98 -25.56
C CYS C 12 33.48 11.97 -26.38
N ASP C 13 32.25 11.60 -26.74
CA ASP C 13 31.38 12.47 -27.53
C ASP C 13 29.88 12.13 -27.40
N SER C 14 29.05 12.72 -28.26
CA SER C 14 27.62 12.41 -28.24
C SER C 14 26.99 12.41 -29.64
N GLN C 15 26.29 11.34 -29.99
CA GLN C 15 25.62 11.25 -31.29
C GLN C 15 24.15 11.10 -31.00
N TRP C 16 23.37 12.00 -31.57
CA TRP C 16 21.92 11.95 -31.43
C TRP C 16 21.29 11.52 -32.72
N LEU C 17 20.38 10.57 -32.64
CA LEU C 17 19.67 10.12 -33.83
C LEU C 17 18.20 10.45 -33.64
N GLY C 18 17.36 9.90 -34.49
CA GLY C 18 15.93 10.14 -34.35
C GLY C 18 15.45 9.71 -32.98
N ASP C 19 15.35 8.40 -32.76
CA ASP C 19 14.87 7.90 -31.49
C ASP C 19 15.99 7.32 -30.63
N ARG C 20 17.20 7.79 -30.85
CA ARG C 20 18.34 7.28 -30.08
C ARG C 20 19.41 8.31 -29.81
N VAL C 21 20.19 8.10 -28.75
CA VAL C 21 21.32 8.98 -28.48
C VAL C 21 22.39 8.15 -27.78
N ILE C 22 23.53 8.06 -28.45
CA ILE C 22 24.66 7.34 -27.89
C ILE C 22 25.61 8.35 -27.32
N THR C 23 25.92 8.20 -26.05
CA THR C 23 26.86 9.10 -25.42
C THR C 23 28.18 8.37 -25.26
N THR C 24 29.30 9.08 -25.45
CA THR C 24 30.61 8.46 -25.27
C THR C 24 31.43 9.33 -24.32
N SER C 25 32.17 8.70 -23.43
CA SER C 25 32.96 9.45 -22.47
C SER C 25 34.29 8.78 -22.18
N THR C 26 35.36 9.56 -22.11
CA THR C 26 36.67 9.01 -21.79
C THR C 26 37.32 9.87 -20.73
N ARG C 27 37.92 9.24 -19.73
CA ARG C 27 38.52 9.99 -18.63
C ARG C 27 39.87 9.43 -18.21
N THR C 28 40.60 10.16 -17.39
CA THR C 28 41.93 9.68 -17.02
C THR C 28 41.86 9.30 -15.57
N TRP C 29 42.31 8.08 -15.26
CA TRP C 29 42.21 7.63 -13.88
C TRP C 29 43.55 7.25 -13.29
N ALA C 30 43.59 7.09 -11.97
CA ALA C 30 44.79 6.68 -11.30
C ALA C 30 44.39 5.68 -10.22
N LEU C 31 45.15 4.60 -10.07
CA LEU C 31 44.78 3.58 -9.10
C LEU C 31 45.86 3.42 -8.06
N PRO C 32 45.54 3.61 -6.77
CA PRO C 32 46.61 3.33 -5.80
C PRO C 32 46.69 1.84 -5.50
N THR C 33 47.42 1.44 -4.47
CA THR C 33 47.59 0.03 -4.15
C THR C 33 46.43 -0.50 -3.31
N TYR C 34 45.97 0.30 -2.35
CA TYR C 34 44.83 -0.07 -1.48
C TYR C 34 45.12 -1.17 -0.49
N ASN C 35 44.91 -0.87 0.79
CA ASN C 35 45.08 -1.89 1.82
C ASN C 35 46.44 -2.56 1.81
N ASN C 36 47.46 -1.88 1.29
CA ASN C 36 48.77 -2.51 1.18
C ASN C 36 48.63 -3.90 0.60
N HIS C 37 47.92 -4.03 -0.52
CA HIS C 37 47.73 -5.33 -1.18
C HIS C 37 46.94 -6.38 -0.40
N LEU C 38 46.42 -6.04 0.78
CA LEU C 38 45.76 -7.05 1.61
C LEU C 38 44.29 -6.91 1.92
N TYR C 39 43.63 -8.02 2.26
CA TYR C 39 42.25 -7.94 2.73
C TYR C 39 42.17 -7.72 4.23
N LYS C 40 41.19 -6.93 4.67
CA LYS C 40 41.03 -6.66 6.09
C LYS C 40 39.57 -6.60 6.48
N GLN C 41 39.25 -7.18 7.63
CA GLN C 41 37.88 -7.14 8.13
C GLN C 41 37.57 -5.80 8.78
N ILE C 42 36.40 -5.24 8.50
CA ILE C 42 36.05 -3.94 9.06
C ILE C 42 34.76 -4.01 9.88
N SER C 43 34.70 -3.25 10.96
CA SER C 43 33.51 -3.23 11.80
C SER C 43 33.40 -1.89 12.48
N ASN C 44 32.23 -1.59 13.03
CA ASN C 44 32.09 -0.33 13.77
C ASN C 44 33.04 -0.28 14.95
N SER C 45 33.27 -1.43 15.60
CA SER C 45 34.23 -1.47 16.71
C SER C 45 35.62 -1.09 16.21
N THR C 46 36.02 -1.60 15.04
CA THR C 46 37.30 -1.22 14.47
C THR C 46 37.37 0.27 14.15
N SER C 47 36.31 0.83 13.56
CA SER C 47 36.36 2.23 13.16
C SER C 47 35.78 3.15 14.24
N GLY C 48 34.48 3.04 14.49
CA GLY C 48 33.82 4.00 15.37
C GLY C 48 33.33 3.46 16.69
N GLY C 49 32.87 2.21 16.72
CA GLY C 49 32.25 1.66 17.89
C GLY C 49 31.01 2.44 18.27
N SER C 50 30.19 2.77 17.28
CA SER C 50 29.04 3.64 17.46
C SER C 50 27.87 2.85 18.02
N SER C 51 26.68 3.45 18.01
CA SER C 51 25.48 2.83 18.53
C SER C 51 25.09 1.62 17.70
N ASN C 52 24.08 0.88 18.17
CA ASN C 52 23.64 -0.31 17.45
C ASN C 52 23.09 0.03 16.07
N ASP C 53 22.45 1.17 15.92
CA ASP C 53 21.83 1.51 14.64
C ASP C 53 22.86 1.57 13.53
N ASN C 54 24.11 1.85 13.89
CA ASN C 54 25.15 1.99 12.88
C ASN C 54 26.19 0.87 12.95
N ALA C 55 25.91 -0.16 13.74
CA ALA C 55 26.83 -1.28 13.84
C ALA C 55 26.96 -1.98 12.49
N TYR C 56 28.12 -2.59 12.25
CA TYR C 56 28.30 -3.31 10.99
C TYR C 56 29.50 -4.24 11.00
N PHE C 57 29.54 -5.15 10.03
CA PHE C 57 30.66 -6.07 9.90
C PHE C 57 30.90 -6.32 8.41
N GLY C 58 32.15 -6.20 7.97
CA GLY C 58 32.45 -6.42 6.57
C GLY C 58 33.92 -6.57 6.27
N TYR C 59 34.31 -6.34 5.02
CA TYR C 59 35.70 -6.49 4.61
C TYR C 59 36.17 -5.42 3.65
N SER C 60 37.40 -4.95 3.83
CA SER C 60 37.99 -4.01 2.90
C SER C 60 38.93 -4.78 2.00
N THR C 61 38.85 -4.54 0.69
CA THR C 61 39.69 -5.27 -0.25
C THR C 61 40.74 -4.36 -0.87
N PRO C 62 41.83 -4.95 -1.36
CA PRO C 62 42.84 -4.14 -2.05
C PRO C 62 42.42 -3.80 -3.48
N TRP C 63 41.14 -4.00 -3.80
CA TRP C 63 40.67 -3.77 -5.16
C TRP C 63 39.96 -2.44 -5.34
N GLY C 64 39.96 -1.93 -6.56
CA GLY C 64 39.21 -0.71 -6.85
C GLY C 64 38.12 -1.09 -7.82
N TYR C 65 37.23 -0.15 -8.13
CA TYR C 65 36.18 -0.43 -9.09
C TYR C 65 35.79 0.82 -9.85
N PHE C 66 35.29 0.62 -11.07
CA PHE C 66 34.89 1.76 -11.90
C PHE C 66 33.43 2.11 -11.65
N ASP C 67 33.15 3.40 -11.52
CA ASP C 67 31.77 3.84 -11.28
C ASP C 67 31.30 4.89 -12.27
N PHE C 68 30.23 4.62 -12.98
CA PHE C 68 29.66 5.59 -13.90
C PHE C 68 28.15 5.52 -13.84
N ASN C 69 27.60 5.49 -12.63
CA ASN C 69 26.16 5.36 -12.42
C ASN C 69 25.50 6.70 -12.14
N ARG C 70 26.02 7.77 -12.73
CA ARG C 70 25.43 9.09 -12.62
C ARG C 70 25.28 9.67 -14.03
N PHE C 71 24.21 10.42 -14.25
CA PHE C 71 23.96 10.93 -15.61
C PHE C 71 25.04 11.86 -16.16
N HIS C 72 25.63 12.69 -15.31
CA HIS C 72 26.63 13.65 -15.79
C HIS C 72 27.91 12.96 -16.24
N CYS C 73 28.03 11.66 -16.00
CA CYS C 73 29.20 10.93 -16.48
C CYS C 73 29.05 10.69 -17.97
N HIS C 74 27.85 10.88 -18.49
CA HIS C 74 27.60 10.59 -19.90
C HIS C 74 26.96 11.75 -20.64
N PHE C 75 26.09 12.48 -19.96
CA PHE C 75 25.39 13.57 -20.62
C PHE C 75 25.99 14.91 -20.28
N SER C 76 26.23 15.71 -21.30
CA SER C 76 26.71 17.06 -21.05
C SER C 76 25.52 17.91 -20.63
N PRO C 77 25.77 19.01 -19.91
CA PRO C 77 24.66 19.90 -19.59
C PRO C 77 23.84 20.19 -20.83
N ARG C 78 24.51 20.55 -21.92
CA ARG C 78 23.79 20.79 -23.16
C ARG C 78 23.07 19.51 -23.58
N ASP C 79 23.82 18.43 -23.75
CA ASP C 79 23.21 17.17 -24.09
C ASP C 79 21.96 17.01 -23.25
N TRP C 80 22.10 17.27 -21.95
CA TRP C 80 20.96 17.09 -21.07
C TRP C 80 19.80 17.99 -21.46
N GLN C 81 20.08 19.24 -21.83
CA GLN C 81 19.02 20.17 -22.17
C GLN C 81 18.25 19.65 -23.37
N ARG C 82 18.96 19.24 -24.41
CA ARG C 82 18.32 18.70 -25.60
C ARG C 82 17.42 17.56 -25.23
N LEU C 83 17.94 16.66 -24.40
CA LEU C 83 17.16 15.52 -23.97
C LEU C 83 15.85 15.92 -23.32
N ILE C 84 15.94 16.73 -22.27
CA ILE C 84 14.73 17.08 -21.51
C ILE C 84 13.73 18.00 -22.20
N ASN C 85 14.17 18.79 -23.18
CA ASN C 85 13.26 19.73 -23.81
C ASN C 85 12.59 19.17 -25.06
N ASN C 86 12.85 17.91 -25.40
CA ASN C 86 12.32 17.37 -26.65
C ASN C 86 11.83 15.93 -26.63
N ASN C 87 11.89 15.27 -25.48
CA ASN C 87 11.51 13.87 -25.39
C ASN C 87 10.61 13.63 -24.18
N TRP C 88 9.56 12.83 -24.37
CA TRP C 88 8.67 12.52 -23.25
C TRP C 88 9.21 11.38 -22.41
N GLY C 89 10.04 10.53 -23.00
CA GLY C 89 10.60 9.41 -22.27
C GLY C 89 11.96 8.96 -22.77
N PHE C 90 12.67 8.21 -21.95
CA PHE C 90 13.99 7.72 -22.34
C PHE C 90 14.42 6.52 -21.51
N ARG C 91 15.44 5.79 -22.00
CA ARG C 91 15.96 4.64 -21.26
C ARG C 91 17.28 4.14 -21.88
N PRO C 92 18.16 3.55 -21.06
CA PRO C 92 19.43 3.01 -21.58
C PRO C 92 19.22 1.68 -22.30
N LYS C 93 19.98 1.43 -23.35
CA LYS C 93 19.79 0.21 -24.14
C LYS C 93 21.01 -0.69 -24.16
N ARG C 94 22.19 -0.10 -24.34
CA ARG C 94 23.41 -0.88 -24.39
C ARG C 94 24.60 -0.09 -23.87
N LEU C 95 25.71 -0.78 -23.65
CA LEU C 95 26.89 -0.11 -23.09
C LEU C 95 28.20 -0.68 -23.63
N ASN C 96 29.19 0.18 -23.82
CA ASN C 96 30.51 -0.28 -24.23
C ASN C 96 31.57 0.28 -23.30
N PHE C 97 32.13 -0.57 -22.44
CA PHE C 97 33.17 -0.22 -21.50
C PHE C 97 34.50 -0.76 -21.98
N LYS C 98 35.55 0.09 -21.91
CA LYS C 98 36.91 -0.28 -22.34
C LYS C 98 38.02 0.40 -21.51
N LEU C 99 39.14 -0.29 -21.30
CA LEU C 99 40.26 0.30 -20.56
C LEU C 99 41.52 0.24 -21.41
N PHE C 100 42.39 1.25 -21.29
CA PHE C 100 43.58 1.26 -22.13
C PHE C 100 44.65 2.28 -21.77
N ASN C 101 45.72 2.31 -22.55
CA ASN C 101 46.84 3.21 -22.26
C ASN C 101 47.25 3.02 -20.82
N ILE C 102 47.37 1.76 -20.42
CA ILE C 102 47.76 1.46 -19.05
C ILE C 102 49.21 1.82 -18.79
N GLN C 103 49.46 2.52 -17.69
CA GLN C 103 50.83 2.89 -17.34
C GLN C 103 51.06 2.58 -15.87
N VAL C 104 52.00 1.72 -15.58
CA VAL C 104 52.30 1.40 -14.19
C VAL C 104 53.60 2.05 -13.77
N LYS C 105 53.60 2.70 -12.61
CA LYS C 105 54.77 3.41 -12.17
C LYS C 105 55.22 2.98 -10.79
N GLU C 106 56.52 3.08 -10.54
CA GLU C 106 57.03 2.75 -9.21
C GLU C 106 57.35 4.07 -8.50
N VAL C 107 57.53 4.02 -7.19
CA VAL C 107 57.84 5.22 -6.43
C VAL C 107 59.09 4.98 -5.61
N THR C 108 60.13 5.75 -5.87
CA THR C 108 61.38 5.59 -5.13
C THR C 108 61.24 6.24 -3.76
N ASP C 109 60.98 7.53 -3.73
CA ASP C 109 60.87 8.26 -2.46
C ASP C 109 61.81 7.65 -1.43
N ASN C 110 63.10 7.68 -1.70
CA ASN C 110 64.06 7.06 -0.80
C ASN C 110 64.69 8.15 0.04
N ASN C 111 65.56 7.76 0.98
CA ASN C 111 66.24 8.74 1.86
C ASN C 111 65.78 10.17 1.65
N GLY C 112 64.52 10.48 1.99
CA GLY C 112 63.99 11.81 1.72
C GLY C 112 63.58 12.03 0.28
N VAL C 113 64.54 11.97 -0.65
CA VAL C 113 64.24 12.21 -2.07
C VAL C 113 63.16 11.29 -2.60
N LYS C 114 62.14 11.87 -3.25
CA LYS C 114 61.04 11.07 -3.79
C LYS C 114 61.08 11.05 -5.31
N THR C 115 61.18 9.86 -5.91
CA THR C 115 61.29 9.76 -7.36
C THR C 115 60.29 8.77 -7.95
N ILE C 116 59.99 8.93 -9.24
CA ILE C 116 59.02 8.05 -9.89
C ILE C 116 59.54 7.51 -11.21
N ALA C 117 59.46 6.20 -11.39
CA ALA C 117 59.88 5.60 -12.65
C ALA C 117 58.77 4.67 -13.13
N ASN C 118 58.89 4.20 -14.37
CA ASN C 118 57.89 3.27 -14.89
C ASN C 118 58.35 1.84 -14.79
N ASN C 119 57.43 0.95 -14.44
CA ASN C 119 57.77 -0.46 -14.41
C ASN C 119 57.18 -1.08 -15.66
N LEU C 120 57.93 -1.08 -16.74
CA LEU C 120 57.42 -1.61 -18.01
C LEU C 120 56.81 -2.98 -17.82
N THR C 121 57.32 -3.75 -16.86
CA THR C 121 56.71 -5.02 -16.56
C THR C 121 55.46 -4.68 -15.73
N SER C 122 55.29 -5.30 -14.57
CA SER C 122 54.13 -5.03 -13.68
C SER C 122 52.75 -5.25 -14.35
N THR C 123 51.72 -5.41 -13.56
CA THR C 123 50.43 -5.69 -14.19
C THR C 123 49.26 -5.13 -13.43
N VAL C 124 48.17 -4.89 -14.14
CA VAL C 124 46.96 -4.48 -13.47
C VAL C 124 45.97 -5.55 -13.82
N GLN C 125 45.23 -6.04 -12.85
CA GLN C 125 44.23 -7.07 -13.07
C GLN C 125 42.86 -6.42 -13.24
N VAL C 126 42.04 -6.97 -14.12
CA VAL C 126 40.72 -6.44 -14.35
C VAL C 126 39.72 -7.57 -14.56
N PHE C 127 38.56 -7.48 -13.94
CA PHE C 127 37.52 -8.49 -14.18
C PHE C 127 36.15 -7.93 -13.83
N THR C 128 35.14 -8.35 -14.59
CA THR C 128 33.78 -7.92 -14.30
C THR C 128 33.01 -9.02 -13.59
N ASP C 129 32.14 -8.64 -12.67
CA ASP C 129 31.32 -9.62 -11.97
C ASP C 129 30.06 -9.84 -12.78
N SER C 130 30.22 -10.35 -14.00
CA SER C 130 29.07 -10.56 -14.87
C SER C 130 28.10 -11.57 -14.29
N ASP C 131 28.57 -12.44 -13.40
CA ASP C 131 27.70 -13.44 -12.79
C ASP C 131 27.06 -12.90 -11.51
N TYR C 132 27.38 -11.66 -11.16
CA TYR C 132 26.80 -11.05 -9.96
C TYR C 132 27.00 -11.90 -8.71
N GLN C 133 28.22 -12.38 -8.51
CA GLN C 133 28.51 -13.22 -7.34
C GLN C 133 29.11 -12.43 -6.18
N LEU C 134 29.44 -11.17 -6.44
CA LEU C 134 29.99 -10.32 -5.38
C LEU C 134 28.95 -9.33 -4.89
N PRO C 135 29.09 -8.86 -3.64
CA PRO C 135 28.16 -7.83 -3.17
C PRO C 135 28.14 -6.64 -4.13
N TYR C 136 26.96 -6.15 -4.45
CA TYR C 136 26.84 -5.04 -5.41
C TYR C 136 26.76 -3.69 -4.70
N VAL C 137 27.78 -2.85 -4.88
CA VAL C 137 27.80 -1.58 -4.16
C VAL C 137 27.59 -0.37 -5.05
N LEU C 138 27.16 -0.60 -6.29
CA LEU C 138 26.98 0.50 -7.24
C LEU C 138 25.61 1.19 -7.12
N GLY C 139 24.71 0.61 -6.35
CA GLY C 139 23.38 1.19 -6.20
C GLY C 139 23.23 1.94 -4.90
N SER C 140 24.33 2.43 -4.34
CA SER C 140 24.27 3.11 -3.05
C SER C 140 24.70 4.56 -3.14
N ALA C 141 24.59 5.15 -4.33
CA ALA C 141 24.91 6.58 -4.49
C ALA C 141 26.25 6.96 -3.87
N HIS C 142 27.31 6.28 -4.29
CA HIS C 142 28.62 6.54 -3.69
C HIS C 142 29.42 7.50 -4.56
N GLU C 143 30.42 8.13 -3.94
CA GLU C 143 31.31 8.98 -4.70
C GLU C 143 32.31 8.09 -5.42
N GLY C 144 33.10 8.67 -6.31
CA GLY C 144 34.11 7.90 -7.02
C GLY C 144 33.78 7.70 -8.49
N CYS C 145 32.84 8.48 -9.01
CA CYS C 145 32.42 8.32 -10.40
C CYS C 145 33.28 9.06 -11.39
N LEU C 146 33.08 8.79 -12.69
CA LEU C 146 33.82 9.52 -13.71
C LEU C 146 33.43 10.98 -13.62
N PRO C 147 34.41 11.88 -13.50
CA PRO C 147 34.09 13.31 -13.32
C PRO C 147 33.22 13.85 -14.45
N PRO C 148 32.27 14.72 -14.11
CA PRO C 148 31.36 15.26 -15.13
C PRO C 148 32.17 16.02 -16.17
N PHE C 149 33.18 16.77 -15.74
CA PHE C 149 34.04 17.49 -16.67
C PHE C 149 35.09 16.55 -17.23
N PRO C 150 35.14 16.41 -18.56
CA PRO C 150 36.07 15.45 -19.19
C PRO C 150 37.54 15.69 -18.89
N ALA C 151 37.94 16.94 -18.64
CA ALA C 151 39.35 17.24 -18.42
C ALA C 151 39.83 16.84 -17.03
N ASP C 152 38.90 16.47 -16.15
CA ASP C 152 39.28 16.10 -14.79
C ASP C 152 39.85 14.69 -14.69
N VAL C 153 40.94 14.53 -13.93
CA VAL C 153 41.54 13.22 -13.73
C VAL C 153 41.07 12.68 -12.38
N PHE C 154 40.64 11.43 -12.33
CA PHE C 154 40.08 10.90 -11.09
C PHE C 154 40.79 9.67 -10.55
N MET C 155 40.51 9.38 -9.29
CA MET C 155 41.13 8.23 -8.65
C MET C 155 40.09 7.17 -8.43
N ILE C 156 40.43 5.92 -8.72
CA ILE C 156 39.47 4.84 -8.58
C ILE C 156 39.21 4.56 -7.11
N PRO C 157 37.91 4.48 -6.70
CA PRO C 157 37.60 4.16 -5.30
C PRO C 157 37.91 2.73 -4.90
N GLN C 158 38.07 2.47 -3.60
CA GLN C 158 38.36 1.13 -3.10
C GLN C 158 37.10 0.30 -2.90
N TYR C 159 37.15 -0.97 -3.29
CA TYR C 159 36.00 -1.84 -3.12
C TYR C 159 35.93 -2.47 -1.75
N GLY C 160 34.78 -2.38 -1.10
CA GLY C 160 34.58 -3.00 0.20
C GLY C 160 33.14 -3.47 0.27
N TYR C 161 32.84 -4.40 1.17
CA TYR C 161 31.49 -4.93 1.22
C TYR C 161 31.08 -5.29 2.64
N LEU C 162 29.78 -5.37 2.86
CA LEU C 162 29.27 -5.71 4.19
C LEU C 162 28.53 -7.02 4.16
N THR C 163 28.59 -7.77 5.26
CA THR C 163 27.85 -9.01 5.34
C THR C 163 27.01 -8.96 6.62
N LEU C 164 26.52 -10.10 7.08
CA LEU C 164 25.71 -10.14 8.29
C LEU C 164 26.50 -9.75 9.51
N ASN C 165 25.86 -9.11 10.49
CA ASN C 165 26.55 -8.73 11.70
C ASN C 165 25.68 -8.75 12.94
N ASP C 166 26.27 -9.09 14.07
CA ASP C 166 25.54 -9.02 15.32
C ASP C 166 26.39 -8.06 16.12
N GLY C 167 25.96 -6.81 16.22
CA GLY C 167 26.80 -5.82 16.86
C GLY C 167 27.99 -5.66 15.94
N SER C 168 29.19 -5.67 16.48
CA SER C 168 30.39 -5.59 15.66
C SER C 168 30.87 -6.99 15.32
N GLN C 169 30.17 -8.00 15.84
CA GLN C 169 30.60 -9.38 15.61
C GLN C 169 29.96 -10.01 14.40
N ALA C 170 30.57 -11.10 13.93
CA ALA C 170 30.01 -11.80 12.80
C ALA C 170 29.28 -13.06 13.25
N VAL C 171 28.46 -13.59 12.37
CA VAL C 171 27.74 -14.84 12.65
C VAL C 171 28.19 -15.90 11.65
N GLY C 172 27.80 -17.14 11.92
CA GLY C 172 28.15 -18.23 11.02
C GLY C 172 27.64 -18.06 9.62
N ARG C 173 26.54 -17.32 9.43
CA ARG C 173 25.98 -17.08 8.12
C ARG C 173 26.76 -16.03 7.32
N SER C 174 27.56 -15.22 7.99
CA SER C 174 28.31 -14.17 7.31
C SER C 174 29.20 -14.79 6.24
N SER C 175 29.39 -14.09 5.13
CA SER C 175 30.20 -14.62 4.04
C SER C 175 31.44 -13.81 3.79
N PHE C 176 32.58 -14.49 3.60
CA PHE C 176 33.79 -13.78 3.25
C PHE C 176 34.04 -14.00 1.77
N TYR C 177 34.21 -12.92 1.02
CA TYR C 177 34.46 -13.04 -0.40
C TYR C 177 35.88 -12.67 -0.76
N CYS C 178 36.57 -13.54 -1.50
CA CYS C 178 37.93 -13.20 -1.97
C CYS C 178 37.93 -12.94 -3.49
N LEU C 179 38.28 -11.73 -3.90
CA LEU C 179 38.21 -11.37 -5.33
C LEU C 179 39.21 -12.14 -6.18
N GLU C 180 40.23 -12.70 -5.55
CA GLU C 180 41.17 -13.51 -6.30
C GLU C 180 40.54 -14.86 -6.62
N TYR C 181 39.41 -15.21 -6.00
CA TYR C 181 38.74 -16.45 -6.37
C TYR C 181 37.94 -16.29 -7.66
N PHE C 182 38.07 -15.15 -8.32
CA PHE C 182 37.34 -14.89 -9.55
C PHE C 182 38.29 -14.84 -10.74
N PRO C 183 38.01 -15.52 -11.86
CA PRO C 183 39.01 -15.35 -12.94
C PRO C 183 39.21 -13.89 -13.39
N SER C 184 40.45 -13.46 -13.68
CA SER C 184 40.73 -12.07 -14.08
C SER C 184 41.83 -11.89 -15.14
N GLN C 185 41.79 -10.77 -15.85
CA GLN C 185 42.82 -10.48 -16.86
C GLN C 185 43.91 -9.56 -16.30
N MET C 186 45.16 -9.86 -16.62
CA MET C 186 46.28 -9.05 -16.17
C MET C 186 46.76 -8.27 -17.36
N LEU C 187 47.19 -7.04 -17.13
CA LEU C 187 47.53 -6.21 -18.28
C LEU C 187 48.83 -5.43 -18.25
N ARG C 188 49.74 -5.70 -19.15
CA ARG C 188 50.94 -4.87 -19.17
C ARG C 188 50.72 -3.63 -20.02
N THR C 189 51.66 -2.70 -19.99
CA THR C 189 51.55 -1.54 -20.84
C THR C 189 51.44 -2.05 -22.25
N GLY C 190 50.43 -1.62 -22.98
CA GLY C 190 50.23 -2.14 -24.32
C GLY C 190 49.02 -3.04 -24.39
N ASN C 191 48.60 -3.59 -23.26
CA ASN C 191 47.39 -4.42 -23.24
C ASN C 191 46.18 -3.56 -22.96
N ASN C 192 45.04 -3.92 -23.53
CA ASN C 192 43.82 -3.18 -23.27
C ASN C 192 42.68 -4.11 -22.87
N PHE C 193 41.60 -3.55 -22.35
CA PHE C 193 40.46 -4.36 -21.92
C PHE C 193 39.17 -3.78 -22.48
N GLN C 194 38.20 -4.64 -22.78
CA GLN C 194 36.94 -4.17 -23.33
C GLN C 194 35.80 -5.16 -23.10
N PHE C 195 34.61 -4.65 -22.86
CA PHE C 195 33.45 -5.52 -22.70
C PHE C 195 32.17 -4.76 -23.04
N SER C 196 31.18 -5.47 -23.53
CA SER C 196 29.93 -4.83 -23.89
C SER C 196 28.78 -5.41 -23.07
N TYR C 197 27.78 -4.59 -22.77
CA TYR C 197 26.66 -5.05 -21.98
C TYR C 197 25.36 -4.54 -22.57
N GLU C 198 24.34 -5.39 -22.63
CA GLU C 198 23.06 -5.02 -23.21
C GLU C 198 22.07 -4.68 -22.12
N PHE C 199 21.39 -3.55 -22.11
CA PHE C 199 20.50 -3.27 -20.98
C PHE C 199 19.21 -4.10 -21.01
N GLU C 200 18.67 -4.40 -19.84
CA GLU C 200 17.43 -5.20 -19.76
C GLU C 200 16.21 -4.36 -20.14
N ASN C 201 15.09 -5.01 -20.36
CA ASN C 201 13.90 -4.25 -20.66
C ASN C 201 13.51 -3.41 -19.46
N VAL C 202 13.65 -2.09 -19.58
CA VAL C 202 13.23 -1.20 -18.52
C VAL C 202 12.20 -0.23 -19.08
N PRO C 203 11.32 0.27 -18.22
CA PRO C 203 10.35 1.27 -18.69
C PRO C 203 11.05 2.58 -19.00
N PHE C 204 10.52 3.35 -19.95
CA PHE C 204 11.08 4.65 -20.22
C PHE C 204 10.87 5.53 -19.00
N HIS C 205 11.86 6.35 -18.66
CA HIS C 205 11.66 7.27 -17.56
C HIS C 205 10.68 8.36 -18.00
N SER C 206 9.78 8.76 -17.11
CA SER C 206 8.81 9.80 -17.44
C SER C 206 9.46 11.16 -17.38
N SER C 207 9.89 11.66 -18.54
CA SER C 207 10.51 12.98 -18.58
C SER C 207 9.45 14.01 -18.96
N TYR C 208 8.35 14.02 -18.22
CA TYR C 208 7.28 14.98 -18.48
C TYR C 208 6.53 15.29 -17.20
N ALA C 209 5.73 16.34 -17.21
CA ALA C 209 4.90 16.66 -16.06
C ALA C 209 3.46 16.69 -16.53
N HIS C 210 2.52 16.22 -15.71
CA HIS C 210 1.12 16.16 -16.18
C HIS C 210 0.46 17.53 -16.29
N SER C 211 -0.36 17.72 -17.32
CA SER C 211 -1.05 18.99 -17.50
C SER C 211 -2.44 18.94 -16.86
N GLN C 212 -2.73 17.85 -16.16
CA GLN C 212 -4.03 17.69 -15.51
C GLN C 212 -3.84 17.05 -14.14
N SER C 213 -4.82 17.21 -13.27
CA SER C 213 -4.75 16.59 -11.95
C SER C 213 -5.76 15.46 -11.81
N LEU C 214 -5.37 14.43 -11.06
CA LEU C 214 -6.26 13.27 -10.87
C LEU C 214 -7.66 13.69 -10.43
N ASP C 215 -7.76 14.73 -9.62
CA ASP C 215 -9.07 15.16 -9.11
C ASP C 215 -9.79 16.13 -10.05
N ARG C 216 -9.23 16.35 -11.24
CA ARG C 216 -9.84 17.27 -12.20
C ARG C 216 -9.86 16.70 -13.61
N LEU C 217 -10.39 15.49 -13.77
CA LEU C 217 -10.43 14.85 -15.09
C LEU C 217 -11.81 14.85 -15.70
N MET C 218 -12.78 15.43 -15.00
CA MET C 218 -14.15 15.41 -15.48
C MET C 218 -14.49 16.55 -16.42
N ASN C 219 -15.59 16.40 -17.14
CA ASN C 219 -16.05 17.49 -17.99
C ASN C 219 -16.67 18.58 -17.12
N PRO C 220 -16.19 19.82 -17.19
CA PRO C 220 -16.70 20.88 -16.31
C PRO C 220 -18.03 21.47 -16.75
N LEU C 221 -18.70 20.86 -17.72
CA LEU C 221 -19.95 21.41 -18.21
C LEU C 221 -21.10 20.46 -17.95
N ILE C 222 -20.80 19.19 -17.70
CA ILE C 222 -21.88 18.21 -17.56
C ILE C 222 -21.98 17.61 -16.16
N ASP C 223 -23.21 17.37 -15.71
CA ASP C 223 -23.43 16.76 -14.41
C ASP C 223 -23.15 15.28 -14.47
N GLN C 224 -23.08 14.63 -13.32
CA GLN C 224 -22.93 13.19 -13.30
C GLN C 224 -24.31 12.58 -13.18
N TYR C 225 -24.47 11.31 -13.51
CA TYR C 225 -25.75 10.67 -13.30
C TYR C 225 -25.70 9.99 -11.96
N LEU C 226 -24.80 10.45 -11.10
CA LEU C 226 -24.67 9.86 -9.77
C LEU C 226 -25.07 10.85 -8.68
N TYR C 227 -25.50 10.34 -7.54
CA TYR C 227 -25.92 11.21 -6.46
C TYR C 227 -25.04 11.04 -5.24
N TYR C 228 -25.04 12.04 -4.36
CA TYR C 228 -24.26 11.98 -3.15
C TYR C 228 -25.08 12.53 -1.99
N LEU C 229 -24.80 12.08 -0.79
CA LEU C 229 -25.53 12.56 0.38
C LEU C 229 -25.20 14.02 0.61
N SER C 230 -26.22 14.87 0.63
CA SER C 230 -26.00 16.30 0.78
C SER C 230 -26.33 16.83 2.17
N LYS C 231 -27.47 16.40 2.73
CA LYS C 231 -27.89 16.90 4.03
C LYS C 231 -28.30 15.75 4.92
N THR C 232 -28.40 15.98 6.23
CA THR C 232 -28.68 14.84 7.11
C THR C 232 -29.67 15.09 8.25
N ILE C 233 -29.90 16.35 8.62
CA ILE C 233 -30.75 16.60 9.79
C ILE C 233 -31.62 17.84 9.76
N ASN C 234 -32.16 18.16 8.59
CA ASN C 234 -33.02 19.34 8.44
C ASN C 234 -32.78 20.41 9.50
N GLY C 235 -31.52 20.81 9.66
CA GLY C 235 -31.19 21.84 10.63
C GLY C 235 -31.97 21.75 11.91
N SER C 236 -32.94 22.63 12.09
CA SER C 236 -33.75 22.66 13.32
C SER C 236 -32.87 22.36 14.53
N GLY C 237 -33.12 21.28 15.25
CA GLY C 237 -32.35 21.05 16.46
C GLY C 237 -33.14 20.44 17.59
N GLN C 238 -33.56 19.19 17.43
CA GLN C 238 -34.28 18.50 18.49
C GLN C 238 -34.11 17.01 18.27
N ASN C 239 -34.80 16.49 17.26
CA ASN C 239 -34.68 15.07 16.95
C ASN C 239 -35.10 14.95 15.51
N GLN C 240 -34.39 15.63 14.63
CA GLN C 240 -34.76 15.62 13.24
C GLN C 240 -33.67 15.04 12.36
N GLN C 241 -34.00 13.96 11.66
CA GLN C 241 -33.03 13.32 10.82
C GLN C 241 -33.59 13.20 9.41
N THR C 242 -32.72 13.18 8.41
CA THR C 242 -33.18 13.09 7.04
C THR C 242 -32.05 12.65 6.13
N LEU C 243 -32.39 12.24 4.92
CA LEU C 243 -31.36 11.87 3.96
C LEU C 243 -31.64 12.58 2.66
N LYS C 244 -30.89 13.65 2.40
CA LYS C 244 -31.07 14.41 1.17
C LYS C 244 -29.94 14.12 0.23
N PHE C 245 -30.27 13.93 -1.04
CA PHE C 245 -29.24 13.59 -2.02
C PHE C 245 -29.22 14.60 -3.14
N SER C 246 -28.08 14.72 -3.79
CA SER C 246 -27.96 15.69 -4.86
C SER C 246 -27.06 15.17 -5.96
N VAL C 247 -27.18 15.75 -7.15
CA VAL C 247 -26.34 15.32 -8.27
C VAL C 247 -24.96 15.93 -8.14
N ALA C 248 -23.92 15.12 -8.32
CA ALA C 248 -22.56 15.66 -8.30
C ALA C 248 -22.28 16.33 -9.64
N GLY C 249 -21.88 17.59 -9.61
CA GLY C 249 -21.62 18.33 -10.84
C GLY C 249 -20.48 19.33 -10.79
N PRO C 250 -20.37 20.18 -11.82
CA PRO C 250 -19.30 21.18 -11.90
C PRO C 250 -19.14 22.04 -10.64
N SER C 251 -20.25 22.39 -10.00
CA SER C 251 -20.18 23.23 -8.80
C SER C 251 -19.55 22.52 -7.61
N ASN C 252 -19.76 21.21 -7.51
CA ASN C 252 -19.19 20.46 -6.39
C ASN C 252 -18.30 19.33 -6.88
N MET C 253 -17.24 19.70 -7.59
CA MET C 253 -16.32 18.69 -8.10
C MET C 253 -15.78 17.82 -6.97
N ALA C 254 -15.59 18.41 -5.79
CA ALA C 254 -15.02 17.65 -4.68
C ALA C 254 -15.75 16.35 -4.38
N VAL C 255 -17.06 16.29 -4.63
CA VAL C 255 -17.76 15.07 -4.25
C VAL C 255 -18.10 14.19 -5.44
N GLN C 256 -17.60 14.50 -6.63
CA GLN C 256 -17.96 13.70 -7.78
C GLN C 256 -17.40 12.28 -7.69
N GLY C 257 -18.05 11.33 -8.36
CA GLY C 257 -17.54 9.96 -8.37
C GLY C 257 -16.28 9.87 -9.20
N ARG C 258 -15.31 9.06 -8.75
CA ARG C 258 -14.03 8.94 -9.46
C ARG C 258 -13.55 7.50 -9.62
N ASN C 259 -12.81 7.23 -10.68
CA ASN C 259 -12.33 5.87 -10.95
C ASN C 259 -10.94 5.57 -10.41
N TYR C 260 -10.14 6.61 -10.16
CA TYR C 260 -8.76 6.40 -9.69
C TYR C 260 -8.38 7.32 -8.52
N ILE C 261 -7.42 6.91 -7.69
CA ILE C 261 -7.09 7.66 -6.50
C ILE C 261 -5.58 7.83 -6.44
N PRO C 262 -5.09 8.78 -5.61
CA PRO C 262 -3.65 9.03 -5.63
C PRO C 262 -2.82 7.88 -5.08
N GLY C 263 -1.53 7.86 -5.40
CA GLY C 263 -0.66 6.79 -4.94
C GLY C 263 -0.42 6.72 -3.45
N PRO C 264 0.29 5.67 -2.99
CA PRO C 264 0.55 5.48 -1.55
C PRO C 264 1.40 6.58 -0.94
N SER C 265 1.49 6.60 0.39
CA SER C 265 2.27 7.63 1.08
C SER C 265 2.87 7.19 2.40
N TYR C 266 3.89 7.91 2.87
CA TYR C 266 4.51 7.63 4.18
C TYR C 266 4.90 8.97 4.78
N ARG C 267 4.00 9.60 5.52
CA ARG C 267 4.24 10.97 6.04
C ARG C 267 5.67 11.33 6.48
N GLN C 268 6.14 12.50 6.07
CA GLN C 268 7.45 12.99 6.49
C GLN C 268 7.27 14.32 7.22
N GLN C 269 8.25 14.69 8.04
CA GLN C 269 8.19 15.96 8.75
C GLN C 269 8.47 17.12 7.80
N ARG C 270 7.89 18.28 8.10
CA ARG C 270 8.01 19.45 7.25
C ARG C 270 9.07 20.39 7.80
N VAL C 271 10.00 20.80 6.95
CA VAL C 271 11.09 21.70 7.33
C VAL C 271 11.07 22.90 6.40
N SER C 272 11.24 24.10 6.97
CA SER C 272 11.24 25.34 6.23
C SER C 272 12.65 25.86 6.03
N THR C 273 12.97 26.26 4.81
CA THR C 273 14.29 26.81 4.51
C THR C 273 14.53 28.16 5.16
N THR C 274 13.45 28.79 5.62
CA THR C 274 13.57 30.03 6.39
C THR C 274 13.56 29.63 7.84
N VAL C 275 14.74 29.55 8.46
CA VAL C 275 14.82 29.07 9.84
C VAL C 275 14.28 30.04 10.87
N THR C 276 12.97 30.10 11.01
CA THR C 276 12.35 30.97 12.00
C THR C 276 11.00 30.38 12.33
N GLN C 277 10.40 29.71 11.36
CA GLN C 277 9.08 29.13 11.57
C GLN C 277 9.23 27.65 11.79
N ASN C 278 10.44 27.21 12.06
CA ASN C 278 10.69 25.77 12.21
C ASN C 278 10.29 25.24 13.58
N ASN C 279 11.05 25.57 14.63
CA ASN C 279 10.78 25.13 16.00
C ASN C 279 12.10 25.14 16.73
N ASN C 280 12.13 25.72 17.93
CA ASN C 280 13.39 25.83 18.64
C ASN C 280 13.77 24.53 19.34
N SER C 281 14.00 23.48 18.56
CA SER C 281 14.39 22.20 19.14
C SER C 281 15.11 21.33 18.14
N GLU C 282 15.87 20.36 18.61
CA GLU C 282 16.57 19.44 17.71
C GLU C 282 15.64 18.29 17.32
N PHE C 283 15.30 18.19 16.05
CA PHE C 283 14.35 17.16 15.63
C PHE C 283 14.81 16.36 14.42
N ALA C 284 15.98 16.70 13.88
CA ALA C 284 16.47 16.01 12.69
C ALA C 284 16.19 14.51 12.76
N TRP C 285 16.71 13.86 13.78
CA TRP C 285 16.44 12.43 13.96
C TRP C 285 15.15 12.14 14.75
N PRO C 286 14.95 12.83 15.88
CA PRO C 286 13.73 12.62 16.68
C PRO C 286 12.44 12.53 15.83
N GLY C 287 12.29 13.39 14.83
CA GLY C 287 11.11 13.36 14.00
C GLY C 287 11.42 13.09 12.55
N ALA C 288 12.28 12.11 12.28
CA ALA C 288 12.71 11.87 10.89
C ALA C 288 11.90 10.89 10.04
N SER C 289 11.04 10.08 10.63
CA SER C 289 10.30 9.03 9.88
C SER C 289 11.27 7.96 9.43
N SER C 290 11.06 6.73 9.88
CA SER C 290 12.00 5.66 9.56
C SER C 290 11.38 4.27 9.53
N TRP C 291 12.21 3.25 9.31
CA TRP C 291 11.74 1.88 9.33
C TRP C 291 12.72 1.01 10.10
N ALA C 292 12.28 -0.17 10.53
CA ALA C 292 13.15 -1.01 11.34
C ALA C 292 13.45 -2.37 10.71
N LEU C 293 14.66 -2.86 10.94
CA LEU C 293 15.04 -4.16 10.42
C LEU C 293 15.87 -4.88 11.48
N ASN C 294 15.41 -6.05 11.92
CA ASN C 294 16.13 -6.81 12.94
C ASN C 294 16.65 -5.92 14.06
N GLY C 295 15.81 -5.05 14.60
CA GLY C 295 16.21 -4.22 15.72
C GLY C 295 16.99 -2.97 15.39
N ARG C 296 17.28 -2.76 14.12
CA ARG C 296 18.02 -1.57 13.71
C ARG C 296 17.13 -0.61 12.95
N ASN C 297 17.24 0.68 13.24
CA ASN C 297 16.41 1.67 12.56
C ASN C 297 17.15 2.36 11.43
N SER C 298 16.46 2.56 10.32
CA SER C 298 17.06 3.26 9.18
C SER C 298 16.10 4.32 8.69
N LEU C 299 16.61 5.51 8.42
CA LEU C 299 15.74 6.61 7.99
C LEU C 299 14.96 6.34 6.71
N MET C 300 13.86 7.06 6.52
CA MET C 300 13.10 6.92 5.29
C MET C 300 13.66 7.84 4.22
N ASN C 301 14.95 7.72 3.93
CA ASN C 301 15.54 8.56 2.92
C ASN C 301 14.77 8.36 1.64
N PRO C 302 14.70 9.40 0.77
CA PRO C 302 13.84 9.28 -0.41
C PRO C 302 12.96 8.04 -0.39
N GLY C 303 12.03 7.98 0.54
CA GLY C 303 11.11 6.86 0.59
C GLY C 303 10.14 6.95 -0.58
N PRO C 304 8.85 6.65 -0.35
CA PRO C 304 7.97 6.70 -1.53
C PRO C 304 7.97 8.05 -2.24
N ALA C 305 7.73 8.04 -3.55
CA ALA C 305 7.68 9.29 -4.30
C ALA C 305 6.44 10.08 -3.93
N MET C 306 6.64 11.24 -3.30
CA MET C 306 5.52 12.09 -2.91
C MET C 306 5.79 13.53 -3.28
N ALA C 307 4.74 14.29 -3.58
CA ALA C 307 4.91 15.70 -3.90
C ALA C 307 5.66 16.40 -2.77
N SER C 308 6.73 17.10 -3.11
CA SER C 308 7.56 17.75 -2.09
C SER C 308 6.79 18.71 -1.18
N HIS C 309 5.86 19.47 -1.75
CA HIS C 309 5.11 20.44 -0.96
C HIS C 309 3.86 20.94 -1.67
N LYS C 310 2.97 21.55 -0.92
CA LYS C 310 1.74 22.08 -1.51
C LYS C 310 2.05 23.23 -2.44
N GLU C 311 1.20 23.44 -3.43
CA GLU C 311 1.40 24.54 -4.39
C GLU C 311 1.87 25.82 -3.71
N GLY C 312 3.01 26.35 -4.16
CA GLY C 312 3.50 27.60 -3.61
C GLY C 312 4.10 27.52 -2.21
N GLU C 313 4.52 26.33 -1.80
CA GLU C 313 5.15 26.18 -0.50
C GLU C 313 6.59 25.70 -0.64
N ASP C 314 7.30 26.26 -1.61
CA ASP C 314 8.67 25.81 -1.87
C ASP C 314 9.55 25.91 -0.63
N ARG C 315 9.33 26.92 0.20
CA ARG C 315 10.10 27.08 1.41
C ARG C 315 10.11 25.79 2.22
N PHE C 316 9.15 24.91 1.95
CA PHE C 316 9.06 23.67 2.71
C PHE C 316 9.65 22.46 2.02
N PHE C 317 10.18 21.54 2.80
CA PHE C 317 10.71 20.29 2.23
C PHE C 317 10.62 19.16 3.23
N PRO C 318 10.33 17.92 2.75
CA PRO C 318 10.29 16.81 3.70
C PRO C 318 11.65 16.55 4.34
N LEU C 319 11.66 16.31 5.63
CA LEU C 319 12.92 16.09 6.35
C LEU C 319 13.91 15.19 5.60
N SER C 320 13.47 14.01 5.22
CA SER C 320 14.36 13.08 4.52
C SER C 320 13.66 12.49 3.30
N GLY C 321 12.84 13.29 2.63
CA GLY C 321 12.11 12.80 1.48
C GLY C 321 12.61 13.31 0.13
N SER C 322 13.63 14.18 0.16
CA SER C 322 14.16 14.75 -1.07
C SER C 322 15.65 14.46 -1.25
N LEU C 323 16.14 14.57 -2.48
CA LEU C 323 17.57 14.39 -2.70
C LEU C 323 18.27 15.72 -2.48
N ILE C 324 19.39 15.69 -1.78
CA ILE C 324 20.13 16.90 -1.49
C ILE C 324 21.55 16.73 -2.02
N PHE C 325 21.94 17.56 -2.98
CA PHE C 325 23.29 17.55 -3.53
C PHE C 325 24.11 18.67 -2.92
N GLY C 326 25.43 18.50 -2.98
CA GLY C 326 26.36 19.49 -2.46
C GLY C 326 26.95 20.31 -3.60
N LYS C 327 27.07 21.61 -3.35
CA LYS C 327 27.66 22.50 -4.35
C LYS C 327 29.17 22.25 -4.41
N GLN C 328 29.78 22.76 -5.49
CA GLN C 328 31.20 22.56 -5.71
C GLN C 328 32.00 23.13 -4.55
N GLY C 329 32.93 22.34 -4.01
CA GLY C 329 33.78 22.76 -2.93
C GLY C 329 33.16 22.68 -1.55
N THR C 330 31.91 22.21 -1.44
CA THR C 330 31.24 22.14 -0.16
C THR C 330 31.92 21.12 0.74
N GLY C 331 31.91 21.39 2.05
CA GLY C 331 32.46 20.46 3.02
C GLY C 331 31.57 19.25 3.19
N ARG C 332 31.98 18.39 4.11
CA ARG C 332 31.27 17.14 4.36
C ARG C 332 30.56 17.07 5.70
N ASP C 333 30.84 18.01 6.61
CA ASP C 333 30.29 17.96 7.96
C ASP C 333 29.65 19.30 8.30
N ASN C 334 28.35 19.27 8.61
CA ASN C 334 27.62 20.42 9.16
C ASN C 334 27.84 21.67 8.32
N VAL C 335 27.36 21.63 7.08
CA VAL C 335 27.43 22.75 6.18
C VAL C 335 26.08 23.47 6.19
N ASP C 336 26.09 24.72 5.75
CA ASP C 336 24.88 25.54 5.76
C ASP C 336 23.99 25.20 4.55
N ALA C 337 22.74 25.63 4.64
CA ALA C 337 21.78 25.35 3.57
C ALA C 337 22.20 25.96 2.25
N ASP C 338 22.86 27.11 2.27
CA ASP C 338 23.30 27.75 1.03
C ASP C 338 24.41 26.97 0.33
N LYS C 339 25.01 25.99 0.99
CA LYS C 339 26.08 25.19 0.39
C LYS C 339 25.57 23.92 -0.26
N VAL C 340 24.27 23.64 -0.21
CA VAL C 340 23.71 22.43 -0.78
C VAL C 340 22.54 22.81 -1.67
N MET C 341 22.13 21.86 -2.51
CA MET C 341 21.00 22.07 -3.40
C MET C 341 19.94 21.00 -3.14
N ILE C 342 18.81 21.40 -2.55
CA ILE C 342 17.75 20.44 -2.24
C ILE C 342 16.78 20.30 -3.41
N THR C 343 16.68 19.10 -3.95
CA THR C 343 15.78 18.87 -5.07
C THR C 343 14.34 18.83 -4.59
N ASN C 344 13.40 18.90 -5.52
CA ASN C 344 12.00 18.79 -5.14
C ASN C 344 11.24 18.01 -6.20
N GLU C 345 10.00 17.64 -5.89
CA GLU C 345 9.22 16.84 -6.82
C GLU C 345 7.84 17.41 -7.01
N GLU C 346 7.73 18.73 -7.11
CA GLU C 346 6.41 19.34 -7.23
C GLU C 346 5.69 18.92 -8.52
N GLU C 347 6.43 18.45 -9.53
CA GLU C 347 5.79 18.08 -10.78
C GLU C 347 4.82 16.91 -10.60
N ILE C 348 5.07 16.05 -9.63
CA ILE C 348 4.23 14.86 -9.42
C ILE C 348 3.08 15.15 -8.45
N LYS C 349 2.85 16.41 -8.11
CA LYS C 349 1.74 16.74 -7.23
C LYS C 349 0.38 16.51 -7.88
N THR C 350 0.34 16.28 -9.20
CA THR C 350 -0.92 16.04 -9.86
C THR C 350 -1.46 14.64 -9.57
N THR C 351 -0.58 13.70 -9.22
CA THR C 351 -0.98 12.33 -8.95
C THR C 351 -0.51 11.78 -7.61
N ASN C 352 0.60 12.27 -7.06
CA ASN C 352 1.09 11.75 -5.80
C ASN C 352 0.72 12.67 -4.65
N PRO C 353 0.43 12.14 -3.48
CA PRO C 353 0.10 12.98 -2.33
C PRO C 353 1.30 13.77 -1.85
N VAL C 354 1.02 14.90 -1.20
CA VAL C 354 2.07 15.74 -0.67
C VAL C 354 2.82 14.98 0.43
N ALA C 355 4.15 15.04 0.38
CA ALA C 355 4.97 14.25 1.30
C ALA C 355 4.76 14.65 2.76
N THR C 356 4.38 15.89 3.04
CA THR C 356 4.25 16.38 4.40
C THR C 356 2.80 16.50 4.84
N GLU C 357 1.89 15.82 4.16
CA GLU C 357 0.46 15.87 4.48
C GLU C 357 -0.08 14.47 4.65
N SER C 358 -1.13 14.35 5.45
CA SER C 358 -1.82 13.08 5.62
C SER C 358 -2.50 12.68 4.31
N TYR C 359 -2.57 11.38 4.05
CA TYR C 359 -3.18 10.90 2.83
C TYR C 359 -4.64 11.32 2.73
N GLY C 360 -5.37 11.20 3.82
CA GLY C 360 -6.76 11.56 3.84
C GLY C 360 -7.40 11.29 5.18
N GLN C 361 -8.72 11.14 5.17
CA GLN C 361 -9.48 10.85 6.37
C GLN C 361 -10.25 9.55 6.20
N VAL C 362 -10.54 8.90 7.31
CA VAL C 362 -11.25 7.63 7.32
C VAL C 362 -12.13 7.57 8.56
N ALA C 363 -13.31 6.97 8.39
CA ALA C 363 -14.23 6.83 9.51
C ALA C 363 -13.65 5.87 10.56
N THR C 364 -13.99 6.13 11.81
CA THR C 364 -13.45 5.35 12.92
C THR C 364 -14.49 4.82 13.88
N ASN C 365 -15.78 4.97 13.59
CA ASN C 365 -16.83 4.49 14.49
C ASN C 365 -18.15 4.44 13.72
N HIS C 366 -19.21 4.07 14.44
CA HIS C 366 -20.56 4.05 13.90
C HIS C 366 -21.36 5.18 14.54
N GLN C 367 -21.79 6.13 13.73
CA GLN C 367 -22.66 7.19 14.20
C GLN C 367 -24.09 6.66 14.34
N SER C 368 -24.73 7.02 15.46
CA SER C 368 -26.06 6.49 15.73
C SER C 368 -26.79 7.44 16.67
N ALA C 369 -28.11 7.33 16.71
CA ALA C 369 -28.85 8.13 17.67
C ALA C 369 -28.81 7.40 19.00
N GLN C 370 -29.35 8.01 20.05
CA GLN C 370 -29.32 7.38 21.36
C GLN C 370 -30.27 6.20 21.39
N TRP C 371 -31.47 6.39 20.87
CA TRP C 371 -32.50 5.33 20.85
C TRP C 371 -31.92 4.00 20.39
N PRO C 372 -31.12 4.02 19.31
CA PRO C 372 -30.44 2.77 18.94
C PRO C 372 -29.70 2.26 20.15
N THR C 373 -29.99 1.03 20.59
CA THR C 373 -29.39 0.46 21.80
C THR C 373 -30.08 0.98 23.06
N SER C 374 -29.85 2.23 23.42
CA SER C 374 -30.43 2.75 24.67
C SER C 374 -30.32 4.26 24.77
N TYR C 375 -29.31 4.74 25.52
CA TYR C 375 -29.07 6.16 25.69
C TYR C 375 -27.57 6.43 25.53
N ASP C 376 -26.96 5.89 24.48
CA ASP C 376 -25.55 6.13 24.21
C ASP C 376 -25.34 7.20 23.14
N ALA C 377 -25.89 6.99 21.94
CA ALA C 377 -25.71 7.95 20.85
C ALA C 377 -24.24 8.08 20.48
N ALA C 378 -23.95 8.61 19.29
CA ALA C 378 -22.57 8.81 18.88
C ALA C 378 -22.49 9.70 17.65
N GLN C 379 -21.51 10.59 17.62
CA GLN C 379 -21.30 11.47 16.48
C GLN C 379 -20.25 10.90 15.55
N ALA C 380 -20.42 11.16 14.25
CA ALA C 380 -19.49 10.66 13.25
C ALA C 380 -18.08 11.17 13.52
N GLN C 381 -17.13 10.24 13.56
CA GLN C 381 -15.74 10.56 13.88
C GLN C 381 -14.83 10.03 12.77
N THR C 382 -13.78 10.78 12.48
CA THR C 382 -12.81 10.42 11.46
C THR C 382 -11.40 10.49 12.04
N GLY C 383 -10.49 9.79 11.39
CA GLY C 383 -9.09 9.79 11.82
C GLY C 383 -8.18 9.98 10.62
N TRP C 384 -7.04 10.62 10.89
CA TRP C 384 -6.07 10.90 9.84
C TRP C 384 -5.34 9.64 9.43
N VAL C 385 -5.03 9.53 8.14
CA VAL C 385 -4.26 8.42 7.60
C VAL C 385 -2.85 8.93 7.33
N GLN C 386 -1.90 8.55 8.18
CA GLN C 386 -0.53 9.03 8.06
C GLN C 386 0.21 8.24 6.98
N ASN C 387 0.19 6.91 7.08
CA ASN C 387 0.83 6.05 6.09
C ASN C 387 -0.25 5.20 5.44
N GLN C 388 -0.36 5.29 4.12
CA GLN C 388 -1.34 4.50 3.39
C GLN C 388 -0.62 3.58 2.40
N GLY C 389 -0.99 2.29 2.43
CA GLY C 389 -0.37 1.33 1.54
C GLY C 389 -0.87 1.43 0.12
N ILE C 390 -0.87 0.31 -0.60
CA ILE C 390 -1.31 0.27 -1.99
C ILE C 390 -2.72 -0.27 -2.03
N LEU C 391 -3.59 0.41 -2.78
CA LEU C 391 -4.97 -0.01 -2.96
C LEU C 391 -5.27 -0.14 -4.45
N PRO C 392 -6.21 -1.01 -4.82
CA PRO C 392 -6.58 -1.12 -6.23
C PRO C 392 -7.09 0.21 -6.74
N GLY C 393 -6.73 0.52 -7.99
CA GLY C 393 -7.08 1.79 -8.59
C GLY C 393 -6.15 2.94 -8.28
N MET C 394 -5.06 2.69 -7.55
CA MET C 394 -4.11 3.74 -7.26
C MET C 394 -3.26 4.06 -8.49
N VAL C 395 -2.84 5.32 -8.58
CA VAL C 395 -1.98 5.78 -9.68
C VAL C 395 -0.95 6.73 -9.11
N TRP C 396 0.29 6.63 -9.59
CA TRP C 396 1.36 7.45 -9.05
C TRP C 396 2.46 7.59 -10.07
N GLN C 397 3.33 8.57 -9.84
CA GLN C 397 4.52 8.79 -10.65
C GLN C 397 5.76 8.46 -9.84
N ASP C 398 6.84 8.11 -10.53
CA ASP C 398 8.09 7.73 -9.88
C ASP C 398 8.98 8.95 -9.68
N ARG C 399 10.03 8.76 -8.90
CA ARG C 399 10.98 9.84 -8.62
C ARG C 399 11.66 10.29 -9.91
N ASP C 400 11.87 11.60 -10.02
CA ASP C 400 12.56 12.15 -11.17
C ASP C 400 14.06 11.87 -11.09
N VAL C 401 14.69 11.85 -12.26
CA VAL C 401 16.13 11.68 -12.36
C VAL C 401 16.76 13.05 -12.60
N TYR C 402 18.04 13.15 -12.25
CA TYR C 402 18.77 14.40 -12.35
C TYR C 402 20.12 14.16 -13.01
N LEU C 403 20.66 15.23 -13.62
CA LEU C 403 21.94 15.11 -14.30
C LEU C 403 23.03 14.62 -13.36
N GLN C 404 22.91 14.93 -12.07
CA GLN C 404 23.87 14.47 -11.07
C GLN C 404 23.39 13.25 -10.30
N GLY C 405 22.21 12.71 -10.63
CA GLY C 405 21.64 11.62 -9.88
C GLY C 405 22.04 10.25 -10.42
N PRO C 406 21.63 9.20 -9.72
CA PRO C 406 21.96 7.84 -10.15
C PRO C 406 21.17 7.46 -11.40
N ILE C 407 21.68 6.44 -12.10
CA ILE C 407 21.07 5.98 -13.33
C ILE C 407 20.26 4.71 -13.06
N TRP C 408 20.93 3.67 -12.56
CA TRP C 408 20.30 2.37 -12.36
C TRP C 408 20.58 1.86 -10.95
N ALA C 409 19.95 0.73 -10.63
CA ALA C 409 20.18 0.03 -9.38
C ALA C 409 19.85 -1.43 -9.57
N LYS C 410 20.42 -2.27 -8.72
CA LYS C 410 20.19 -3.72 -8.79
C LYS C 410 19.03 -4.08 -7.89
N ILE C 411 17.99 -4.67 -8.47
CA ILE C 411 16.85 -5.12 -7.69
C ILE C 411 17.29 -6.25 -6.75
N PRO C 412 17.05 -6.15 -5.45
CA PRO C 412 17.47 -7.22 -4.54
C PRO C 412 16.87 -8.55 -4.96
N HIS C 413 17.68 -9.60 -4.84
CA HIS C 413 17.27 -10.95 -5.22
C HIS C 413 16.44 -11.54 -4.09
N THR C 414 15.13 -11.30 -4.15
CA THR C 414 14.20 -11.75 -3.13
C THR C 414 13.04 -12.48 -3.79
N ASP C 415 12.24 -13.14 -2.96
CA ASP C 415 11.09 -13.89 -3.47
C ASP C 415 10.06 -12.96 -4.12
N GLY C 416 9.80 -11.82 -3.49
CA GLY C 416 8.78 -10.92 -3.99
C GLY C 416 9.19 -9.48 -3.85
N ASN C 417 8.64 -8.65 -4.74
CA ASN C 417 8.84 -7.20 -4.70
C ASN C 417 7.71 -6.53 -5.45
N PHE C 418 7.52 -5.25 -5.20
CA PHE C 418 6.47 -4.48 -5.86
C PHE C 418 7.06 -3.23 -6.47
N HIS C 419 6.80 -3.02 -7.76
CA HIS C 419 7.26 -1.85 -8.49
C HIS C 419 8.72 -1.58 -8.18
N PRO C 420 9.63 -2.42 -8.65
CA PRO C 420 11.04 -2.29 -8.23
C PRO C 420 11.77 -1.14 -8.89
N SER C 421 11.15 0.02 -8.91
CA SER C 421 11.85 1.22 -9.35
C SER C 421 12.64 1.79 -8.17
N PRO C 422 13.95 2.03 -8.34
CA PRO C 422 14.76 2.49 -7.21
C PRO C 422 14.17 3.76 -6.61
N LEU C 423 14.13 3.82 -5.27
CA LEU C 423 13.51 4.95 -4.60
C LEU C 423 14.31 6.24 -4.76
N MET C 424 15.60 6.14 -5.06
CA MET C 424 16.40 7.32 -5.34
C MET C 424 16.32 7.76 -6.79
N GLY C 425 15.59 7.04 -7.63
CA GLY C 425 15.43 7.39 -9.01
C GLY C 425 16.29 6.52 -9.91
N GLY C 426 15.85 6.36 -11.15
CA GLY C 426 16.57 5.58 -12.13
C GLY C 426 15.80 4.35 -12.59
N PHE C 427 16.54 3.40 -13.14
CA PHE C 427 15.99 2.17 -13.68
C PHE C 427 16.42 1.00 -12.79
N GLY C 428 15.45 0.20 -12.33
CA GLY C 428 15.75 -0.98 -11.55
C GLY C 428 15.84 -2.20 -12.45
N MET C 429 16.96 -2.92 -12.33
CA MET C 429 17.21 -4.09 -13.16
C MET C 429 17.64 -5.25 -12.30
N LYS C 430 17.16 -6.45 -12.64
CA LYS C 430 17.60 -7.65 -11.95
C LYS C 430 19.08 -7.93 -12.25
N HIS C 431 19.52 -7.62 -13.46
CA HIS C 431 20.91 -7.81 -13.89
C HIS C 431 21.42 -6.48 -14.45
N PRO C 432 21.77 -5.54 -13.58
CA PRO C 432 22.28 -4.25 -14.05
C PRO C 432 23.70 -4.39 -14.58
N PRO C 433 24.29 -3.30 -15.06
CA PRO C 433 25.68 -3.35 -15.52
C PRO C 433 26.58 -3.98 -14.47
N PRO C 434 27.35 -4.99 -14.84
CA PRO C 434 28.17 -5.69 -13.85
C PRO C 434 29.26 -4.79 -13.30
N GLN C 435 29.61 -5.04 -12.04
CA GLN C 435 30.70 -4.31 -11.41
C GLN C 435 32.02 -4.64 -12.08
N ILE C 436 32.87 -3.63 -12.19
CA ILE C 436 34.16 -3.76 -12.87
C ILE C 436 35.24 -3.57 -11.80
N LEU C 437 35.84 -4.67 -11.37
CA LEU C 437 36.83 -4.66 -10.31
C LEU C 437 38.23 -4.47 -10.88
N ILE C 438 39.08 -3.66 -10.25
CA ILE C 438 40.43 -3.42 -10.77
C ILE C 438 41.51 -3.36 -9.69
N LYS C 439 42.70 -3.90 -9.97
CA LYS C 439 43.77 -3.93 -8.97
C LYS C 439 45.19 -4.01 -9.52
N ASN C 440 46.13 -3.31 -8.89
CA ASN C 440 47.53 -3.41 -9.30
C ASN C 440 48.11 -4.70 -8.74
N THR C 441 48.75 -5.49 -9.59
CA THR C 441 49.37 -6.74 -9.15
C THR C 441 50.56 -6.45 -8.24
N PRO C 442 50.54 -7.00 -7.02
CA PRO C 442 51.63 -6.77 -6.08
C PRO C 442 52.96 -7.22 -6.65
N VAL C 443 54.01 -6.45 -6.38
CA VAL C 443 55.33 -6.80 -6.86
C VAL C 443 56.30 -6.86 -5.69
N PRO C 444 56.71 -8.07 -5.30
CA PRO C 444 57.61 -8.22 -4.15
C PRO C 444 58.92 -7.47 -4.32
N ALA C 445 59.44 -6.92 -3.23
CA ALA C 445 60.70 -6.19 -3.28
C ALA C 445 61.87 -7.15 -3.49
N ASP C 446 62.59 -7.47 -2.42
CA ASP C 446 63.70 -8.40 -2.51
C ASP C 446 63.63 -9.39 -1.37
N PRO C 447 63.43 -10.68 -1.69
CA PRO C 447 63.30 -11.68 -0.63
C PRO C 447 64.64 -12.08 -0.04
N PRO C 448 64.61 -12.73 1.14
CA PRO C 448 65.85 -13.19 1.77
C PRO C 448 66.50 -14.31 0.97
N THR C 449 67.80 -14.51 1.18
CA THR C 449 68.51 -15.57 0.49
C THR C 449 68.33 -16.91 1.19
N ALA C 450 67.60 -16.92 2.31
CA ALA C 450 67.32 -18.16 3.01
C ALA C 450 65.82 -18.37 3.04
N PHE C 451 65.37 -19.56 2.71
CA PHE C 451 63.93 -19.80 2.65
C PHE C 451 63.26 -19.42 3.95
N ASN C 452 62.24 -18.58 3.86
CA ASN C 452 61.50 -18.21 5.05
C ASN C 452 60.41 -19.23 5.20
N LYS C 453 59.17 -18.83 4.87
CA LYS C 453 58.01 -19.70 4.99
C LYS C 453 56.76 -18.83 4.94
N ASP C 454 56.80 -17.70 5.65
CA ASP C 454 55.64 -16.81 5.73
C ASP C 454 55.37 -16.00 4.49
N LYS C 455 54.17 -15.43 4.39
CA LYS C 455 53.87 -14.58 3.24
C LYS C 455 54.77 -13.35 3.17
N LEU C 456 55.00 -12.86 1.96
CA LEU C 456 55.86 -11.69 1.79
C LEU C 456 55.13 -10.43 2.16
N ASN C 457 55.78 -9.58 2.96
CA ASN C 457 55.18 -8.30 3.30
C ASN C 457 56.07 -7.22 2.75
N SER C 458 57.25 -7.53 2.25
CA SER C 458 58.04 -6.47 1.57
C SER C 458 57.66 -6.32 0.07
N PHE C 459 57.15 -5.15 -0.34
CA PHE C 459 56.72 -4.94 -1.73
C PHE C 459 57.18 -3.61 -2.36
N ILE C 460 57.41 -3.58 -3.67
CA ILE C 460 57.77 -2.31 -4.31
C ILE C 460 56.56 -1.36 -4.39
N THR C 461 56.79 -0.08 -4.11
CA THR C 461 55.69 0.89 -4.10
C THR C 461 55.29 1.33 -5.49
N GLN C 462 54.09 0.98 -5.91
CA GLN C 462 53.67 1.30 -7.27
C GLN C 462 52.25 1.83 -7.38
N TYR C 463 51.92 2.40 -8.52
CA TYR C 463 50.55 2.86 -8.77
C TYR C 463 50.35 2.84 -10.27
N SER C 464 49.11 2.91 -10.70
CA SER C 464 48.83 2.84 -12.14
C SER C 464 47.91 3.94 -12.61
N THR C 465 47.98 4.24 -13.90
CA THR C 465 47.11 5.25 -14.46
C THR C 465 46.78 4.82 -15.88
N GLY C 466 45.72 5.39 -16.44
CA GLY C 466 45.33 5.03 -17.78
C GLY C 466 44.05 5.72 -18.19
N GLN C 467 43.56 5.39 -19.37
CA GLN C 467 42.32 5.98 -19.82
C GLN C 467 41.19 4.97 -19.72
N VAL C 468 39.97 5.46 -19.61
CA VAL C 468 38.82 4.58 -19.57
C VAL C 468 37.74 5.20 -20.44
N SER C 469 37.05 4.37 -21.22
CA SER C 469 35.98 4.89 -22.05
C SER C 469 34.70 4.11 -21.83
N VAL C 470 33.58 4.82 -21.81
CA VAL C 470 32.29 4.16 -21.66
C VAL C 470 31.32 4.76 -22.67
N GLU C 471 30.59 3.91 -23.38
CA GLU C 471 29.63 4.39 -24.35
C GLU C 471 28.28 3.79 -24.07
N ILE C 472 27.24 4.61 -24.08
CA ILE C 472 25.91 4.11 -23.80
C ILE C 472 24.91 4.58 -24.83
N GLU C 473 24.17 3.65 -25.41
CA GLU C 473 23.13 4.03 -26.34
C GLU C 473 21.82 4.17 -25.58
N TRP C 474 21.14 5.29 -25.75
CA TRP C 474 19.89 5.52 -25.05
C TRP C 474 18.72 5.61 -26.03
N GLU C 475 17.62 4.92 -25.72
CA GLU C 475 16.43 5.02 -26.56
C GLU C 475 15.56 6.20 -26.16
N LEU C 476 14.95 6.86 -27.13
CA LEU C 476 14.16 8.05 -26.85
C LEU C 476 12.69 7.90 -27.14
N GLN C 477 11.85 8.49 -26.31
CA GLN C 477 10.41 8.46 -26.55
C GLN C 477 9.99 9.87 -26.92
N LYS C 478 9.61 10.08 -28.17
CA LYS C 478 9.26 11.42 -28.64
C LYS C 478 7.92 11.90 -28.11
N GLU C 479 7.59 13.14 -28.43
CA GLU C 479 6.32 13.69 -28.00
C GLU C 479 5.49 14.11 -29.20
N ASN C 480 4.18 13.88 -29.15
CA ASN C 480 3.31 14.27 -30.24
C ASN C 480 2.17 15.07 -29.64
N SER C 481 2.50 16.03 -28.77
CA SER C 481 1.44 16.75 -28.08
C SER C 481 0.72 17.70 -29.02
N LYS C 482 -0.58 17.87 -28.79
CA LYS C 482 -1.41 18.83 -29.52
C LYS C 482 -1.60 20.13 -28.74
N ARG C 483 -0.87 20.30 -27.64
CA ARG C 483 -0.96 21.53 -26.87
C ARG C 483 -0.75 22.72 -27.80
N TRP C 484 -1.65 23.70 -27.73
CA TRP C 484 -1.55 24.87 -28.59
C TRP C 484 -0.53 25.85 -28.05
N ASN C 485 -0.64 26.17 -26.77
CA ASN C 485 0.26 27.12 -26.15
C ASN C 485 1.66 26.57 -25.97
N PRO C 486 2.70 27.46 -25.94
CA PRO C 486 4.06 26.97 -25.72
C PRO C 486 4.26 26.23 -24.40
N GLU C 487 5.34 25.47 -24.31
CA GLU C 487 5.64 24.71 -23.09
C GLU C 487 6.79 25.29 -22.31
N ILE C 488 6.91 24.89 -21.05
CA ILE C 488 8.04 25.33 -20.25
C ILE C 488 9.28 24.56 -20.70
N GLN C 489 10.41 25.24 -20.84
CA GLN C 489 11.65 24.57 -21.22
C GLN C 489 12.83 24.94 -20.35
N TYR C 490 13.79 24.04 -20.21
CA TYR C 490 14.97 24.40 -19.44
C TYR C 490 15.82 25.37 -20.24
N THR C 491 16.18 26.49 -19.63
CA THR C 491 16.94 27.49 -20.35
C THR C 491 17.96 28.23 -19.49
N SER C 492 19.07 28.64 -20.08
CA SER C 492 20.03 29.44 -19.35
C SER C 492 19.47 30.85 -19.29
N ASN C 493 20.03 31.68 -18.41
CA ASN C 493 19.57 33.06 -18.31
C ASN C 493 20.57 33.99 -18.97
N TYR C 494 20.07 34.98 -19.69
CA TYR C 494 20.96 35.88 -20.40
C TYR C 494 21.63 36.91 -19.50
N TYR C 495 21.02 37.22 -18.37
CA TYR C 495 21.56 38.22 -17.46
C TYR C 495 23.05 38.02 -17.23
N LYS C 496 23.82 39.10 -17.28
CA LYS C 496 25.26 39.01 -17.06
C LYS C 496 25.60 38.20 -15.82
N SER C 497 26.69 37.45 -15.89
CA SER C 497 27.11 36.64 -14.76
C SER C 497 28.62 36.50 -14.72
N ASN C 498 29.23 36.90 -13.61
CA ASN C 498 30.68 36.80 -13.48
C ASN C 498 31.19 35.55 -14.16
N ASN C 499 30.49 34.45 -13.94
CA ASN C 499 30.87 33.20 -14.58
C ASN C 499 29.70 32.63 -15.36
N VAL C 500 30.02 31.82 -16.37
CA VAL C 500 29.02 31.15 -17.19
C VAL C 500 28.62 29.85 -16.50
N GLU C 501 27.32 29.64 -16.35
CA GLU C 501 26.83 28.45 -15.66
C GLU C 501 27.31 27.19 -16.35
N PHE C 502 27.71 26.20 -15.55
CA PHE C 502 28.24 24.93 -16.05
C PHE C 502 29.52 25.16 -16.85
N ALA C 503 30.49 25.79 -16.19
CA ALA C 503 31.79 26.06 -16.78
C ALA C 503 32.79 26.26 -15.65
N VAL C 504 34.06 26.32 -16.02
CA VAL C 504 35.14 26.50 -15.06
C VAL C 504 35.32 27.98 -14.76
N ASN C 505 35.77 28.28 -13.55
CA ASN C 505 36.04 29.65 -13.14
C ASN C 505 37.48 30.01 -13.49
N THR C 506 37.95 31.13 -12.96
CA THR C 506 39.31 31.60 -13.27
C THR C 506 40.37 30.60 -12.85
N GLU C 507 40.07 29.70 -11.90
CA GLU C 507 41.03 28.71 -11.44
C GLU C 507 40.82 27.36 -12.11
N GLY C 508 39.95 27.28 -13.12
CA GLY C 508 39.71 26.02 -13.80
C GLY C 508 38.93 25.01 -13.00
N VAL C 509 38.06 25.46 -12.10
CA VAL C 509 37.25 24.56 -11.30
C VAL C 509 35.86 24.46 -11.91
N TYR C 510 35.50 23.25 -12.35
CA TYR C 510 34.18 23.02 -12.92
C TYR C 510 33.15 22.86 -11.81
N SER C 511 31.97 23.45 -12.03
CA SER C 511 30.91 23.40 -11.04
C SER C 511 29.56 23.30 -11.74
N GLU C 512 28.63 22.62 -11.08
CA GLU C 512 27.26 22.51 -11.58
C GLU C 512 26.37 23.41 -10.75
N PRO C 513 25.86 24.52 -11.31
CA PRO C 513 25.17 25.52 -10.47
C PRO C 513 23.93 25.00 -9.77
N ARG C 514 23.17 24.10 -10.36
CA ARG C 514 21.89 23.70 -9.79
C ARG C 514 21.56 22.30 -10.28
N PRO C 515 20.66 21.59 -9.58
CA PRO C 515 20.18 20.31 -10.11
C PRO C 515 19.23 20.54 -11.28
N ILE C 516 19.29 19.64 -12.25
CA ILE C 516 18.46 19.71 -13.44
C ILE C 516 17.64 18.44 -13.53
N GLY C 517 16.32 18.58 -13.53
CA GLY C 517 15.44 17.44 -13.66
C GLY C 517 15.21 17.06 -15.11
N THR C 518 14.10 16.37 -15.38
CA THR C 518 13.76 15.94 -16.73
C THR C 518 12.30 16.19 -17.09
N ARG C 519 11.53 16.84 -16.23
CA ARG C 519 10.09 16.97 -16.41
C ARG C 519 9.77 18.43 -16.71
N TYR C 520 9.82 18.78 -18.00
CA TYR C 520 9.44 20.10 -18.47
C TYR C 520 8.30 20.04 -19.47
N LEU C 521 8.32 19.06 -20.38
CA LEU C 521 7.19 18.85 -21.27
C LEU C 521 5.99 18.30 -20.48
N THR C 522 4.80 18.44 -21.06
CA THR C 522 3.57 18.07 -20.38
C THR C 522 2.70 17.22 -21.29
N ARG C 523 1.90 16.37 -20.65
CA ARG C 523 0.91 15.56 -21.34
C ARG C 523 -0.25 15.29 -20.40
N ASN C 524 -1.41 14.97 -20.99
CA ASN C 524 -2.61 14.74 -20.21
C ASN C 524 -2.50 13.42 -19.43
N LEU C 525 -3.32 13.32 -18.39
CA LEU C 525 -3.37 12.12 -17.57
C LEU C 525 -3.99 10.96 -18.36
N ASP D 1 -26.13 10.98 -54.36
CA ASP D 1 -25.83 11.56 -53.05
C ASP D 1 -26.77 12.70 -52.72
N GLY D 2 -26.29 13.66 -51.93
CA GLY D 2 -27.10 14.80 -51.55
C GLY D 2 -28.46 14.39 -51.05
N VAL D 3 -29.46 15.22 -51.31
CA VAL D 3 -30.81 14.94 -50.83
C VAL D 3 -31.47 13.85 -51.65
N GLY D 4 -32.64 13.40 -51.22
CA GLY D 4 -33.35 12.38 -51.95
C GLY D 4 -32.84 10.99 -51.72
N SER D 5 -31.61 10.87 -51.23
CA SER D 5 -31.02 9.56 -51.01
C SER D 5 -30.67 9.28 -49.56
N SER D 6 -31.29 8.26 -48.97
CA SER D 6 -30.98 7.89 -47.60
C SER D 6 -29.51 7.58 -47.48
N SER D 7 -28.95 7.93 -46.34
CA SER D 7 -27.54 7.72 -46.14
C SER D 7 -27.29 6.47 -45.29
N GLY D 8 -28.24 6.10 -44.46
CA GLY D 8 -28.09 4.91 -43.64
C GLY D 8 -29.41 4.32 -43.16
N ASN D 9 -29.44 3.03 -42.86
CA ASN D 9 -30.65 2.41 -42.33
C ASN D 9 -30.66 2.47 -40.80
N TRP D 10 -31.67 1.89 -40.17
CA TRP D 10 -31.77 2.03 -38.70
C TRP D 10 -30.82 1.09 -37.94
N HIS D 11 -31.08 -0.21 -37.96
CA HIS D 11 -30.23 -1.20 -37.25
C HIS D 11 -30.26 -1.08 -35.73
N CYS D 12 -31.15 -1.81 -35.09
CA CYS D 12 -31.22 -1.80 -33.63
C CYS D 12 -31.66 -3.19 -33.23
N ASP D 13 -30.76 -3.97 -32.66
CA ASP D 13 -31.09 -5.34 -32.33
C ASP D 13 -29.98 -6.04 -31.56
N SER D 14 -30.23 -7.27 -31.14
CA SER D 14 -29.20 -8.04 -30.46
C SER D 14 -29.08 -9.41 -31.11
N GLN D 15 -27.87 -9.95 -31.12
CA GLN D 15 -27.66 -11.26 -31.73
C GLN D 15 -26.84 -12.13 -30.79
N TRP D 16 -27.46 -13.19 -30.31
CA TRP D 16 -26.77 -14.04 -29.34
C TRP D 16 -26.16 -15.26 -29.99
N LEU D 17 -24.89 -15.48 -29.72
CA LEU D 17 -24.23 -16.65 -30.24
C LEU D 17 -23.84 -17.49 -29.05
N GLY D 18 -23.11 -18.57 -29.27
CA GLY D 18 -22.67 -19.40 -28.17
C GLY D 18 -21.86 -18.59 -27.18
N ASP D 19 -20.64 -18.21 -27.55
CA ASP D 19 -19.78 -17.49 -26.62
C ASP D 19 -19.70 -16.00 -26.90
N ARG D 20 -20.62 -15.50 -27.71
CA ARG D 20 -20.60 -14.08 -28.06
C ARG D 20 -21.98 -13.47 -28.19
N VAL D 21 -22.06 -12.16 -28.05
CA VAL D 21 -23.32 -11.48 -28.29
C VAL D 21 -23.00 -10.11 -28.87
N ILE D 22 -23.68 -9.77 -29.96
CA ILE D 22 -23.45 -8.49 -30.59
C ILE D 22 -24.66 -7.63 -30.37
N THR D 23 -24.44 -6.45 -29.82
CA THR D 23 -25.54 -5.54 -29.60
C THR D 23 -25.50 -4.47 -30.68
N THR D 24 -26.66 -3.97 -31.07
CA THR D 24 -26.71 -2.92 -32.07
C THR D 24 -27.74 -1.90 -31.63
N SER D 25 -27.32 -0.65 -31.54
CA SER D 25 -28.23 0.40 -31.10
C SER D 25 -28.22 1.57 -32.06
N THR D 26 -29.38 2.15 -32.32
CA THR D 26 -29.43 3.32 -33.18
C THR D 26 -30.32 4.35 -32.52
N ARG D 27 -29.92 5.62 -32.57
CA ARG D 27 -30.68 6.65 -31.90
C ARG D 27 -30.74 7.93 -32.68
N THR D 28 -31.68 8.80 -32.33
CA THR D 28 -31.77 10.12 -32.97
C THR D 28 -31.21 11.19 -32.03
N TRP D 29 -30.34 12.02 -32.59
CA TRP D 29 -29.71 13.06 -31.80
C TRP D 29 -29.90 14.43 -32.41
N ALA D 30 -29.65 15.46 -31.61
CA ALA D 30 -29.73 16.83 -32.11
C ALA D 30 -28.52 17.56 -31.57
N LEU D 31 -27.97 18.49 -32.34
CA LEU D 31 -26.77 19.18 -31.94
C LEU D 31 -26.87 20.67 -32.18
N PRO D 32 -26.83 21.44 -31.09
CA PRO D 32 -26.87 22.90 -31.23
C PRO D 32 -25.49 23.45 -31.58
N THR D 33 -25.36 24.77 -31.59
CA THR D 33 -24.07 25.39 -31.92
C THR D 33 -23.14 25.51 -30.70
N TYR D 34 -23.69 25.59 -29.49
CA TYR D 34 -22.91 25.73 -28.24
C TYR D 34 -22.44 27.17 -27.98
N ASN D 35 -21.17 27.37 -27.64
CA ASN D 35 -20.67 28.70 -27.30
C ASN D 35 -20.64 29.70 -28.45
N ASN D 36 -21.73 29.85 -29.19
CA ASN D 36 -21.72 30.73 -30.35
C ASN D 36 -20.43 30.52 -31.13
N HIS D 37 -20.06 29.26 -31.34
CA HIS D 37 -18.85 28.95 -32.10
C HIS D 37 -17.55 29.43 -31.45
N LEU D 38 -17.52 29.57 -30.13
CA LEU D 38 -16.32 30.10 -29.48
C LEU D 38 -15.73 29.23 -28.39
N TYR D 39 -14.44 29.38 -28.16
CA TYR D 39 -13.81 28.68 -27.05
C TYR D 39 -13.79 29.69 -25.93
N LYS D 40 -13.99 29.25 -24.69
CA LYS D 40 -14.06 30.19 -23.58
C LYS D 40 -13.35 29.68 -22.34
N GLN D 41 -12.61 30.55 -21.67
CA GLN D 41 -11.97 30.14 -20.43
C GLN D 41 -13.00 30.11 -19.32
N ILE D 42 -12.98 29.03 -18.54
CA ILE D 42 -13.90 28.90 -17.42
C ILE D 42 -13.09 28.60 -16.17
N SER D 43 -13.70 28.78 -15.01
CA SER D 43 -12.99 28.55 -13.75
C SER D 43 -13.96 28.58 -12.58
N ASN D 44 -13.48 28.19 -11.41
CA ASN D 44 -14.32 28.28 -10.23
C ASN D 44 -14.82 29.70 -10.12
N SER D 45 -13.93 30.66 -10.24
CA SER D 45 -14.34 32.06 -10.20
C SER D 45 -15.37 32.29 -11.29
N THR D 46 -15.04 31.93 -12.52
CA THR D 46 -15.97 32.10 -13.62
C THR D 46 -17.36 31.70 -13.19
N SER D 47 -17.50 30.46 -12.70
CA SER D 47 -18.79 30.01 -12.21
C SER D 47 -19.23 30.90 -11.06
N GLY D 48 -18.45 30.93 -10.00
CA GLY D 48 -18.79 31.74 -8.85
C GLY D 48 -17.80 31.52 -7.73
N GLY D 49 -16.51 31.68 -8.02
CA GLY D 49 -15.48 31.49 -7.02
C GLY D 49 -15.82 30.41 -6.03
N SER D 50 -15.89 29.16 -6.49
CA SER D 50 -16.27 28.06 -5.61
C SER D 50 -15.22 27.77 -4.55
N SER D 51 -15.51 26.83 -3.66
CA SER D 51 -14.58 26.50 -2.58
C SER D 51 -13.20 26.12 -3.07
N ASN D 52 -12.21 26.20 -2.18
CA ASN D 52 -10.87 25.77 -2.56
C ASN D 52 -11.00 24.36 -3.10
N ASP D 53 -11.62 23.49 -2.32
CA ASP D 53 -11.83 22.13 -2.79
C ASP D 53 -12.55 22.08 -4.13
N ASN D 54 -13.34 23.10 -4.47
CA ASN D 54 -14.11 23.10 -5.70
C ASN D 54 -13.53 24.04 -6.76
N ALA D 55 -12.34 24.59 -6.54
CA ALA D 55 -11.74 25.46 -7.54
C ALA D 55 -11.32 24.67 -8.76
N TYR D 56 -11.39 25.31 -9.92
CA TYR D 56 -11.02 24.66 -11.17
C TYR D 56 -10.69 25.71 -12.21
N PHE D 57 -9.96 25.28 -13.24
CA PHE D 57 -9.64 26.11 -14.39
C PHE D 57 -9.69 25.25 -15.64
N GLY D 58 -10.33 25.77 -16.68
CA GLY D 58 -10.48 24.99 -17.89
C GLY D 58 -11.06 25.81 -19.01
N TYR D 59 -11.48 25.11 -20.07
CA TYR D 59 -12.02 25.75 -21.26
C TYR D 59 -13.29 25.03 -21.69
N SER D 60 -14.20 25.80 -22.27
CA SER D 60 -15.42 25.26 -22.87
C SER D 60 -15.34 25.44 -24.38
N THR D 61 -15.55 24.36 -25.12
CA THR D 61 -15.40 24.35 -26.57
C THR D 61 -16.75 24.27 -27.25
N PRO D 62 -16.84 24.80 -28.49
CA PRO D 62 -18.15 24.76 -29.12
C PRO D 62 -18.37 23.41 -29.77
N TRP D 63 -17.65 22.40 -29.30
CA TRP D 63 -17.80 21.05 -29.83
C TRP D 63 -18.67 20.18 -28.96
N GLY D 64 -19.32 19.19 -29.56
CA GLY D 64 -20.11 18.24 -28.80
C GLY D 64 -19.40 16.91 -28.92
N TYR D 65 -19.93 15.88 -28.27
CA TYR D 65 -19.28 14.58 -28.30
C TYR D 65 -20.28 13.45 -28.06
N PHE D 66 -19.98 12.26 -28.57
CA PHE D 66 -20.88 11.13 -28.41
C PHE D 66 -20.51 10.28 -27.20
N ASP D 67 -21.50 10.00 -26.35
CA ASP D 67 -21.27 9.22 -25.15
C ASP D 67 -22.19 8.01 -25.15
N PHE D 68 -21.60 6.82 -25.13
CA PHE D 68 -22.34 5.56 -24.98
C PHE D 68 -21.64 4.66 -23.99
N ASN D 69 -21.05 5.26 -22.95
CA ASN D 69 -20.33 4.50 -21.93
C ASN D 69 -21.27 4.06 -20.80
N ARG D 70 -22.38 3.45 -21.18
CA ARG D 70 -23.33 2.89 -20.24
C ARG D 70 -23.91 1.61 -20.82
N PHE D 71 -24.24 0.67 -19.95
CA PHE D 71 -24.70 -0.64 -20.41
C PHE D 71 -26.09 -0.57 -21.03
N HIS D 72 -26.95 0.31 -20.53
CA HIS D 72 -28.33 0.36 -21.05
C HIS D 72 -28.38 0.97 -22.44
N CYS D 73 -27.26 1.50 -22.92
CA CYS D 73 -27.20 2.06 -24.26
C CYS D 73 -27.08 0.95 -25.29
N HIS D 74 -26.76 -0.25 -24.83
CA HIS D 74 -26.55 -1.36 -25.77
C HIS D 74 -27.40 -2.56 -25.40
N PHE D 75 -27.64 -2.77 -24.11
CA PHE D 75 -28.42 -3.93 -23.68
C PHE D 75 -29.84 -3.60 -23.26
N SER D 76 -30.81 -4.30 -23.84
CA SER D 76 -32.19 -4.11 -23.39
C SER D 76 -32.32 -4.79 -22.04
N PRO D 77 -33.30 -4.37 -21.21
CA PRO D 77 -33.48 -5.07 -19.95
C PRO D 77 -33.62 -6.54 -20.22
N ARG D 78 -34.48 -6.92 -21.16
CA ARG D 78 -34.59 -8.32 -21.52
C ARG D 78 -33.21 -8.86 -21.80
N ASP D 79 -32.48 -8.19 -22.70
CA ASP D 79 -31.16 -8.75 -23.02
C ASP D 79 -30.29 -8.89 -21.79
N TRP D 80 -30.32 -7.88 -20.90
CA TRP D 80 -29.52 -7.94 -19.68
C TRP D 80 -29.85 -9.19 -18.87
N GLN D 81 -31.12 -9.60 -18.83
CA GLN D 81 -31.52 -10.75 -18.03
C GLN D 81 -30.86 -12.03 -18.53
N ARG D 82 -30.82 -12.20 -19.83
CA ARG D 82 -30.16 -13.38 -20.39
C ARG D 82 -28.67 -13.37 -20.13
N LEU D 83 -28.05 -12.21 -20.18
CA LEU D 83 -26.61 -12.10 -19.97
C LEU D 83 -26.21 -12.51 -18.55
N ILE D 84 -26.93 -12.00 -17.55
CA ILE D 84 -26.54 -12.22 -16.17
C ILE D 84 -27.05 -13.55 -15.61
N ASN D 85 -28.07 -14.13 -16.22
CA ASN D 85 -28.65 -15.37 -15.72
C ASN D 85 -28.01 -16.62 -16.33
N ASN D 86 -27.10 -16.46 -17.28
CA ASN D 86 -26.55 -17.63 -17.97
C ASN D 86 -25.04 -17.59 -18.18
N ASN D 87 -24.35 -16.52 -17.78
CA ASN D 87 -22.93 -16.38 -18.06
C ASN D 87 -22.18 -16.04 -16.78
N TRP D 88 -21.01 -16.63 -16.59
CA TRP D 88 -20.21 -16.32 -15.40
C TRP D 88 -19.35 -15.09 -15.64
N GLY D 89 -19.26 -14.65 -16.88
CA GLY D 89 -18.45 -13.49 -17.21
C GLY D 89 -18.69 -12.96 -18.60
N PHE D 90 -18.19 -11.76 -18.89
CA PHE D 90 -18.33 -11.16 -20.20
C PHE D 90 -17.38 -9.98 -20.37
N ARG D 91 -17.14 -9.59 -21.62
CA ARG D 91 -16.27 -8.45 -21.88
C ARG D 91 -16.44 -7.93 -23.31
N PRO D 92 -16.28 -6.61 -23.49
CA PRO D 92 -16.37 -6.05 -24.84
C PRO D 92 -15.19 -6.50 -25.69
N LYS D 93 -15.38 -6.63 -27.00
CA LYS D 93 -14.30 -7.08 -27.88
C LYS D 93 -14.03 -6.09 -29.01
N ARG D 94 -15.07 -5.73 -29.75
CA ARG D 94 -14.89 -4.75 -30.82
C ARG D 94 -16.12 -3.89 -30.99
N LEU D 95 -15.97 -2.76 -31.66
CA LEU D 95 -17.10 -1.87 -31.87
C LEU D 95 -17.09 -1.16 -33.22
N ASN D 96 -18.26 -0.76 -33.69
CA ASN D 96 -18.33 0.02 -34.93
C ASN D 96 -19.33 1.15 -34.72
N PHE D 97 -18.91 2.38 -34.98
CA PHE D 97 -19.78 3.53 -34.83
C PHE D 97 -20.16 4.11 -36.19
N LYS D 98 -21.39 4.57 -36.34
CA LYS D 98 -21.81 5.19 -37.60
C LYS D 98 -22.66 6.42 -37.40
N LEU D 99 -22.36 7.47 -38.15
CA LEU D 99 -23.16 8.68 -38.09
C LEU D 99 -23.78 8.84 -39.45
N PHE D 100 -25.08 9.10 -39.51
CA PHE D 100 -25.74 9.15 -40.81
C PHE D 100 -27.02 9.98 -40.86
N ASN D 101 -27.57 10.14 -42.06
CA ASN D 101 -28.79 10.93 -42.24
C ASN D 101 -28.57 12.27 -41.55
N ILE D 102 -27.50 12.97 -41.89
CA ILE D 102 -27.20 14.27 -41.24
C ILE D 102 -28.41 15.21 -41.17
N GLN D 103 -28.65 16.06 -42.18
CA GLN D 103 -29.72 17.07 -42.09
C GLN D 103 -29.44 18.15 -41.06
N VAL D 104 -29.21 19.37 -41.50
CA VAL D 104 -29.05 20.48 -40.56
C VAL D 104 -30.29 21.35 -40.72
N LYS D 105 -30.32 22.55 -40.17
CA LYS D 105 -31.51 23.41 -40.23
C LYS D 105 -31.14 24.86 -40.03
N GLU D 106 -31.90 25.78 -40.61
CA GLU D 106 -31.58 27.21 -40.54
C GLU D 106 -32.22 27.97 -39.37
N VAL D 107 -33.48 27.67 -39.07
CA VAL D 107 -34.18 28.39 -38.01
C VAL D 107 -34.08 29.90 -38.15
N THR D 108 -34.91 30.48 -39.01
CA THR D 108 -34.93 31.93 -39.12
C THR D 108 -35.88 32.45 -38.08
N ASP D 109 -35.37 32.69 -36.88
CA ASP D 109 -36.21 33.13 -35.79
C ASP D 109 -36.72 34.54 -36.00
N ASN D 110 -37.57 34.74 -36.99
CA ASN D 110 -38.09 36.06 -37.28
C ASN D 110 -39.10 36.46 -36.23
N ASN D 111 -39.01 37.70 -35.76
CA ASN D 111 -39.92 38.18 -34.72
C ASN D 111 -40.35 37.04 -33.82
N GLY D 112 -41.59 36.60 -33.95
CA GLY D 112 -42.08 35.48 -33.16
C GLY D 112 -41.96 34.19 -33.94
N VAL D 113 -42.03 34.28 -35.26
CA VAL D 113 -41.94 33.08 -36.09
C VAL D 113 -40.49 32.63 -36.20
N LYS D 114 -40.14 31.59 -35.43
CA LYS D 114 -38.75 31.12 -35.46
C LYS D 114 -38.45 30.42 -36.77
N THR D 115 -39.45 30.28 -37.64
CA THR D 115 -39.26 29.70 -38.98
C THR D 115 -38.02 28.85 -39.22
N ILE D 116 -38.15 27.54 -39.17
CA ILE D 116 -37.02 26.66 -39.44
C ILE D 116 -37.01 26.08 -40.85
N ALA D 117 -35.86 26.10 -41.50
CA ALA D 117 -35.73 25.54 -42.83
C ALA D 117 -34.46 24.70 -42.92
N ASN D 118 -34.21 24.11 -44.08
CA ASN D 118 -33.02 23.29 -44.25
C ASN D 118 -31.90 24.01 -44.98
N ASN D 119 -30.68 23.92 -44.47
CA ASN D 119 -29.54 24.53 -45.15
C ASN D 119 -28.78 23.40 -45.81
N LEU D 120 -29.14 23.06 -47.04
CA LEU D 120 -28.52 21.93 -47.71
C LEU D 120 -27.01 22.04 -47.90
N THR D 121 -26.49 23.26 -47.93
CA THR D 121 -25.08 23.42 -48.21
C THR D 121 -24.30 23.63 -46.93
N SER D 122 -24.87 23.20 -45.82
CA SER D 122 -24.19 23.36 -44.54
C SER D 122 -23.39 22.12 -44.21
N THR D 123 -22.41 22.28 -43.33
CA THR D 123 -21.55 21.14 -43.00
C THR D 123 -21.45 20.82 -41.51
N VAL D 124 -21.24 19.54 -41.19
CA VAL D 124 -21.01 19.15 -39.82
C VAL D 124 -19.60 18.60 -39.78
N GLN D 125 -18.88 18.86 -38.69
CA GLN D 125 -17.53 18.32 -38.56
C GLN D 125 -17.50 17.17 -37.57
N VAL D 126 -16.68 16.17 -37.86
CA VAL D 126 -16.57 15.03 -36.95
C VAL D 126 -15.18 14.43 -36.97
N PHE D 127 -14.63 14.15 -35.79
CA PHE D 127 -13.33 13.49 -35.73
C PHE D 127 -13.17 12.68 -34.45
N THR D 128 -12.40 11.61 -34.52
CA THR D 128 -12.17 10.80 -33.33
C THR D 128 -10.77 11.07 -32.80
N ASP D 129 -10.63 11.15 -31.49
CA ASP D 129 -9.32 11.35 -30.89
C ASP D 129 -8.66 10.00 -30.75
N SER D 130 -8.38 9.35 -31.87
CA SER D 130 -7.81 8.00 -31.84
C SER D 130 -6.40 7.99 -31.25
N ASP D 131 -5.74 9.14 -31.23
CA ASP D 131 -4.41 9.22 -30.66
C ASP D 131 -4.48 9.67 -29.20
N TYR D 132 -5.69 9.84 -28.69
CA TYR D 132 -5.86 10.23 -27.29
C TYR D 132 -5.02 11.46 -26.95
N GLN D 133 -5.07 12.48 -27.79
CA GLN D 133 -4.33 13.71 -27.53
C GLN D 133 -5.16 14.76 -26.80
N LEU D 134 -6.43 14.45 -26.54
CA LEU D 134 -7.30 15.38 -25.84
C LEU D 134 -7.69 14.88 -24.46
N PRO D 135 -7.94 15.80 -23.53
CA PRO D 135 -8.41 15.38 -22.20
C PRO D 135 -9.57 14.40 -22.34
N TYR D 136 -9.48 13.26 -21.67
CA TYR D 136 -10.52 12.23 -21.79
C TYR D 136 -11.59 12.42 -20.72
N VAL D 137 -12.81 12.75 -21.13
CA VAL D 137 -13.87 13.03 -20.17
C VAL D 137 -14.96 11.95 -20.14
N LEU D 138 -14.71 10.84 -20.82
CA LEU D 138 -15.71 9.77 -20.87
C LEU D 138 -15.69 8.85 -19.66
N GLY D 139 -14.67 8.98 -18.82
CA GLY D 139 -14.58 8.14 -17.65
C GLY D 139 -15.05 8.83 -16.38
N SER D 140 -15.93 9.81 -16.54
CA SER D 140 -16.37 10.59 -15.38
C SER D 140 -17.86 10.46 -15.08
N ALA D 141 -18.51 9.44 -15.65
CA ALA D 141 -19.92 9.19 -15.37
C ALA D 141 -20.81 10.42 -15.57
N HIS D 142 -20.63 11.11 -16.69
CA HIS D 142 -21.42 12.29 -16.95
C HIS D 142 -22.70 11.94 -17.68
N GLU D 143 -23.65 12.87 -17.69
CA GLU D 143 -24.87 12.65 -18.43
C GLU D 143 -24.63 12.87 -19.91
N GLY D 144 -25.61 12.58 -20.75
CA GLY D 144 -25.48 12.80 -22.19
C GLY D 144 -25.29 11.54 -23.01
N CYS D 145 -25.69 10.40 -22.46
CA CYS D 145 -25.50 9.12 -23.16
C CYS D 145 -26.67 8.78 -24.07
N LEU D 146 -26.48 7.79 -24.93
CA LEU D 146 -27.54 7.36 -25.81
C LEU D 146 -28.69 6.88 -24.94
N PRO D 147 -29.90 7.40 -25.16
CA PRO D 147 -31.02 7.03 -24.28
C PRO D 147 -31.22 5.51 -24.26
N PRO D 148 -31.55 4.95 -23.09
CA PRO D 148 -31.83 3.51 -23.03
C PRO D 148 -32.99 3.15 -23.94
N PHE D 149 -34.02 3.99 -23.99
CA PHE D 149 -35.15 3.75 -24.89
C PHE D 149 -34.74 4.10 -26.32
N PRO D 150 -34.72 3.10 -27.21
CA PRO D 150 -34.26 3.32 -28.59
C PRO D 150 -35.12 4.31 -29.34
N ALA D 151 -36.16 4.83 -28.69
CA ALA D 151 -37.10 5.74 -29.37
C ALA D 151 -36.97 7.17 -28.91
N ASP D 152 -36.28 7.37 -27.79
CA ASP D 152 -36.09 8.72 -27.29
C ASP D 152 -35.06 9.48 -28.12
N VAL D 153 -35.34 10.74 -28.41
CA VAL D 153 -34.39 11.56 -29.15
C VAL D 153 -33.54 12.32 -28.15
N PHE D 154 -32.24 12.44 -28.40
CA PHE D 154 -31.37 13.07 -27.40
C PHE D 154 -30.49 14.20 -27.93
N MET D 155 -30.08 15.09 -27.04
CA MET D 155 -29.20 16.18 -27.43
C MET D 155 -27.74 15.87 -27.12
N ILE D 156 -26.85 16.17 -28.06
CA ILE D 156 -25.43 15.95 -27.82
C ILE D 156 -24.89 16.90 -26.75
N PRO D 157 -24.13 16.37 -25.76
CA PRO D 157 -23.55 17.28 -24.76
C PRO D 157 -22.35 18.04 -25.28
N GLN D 158 -22.03 19.16 -24.64
CA GLN D 158 -20.89 19.97 -25.05
C GLN D 158 -19.58 19.50 -24.46
N TYR D 159 -18.52 19.51 -25.27
CA TYR D 159 -17.22 19.07 -24.81
C TYR D 159 -16.48 20.17 -24.07
N GLY D 160 -16.02 19.89 -22.86
CA GLY D 160 -15.24 20.85 -22.11
C GLY D 160 -14.18 20.09 -21.34
N TYR D 161 -13.13 20.79 -20.90
CA TYR D 161 -12.04 20.11 -20.21
C TYR D 161 -11.35 20.99 -19.19
N LEU D 162 -10.61 20.35 -18.28
CA LEU D 162 -9.92 21.09 -17.23
C LEU D 162 -8.42 20.85 -17.31
N THR D 163 -7.65 21.85 -16.92
CA THR D 163 -6.20 21.70 -16.90
C THR D 163 -5.72 22.11 -15.51
N LEU D 164 -4.43 22.35 -15.37
CA LEU D 164 -3.89 22.72 -14.07
C LEU D 164 -4.42 24.06 -13.60
N ASN D 165 -4.58 24.21 -12.28
CA ASN D 165 -5.09 25.47 -11.73
C ASN D 165 -4.56 25.80 -10.34
N ASP D 166 -4.40 27.08 -10.07
CA ASP D 166 -3.97 27.52 -8.76
C ASP D 166 -5.12 28.39 -8.34
N GLY D 167 -6.04 27.86 -7.55
CA GLY D 167 -7.23 28.62 -7.23
C GLY D 167 -7.97 28.73 -8.54
N SER D 168 -8.35 29.94 -8.92
CA SER D 168 -9.02 30.14 -10.20
C SER D 168 -8.03 30.52 -11.28
N GLN D 169 -6.75 30.56 -10.93
CA GLN D 169 -5.73 30.96 -11.90
C GLN D 169 -5.07 29.79 -12.59
N ALA D 170 -4.51 30.03 -13.77
CA ALA D 170 -3.80 28.97 -14.48
C ALA D 170 -2.32 29.08 -14.21
N VAL D 171 -1.58 28.03 -14.52
CA VAL D 171 -0.12 28.08 -14.38
C VAL D 171 0.50 27.89 -15.76
N GLY D 172 1.79 28.13 -15.89
CA GLY D 172 2.45 27.99 -17.18
C GLY D 172 2.38 26.57 -17.69
N ARG D 173 2.22 25.62 -16.78
CA ARG D 173 2.12 24.22 -17.16
C ARG D 173 0.76 23.89 -17.75
N SER D 174 -0.23 24.73 -17.46
CA SER D 174 -1.58 24.51 -17.99
C SER D 174 -1.55 24.44 -19.52
N SER D 175 -2.41 23.61 -20.09
CA SER D 175 -2.42 23.45 -21.53
C SER D 175 -3.72 23.90 -22.15
N PHE D 176 -3.64 24.46 -23.35
CA PHE D 176 -4.85 24.84 -24.06
C PHE D 176 -4.95 24.02 -25.32
N TYR D 177 -6.13 23.50 -25.62
CA TYR D 177 -6.32 22.69 -26.80
C TYR D 177 -7.36 23.27 -27.75
N CYS D 178 -7.02 23.37 -29.02
CA CYS D 178 -7.98 23.84 -30.01
C CYS D 178 -8.35 22.67 -30.90
N LEU D 179 -9.60 22.22 -30.82
CA LEU D 179 -10.03 21.04 -31.58
C LEU D 179 -10.00 21.22 -33.09
N GLU D 180 -10.04 22.47 -33.56
CA GLU D 180 -9.94 22.72 -34.99
C GLU D 180 -8.51 22.45 -35.45
N TYR D 181 -7.60 22.26 -34.50
CA TYR D 181 -6.23 21.95 -34.85
C TYR D 181 -6.11 20.46 -35.12
N PHE D 182 -7.22 19.83 -35.45
CA PHE D 182 -7.22 18.41 -35.75
C PHE D 182 -7.90 18.21 -37.09
N PRO D 183 -7.40 17.28 -37.90
CA PRO D 183 -8.11 16.99 -39.15
C PRO D 183 -9.49 16.43 -38.84
N SER D 184 -10.52 16.90 -39.51
CA SER D 184 -11.88 16.45 -39.24
C SER D 184 -12.70 16.34 -40.52
N GLN D 185 -13.52 15.32 -40.61
CA GLN D 185 -14.37 15.13 -41.79
C GLN D 185 -15.47 16.17 -41.83
N MET D 186 -15.79 16.66 -43.03
CA MET D 186 -16.88 17.62 -43.15
C MET D 186 -18.03 16.98 -43.90
N LEU D 187 -19.22 16.99 -43.32
CA LEU D 187 -20.33 16.28 -43.95
C LEU D 187 -21.50 17.14 -44.33
N ARG D 188 -22.08 16.89 -45.49
CA ARG D 188 -23.28 17.60 -45.88
C ARG D 188 -24.40 16.57 -45.79
N THR D 189 -25.61 16.96 -46.12
CA THR D 189 -26.77 16.05 -45.99
C THR D 189 -26.57 14.68 -46.64
N GLY D 190 -25.70 14.60 -47.64
CA GLY D 190 -25.52 13.34 -48.33
C GLY D 190 -24.36 12.51 -47.84
N ASN D 191 -23.63 12.99 -46.84
CA ASN D 191 -22.43 12.29 -46.37
C ASN D 191 -22.63 11.49 -45.10
N ASN D 192 -21.82 10.46 -44.92
CA ASN D 192 -21.91 9.68 -43.69
C ASN D 192 -20.53 9.42 -43.12
N PHE D 193 -20.48 8.96 -41.88
CA PHE D 193 -19.20 8.71 -41.24
C PHE D 193 -19.25 7.41 -40.47
N GLN D 194 -18.13 6.69 -40.45
CA GLN D 194 -18.09 5.44 -39.72
C GLN D 194 -16.67 5.07 -39.31
N PHE D 195 -16.53 4.38 -38.19
CA PHE D 195 -15.22 3.93 -37.76
C PHE D 195 -15.36 2.68 -36.90
N SER D 196 -14.32 1.87 -36.84
CA SER D 196 -14.37 0.66 -36.02
C SER D 196 -13.23 0.67 -35.02
N TYR D 197 -13.45 0.05 -33.87
CA TYR D 197 -12.43 0.05 -32.82
C TYR D 197 -12.37 -1.30 -32.15
N GLU D 198 -11.15 -1.77 -31.87
CA GLU D 198 -11.01 -3.04 -31.18
C GLU D 198 -10.64 -2.78 -29.73
N PHE D 199 -11.40 -3.34 -28.82
CA PHE D 199 -11.10 -3.19 -27.41
C PHE D 199 -9.81 -3.90 -27.04
N GLU D 200 -9.00 -3.27 -26.21
CA GLU D 200 -7.80 -3.94 -25.74
C GLU D 200 -8.19 -5.15 -24.92
N ASN D 201 -7.23 -6.02 -24.66
CA ASN D 201 -7.52 -7.21 -23.87
C ASN D 201 -7.85 -6.82 -22.45
N VAL D 202 -9.05 -7.16 -22.00
CA VAL D 202 -9.44 -6.90 -20.62
C VAL D 202 -9.94 -8.18 -19.98
N PRO D 203 -9.87 -8.27 -18.66
CA PRO D 203 -10.38 -9.46 -17.96
C PRO D 203 -11.89 -9.55 -18.05
N PHE D 204 -12.44 -10.76 -18.02
CA PHE D 204 -13.88 -10.91 -18.01
C PHE D 204 -14.43 -10.33 -16.72
N HIS D 205 -15.55 -9.62 -16.80
CA HIS D 205 -16.18 -9.14 -15.57
C HIS D 205 -16.76 -10.33 -14.81
N SER D 206 -16.62 -10.32 -13.49
CA SER D 206 -17.14 -11.42 -12.68
C SER D 206 -18.64 -11.29 -12.50
N SER D 207 -19.40 -11.92 -13.39
CA SER D 207 -20.85 -11.89 -13.28
C SER D 207 -21.34 -13.09 -12.49
N TYR D 208 -20.84 -13.23 -11.26
CA TYR D 208 -21.25 -14.32 -10.40
C TYR D 208 -21.03 -13.95 -8.95
N ALA D 209 -21.57 -14.74 -8.03
CA ALA D 209 -21.33 -14.52 -6.61
C ALA D 209 -20.72 -15.79 -6.04
N HIS D 210 -19.94 -15.68 -4.98
CA HIS D 210 -19.27 -16.87 -4.45
C HIS D 210 -20.18 -17.66 -3.53
N SER D 211 -20.15 -18.99 -3.65
CA SER D 211 -20.97 -19.85 -2.80
C SER D 211 -20.19 -20.26 -1.55
N GLN D 212 -18.97 -19.76 -1.40
CA GLN D 212 -18.17 -20.06 -0.22
C GLN D 212 -17.55 -18.79 0.34
N SER D 213 -17.18 -18.82 1.62
CA SER D 213 -16.54 -17.65 2.23
C SER D 213 -15.06 -17.89 2.45
N LEU D 214 -14.26 -16.82 2.43
CA LEU D 214 -12.82 -16.97 2.54
C LEU D 214 -12.40 -17.64 3.83
N ASP D 215 -13.22 -17.51 4.86
CA ASP D 215 -12.92 -18.11 6.16
C ASP D 215 -13.58 -19.47 6.36
N ARG D 216 -14.22 -20.00 5.33
CA ARG D 216 -14.83 -21.32 5.42
C ARG D 216 -14.40 -22.21 4.25
N LEU D 217 -13.10 -22.32 4.04
CA LEU D 217 -12.58 -23.15 2.96
C LEU D 217 -12.05 -24.50 3.42
N MET D 218 -12.18 -24.81 4.71
CA MET D 218 -11.61 -26.05 5.23
C MET D 218 -12.59 -27.22 5.25
N ASN D 219 -12.07 -28.43 5.45
CA ASN D 219 -12.94 -29.60 5.56
C ASN D 219 -13.54 -29.57 6.94
N PRO D 220 -14.87 -29.47 7.03
CA PRO D 220 -15.53 -29.35 8.34
C PRO D 220 -15.47 -30.61 9.19
N LEU D 221 -14.80 -31.65 8.73
CA LEU D 221 -14.76 -32.90 9.49
C LEU D 221 -13.35 -33.25 9.94
N ILE D 222 -12.34 -32.73 9.26
CA ILE D 222 -10.97 -33.11 9.59
C ILE D 222 -10.22 -32.08 10.40
N ASP D 223 -9.41 -32.55 11.34
CA ASP D 223 -8.60 -31.64 12.11
C ASP D 223 -7.38 -31.23 11.35
N GLN D 224 -6.79 -30.11 11.72
CA GLN D 224 -5.52 -29.70 11.15
C GLN D 224 -4.37 -30.32 11.93
N TYR D 225 -3.21 -30.41 11.28
CA TYR D 225 -2.00 -30.85 11.95
C TYR D 225 -1.19 -29.68 12.52
N LEU D 226 -1.82 -28.52 12.67
CA LEU D 226 -1.19 -27.34 13.24
C LEU D 226 -1.82 -26.99 14.57
N TYR D 227 -1.02 -26.48 15.50
CA TYR D 227 -1.53 -26.12 16.82
C TYR D 227 -1.66 -24.61 17.02
N TYR D 228 -2.46 -24.20 17.99
CA TYR D 228 -2.59 -22.78 18.30
C TYR D 228 -2.53 -22.55 19.81
N LEU D 229 -2.13 -21.36 20.21
CA LEU D 229 -2.05 -21.06 21.64
C LEU D 229 -3.45 -21.01 22.23
N SER D 230 -3.74 -21.92 23.13
CA SER D 230 -5.06 -21.98 23.72
C SER D 230 -5.13 -21.25 25.06
N LYS D 231 -4.12 -21.45 25.90
CA LYS D 231 -4.15 -20.84 27.22
C LYS D 231 -2.83 -20.21 27.62
N THR D 232 -2.90 -19.21 28.49
CA THR D 232 -1.70 -18.54 28.97
C THR D 232 -1.60 -18.53 30.49
N ILE D 233 -2.69 -18.83 31.18
CA ILE D 233 -2.68 -18.85 32.62
C ILE D 233 -3.42 -20.08 33.13
N ASN D 234 -2.86 -20.72 34.14
CA ASN D 234 -3.47 -21.94 34.65
C ASN D 234 -4.81 -21.65 35.29
N GLY D 235 -5.00 -20.41 35.75
CA GLY D 235 -6.25 -20.04 36.38
C GLY D 235 -6.19 -18.66 36.97
N SER D 236 -6.86 -18.46 38.11
CA SER D 236 -6.92 -17.14 38.72
C SER D 236 -5.71 -16.85 39.56
N GLY D 237 -5.81 -17.08 40.87
CA GLY D 237 -4.70 -16.85 41.78
C GLY D 237 -3.78 -15.72 41.37
N GLN D 238 -2.48 -16.00 41.37
CA GLN D 238 -1.52 -14.99 40.96
C GLN D 238 -0.50 -15.59 40.02
N ASN D 239 0.78 -15.49 40.38
CA ASN D 239 1.84 -15.99 39.52
C ASN D 239 1.56 -17.41 39.05
N GLN D 240 0.91 -17.54 37.90
CA GLN D 240 0.63 -18.85 37.34
C GLN D 240 0.51 -18.79 35.81
N GLN D 241 1.54 -18.27 35.16
CA GLN D 241 1.53 -18.21 33.71
C GLN D 241 1.78 -19.60 33.15
N THR D 242 1.32 -19.83 31.92
CA THR D 242 1.51 -21.12 31.28
C THR D 242 1.35 -20.99 29.79
N LEU D 243 1.65 -22.05 29.06
CA LEU D 243 1.43 -22.03 27.61
C LEU D 243 0.78 -23.34 27.19
N LYS D 244 -0.50 -23.29 26.88
CA LYS D 244 -1.21 -24.50 26.47
C LYS D 244 -1.54 -24.43 25.01
N PHE D 245 -1.36 -25.53 24.30
CA PHE D 245 -1.62 -25.52 22.87
C PHE D 245 -2.67 -26.55 22.51
N SER D 246 -3.44 -26.25 21.47
CA SER D 246 -4.50 -27.16 21.06
C SER D 246 -4.54 -27.30 19.56
N VAL D 247 -5.15 -28.38 19.08
CA VAL D 247 -5.26 -28.59 17.65
C VAL D 247 -6.40 -27.77 17.10
N ALA D 248 -6.15 -27.02 16.03
CA ALA D 248 -7.22 -26.27 15.40
C ALA D 248 -8.07 -27.24 14.60
N GLY D 249 -9.31 -27.43 15.01
CA GLY D 249 -10.19 -28.36 14.32
C GLY D 249 -11.51 -27.74 13.93
N PRO D 250 -12.47 -28.59 13.52
CA PRO D 250 -13.73 -27.99 13.05
C PRO D 250 -14.45 -27.21 14.12
N SER D 251 -14.33 -27.66 15.37
CA SER D 251 -15.03 -27.00 16.47
C SER D 251 -14.51 -25.60 16.76
N ASN D 252 -13.31 -25.25 16.27
CA ASN D 252 -12.69 -23.97 16.55
C ASN D 252 -12.16 -23.36 15.25
N MET D 253 -13.02 -23.32 14.23
CA MET D 253 -12.59 -22.87 12.92
C MET D 253 -12.00 -21.47 12.95
N ALA D 254 -12.39 -20.65 13.93
CA ALA D 254 -11.95 -19.27 13.97
C ALA D 254 -10.44 -19.14 14.06
N VAL D 255 -9.76 -20.13 14.68
CA VAL D 255 -8.34 -20.04 14.93
C VAL D 255 -7.52 -20.89 13.97
N GLN D 256 -8.17 -21.47 12.97
CA GLN D 256 -7.47 -22.31 12.00
C GLN D 256 -6.49 -21.53 11.14
N GLY D 257 -5.37 -22.17 10.79
CA GLY D 257 -4.40 -21.54 9.91
C GLY D 257 -4.99 -21.41 8.52
N ARG D 258 -4.67 -20.32 7.82
CA ARG D 258 -5.23 -20.09 6.49
C ARG D 258 -4.21 -19.55 5.50
N ASN D 259 -4.37 -19.87 4.22
CA ASN D 259 -3.40 -19.45 3.21
C ASN D 259 -3.68 -18.09 2.59
N TYR D 260 -4.92 -17.63 2.64
CA TYR D 260 -5.27 -16.37 1.99
C TYR D 260 -6.17 -15.49 2.84
N ILE D 261 -6.05 -14.17 2.69
CA ILE D 261 -6.81 -13.24 3.53
C ILE D 261 -7.64 -12.24 2.72
N PRO D 262 -8.60 -11.58 3.39
CA PRO D 262 -9.50 -10.64 2.68
C PRO D 262 -8.79 -9.44 2.09
N GLY D 263 -9.40 -8.83 1.08
CA GLY D 263 -8.80 -7.68 0.42
C GLY D 263 -8.67 -6.42 1.25
N PRO D 264 -8.03 -5.37 0.69
CA PRO D 264 -7.78 -4.17 1.51
C PRO D 264 -9.01 -3.35 1.83
N SER D 265 -8.84 -2.23 2.53
CA SER D 265 -10.00 -1.44 2.94
C SER D 265 -9.73 0.02 3.27
N TYR D 266 -10.76 0.85 3.22
CA TYR D 266 -10.64 2.26 3.59
C TYR D 266 -11.98 2.58 4.24
N ARG D 267 -12.10 2.36 5.55
CA ARG D 267 -13.39 2.53 6.25
C ARG D 267 -14.28 3.71 5.87
N GLN D 268 -15.57 3.44 5.69
CA GLN D 268 -16.52 4.51 5.40
C GLN D 268 -17.51 4.59 6.55
N GLN D 269 -18.09 5.76 6.78
CA GLN D 269 -19.09 5.90 7.83
C GLN D 269 -20.38 5.19 7.44
N ARG D 270 -21.01 4.53 8.41
CA ARG D 270 -22.25 3.80 8.14
C ARG D 270 -23.45 4.71 8.22
N VAL D 271 -24.39 4.59 7.28
CA VAL D 271 -25.59 5.40 7.30
C VAL D 271 -26.84 4.51 7.22
N SER D 272 -27.83 4.79 8.06
CA SER D 272 -29.07 4.01 8.02
C SER D 272 -30.16 4.70 7.20
N THR D 273 -30.88 3.93 6.42
CA THR D 273 -31.99 4.51 5.67
C THR D 273 -33.05 4.90 6.67
N THR D 274 -33.05 4.26 7.85
CA THR D 274 -33.99 4.65 8.90
C THR D 274 -33.48 5.90 9.55
N VAL D 275 -33.99 7.05 9.12
CA VAL D 275 -33.51 8.32 9.64
C VAL D 275 -34.03 8.62 11.04
N THR D 276 -33.87 7.68 11.94
CA THR D 276 -34.28 7.90 13.31
C THR D 276 -33.11 7.44 14.12
N GLN D 277 -32.30 6.56 13.54
CA GLN D 277 -31.19 6.01 14.28
C GLN D 277 -29.83 6.53 13.81
N ASN D 278 -29.80 7.59 13.01
CA ASN D 278 -28.51 8.01 12.50
C ASN D 278 -27.80 9.00 13.42
N ASN D 279 -28.32 10.22 13.51
CA ASN D 279 -27.83 11.20 14.47
C ASN D 279 -28.56 12.52 14.28
N ASN D 280 -28.54 13.37 15.30
CA ASN D 280 -29.14 14.68 15.11
C ASN D 280 -28.02 15.65 14.77
N SER D 281 -27.24 15.31 13.74
CA SER D 281 -26.13 16.16 13.36
C SER D 281 -25.86 16.13 11.87
N GLU D 282 -25.22 17.17 11.36
CA GLU D 282 -24.88 17.21 9.95
C GLU D 282 -23.50 16.61 9.75
N PHE D 283 -23.42 15.43 9.15
CA PHE D 283 -22.13 14.78 9.01
C PHE D 283 -21.81 14.29 7.60
N ALA D 284 -22.63 14.71 6.63
CA ALA D 284 -22.41 14.30 5.24
C ALA D 284 -20.96 14.51 4.84
N TRP D 285 -20.48 15.75 4.93
CA TRP D 285 -19.08 16.03 4.59
C TRP D 285 -18.12 15.91 5.78
N PRO D 286 -18.54 16.36 6.99
CA PRO D 286 -17.61 16.16 8.11
C PRO D 286 -17.08 14.74 8.24
N GLY D 287 -17.97 13.75 8.32
CA GLY D 287 -17.52 12.37 8.47
C GLY D 287 -17.67 11.58 7.18
N ALA D 288 -17.01 12.02 6.11
CA ALA D 288 -17.21 11.35 4.82
C ALA D 288 -16.11 10.42 4.32
N SER D 289 -14.91 10.48 4.90
CA SER D 289 -13.77 9.70 4.40
C SER D 289 -13.31 10.25 3.05
N SER D 290 -12.08 10.73 2.98
CA SER D 290 -11.61 11.35 1.75
C SER D 290 -10.11 11.22 1.53
N TRP D 291 -9.60 11.87 0.49
CA TRP D 291 -8.17 11.85 0.22
C TRP D 291 -7.75 13.22 -0.28
N ALA D 292 -6.48 13.57 -0.06
CA ALA D 292 -6.02 14.91 -0.43
C ALA D 292 -5.05 14.90 -1.60
N LEU D 293 -5.05 15.98 -2.36
CA LEU D 293 -4.13 16.10 -3.49
C LEU D 293 -3.74 17.55 -3.63
N ASN D 294 -2.45 17.85 -3.47
CA ASN D 294 -1.97 19.23 -3.55
C ASN D 294 -2.86 20.18 -2.78
N GLY D 295 -3.19 19.84 -1.55
CA GLY D 295 -3.99 20.72 -0.71
C GLY D 295 -5.48 20.75 -0.99
N ARG D 296 -5.94 19.93 -1.92
CA ARG D 296 -7.37 19.86 -2.22
C ARG D 296 -7.96 18.53 -1.78
N ASN D 297 -9.08 18.56 -1.06
CA ASN D 297 -9.70 17.33 -0.59
C ASN D 297 -10.74 16.80 -1.56
N SER D 298 -10.74 15.49 -1.79
CA SER D 298 -11.72 14.90 -2.68
C SER D 298 -12.34 13.69 -2.00
N LEU D 299 -13.66 13.66 -1.95
CA LEU D 299 -14.35 12.56 -1.28
C LEU D 299 -13.95 11.20 -1.79
N MET D 300 -13.67 10.26 -0.90
CA MET D 300 -13.40 8.90 -1.34
C MET D 300 -14.74 8.38 -1.82
N ASN D 301 -14.97 8.41 -3.12
CA ASN D 301 -16.27 8.03 -3.67
C ASN D 301 -16.40 6.49 -3.62
N PRO D 302 -17.07 5.83 -4.63
CA PRO D 302 -17.16 4.38 -4.47
C PRO D 302 -15.98 3.83 -3.73
N GLY D 303 -14.78 4.32 -4.05
CA GLY D 303 -13.59 3.88 -3.34
C GLY D 303 -13.38 2.40 -3.54
N PRO D 304 -12.53 1.80 -2.69
CA PRO D 304 -12.27 0.37 -2.81
C PRO D 304 -13.53 -0.47 -2.70
N ALA D 305 -13.59 -1.55 -3.46
CA ALA D 305 -14.75 -2.42 -3.41
C ALA D 305 -14.83 -3.09 -2.05
N MET D 306 -15.86 -2.76 -1.28
CA MET D 306 -16.04 -3.36 0.03
C MET D 306 -17.50 -3.75 0.21
N ALA D 307 -17.77 -4.84 0.91
CA ALA D 307 -19.15 -5.25 1.15
C ALA D 307 -19.94 -4.09 1.76
N SER D 308 -21.10 -3.78 1.19
CA SER D 308 -21.87 -2.63 1.66
C SER D 308 -22.32 -2.71 3.12
N HIS D 309 -22.63 -3.91 3.59
CA HIS D 309 -23.09 -4.08 4.96
C HIS D 309 -23.00 -5.54 5.39
N LYS D 310 -23.15 -5.78 6.68
CA LYS D 310 -23.11 -7.14 7.19
C LYS D 310 -24.38 -7.90 6.82
N GLU D 311 -24.24 -9.17 6.48
CA GLU D 311 -25.41 -9.98 6.15
C GLU D 311 -26.58 -9.62 7.05
N GLY D 312 -27.63 -9.06 6.47
CA GLY D 312 -28.81 -8.69 7.26
C GLY D 312 -29.08 -7.20 7.38
N GLU D 313 -28.04 -6.41 7.67
CA GLU D 313 -28.26 -4.98 7.91
C GLU D 313 -28.40 -4.17 6.62
N ASP D 314 -29.31 -4.57 5.75
CA ASP D 314 -29.49 -3.89 4.47
C ASP D 314 -29.82 -2.41 4.63
N ARG D 315 -30.45 -2.05 5.75
CA ARG D 315 -30.80 -0.65 5.99
C ARG D 315 -29.57 0.24 6.03
N PHE D 316 -28.40 -0.37 6.19
CA PHE D 316 -27.16 0.40 6.28
C PHE D 316 -26.44 0.52 4.96
N PHE D 317 -25.76 1.63 4.75
CA PHE D 317 -24.98 1.83 3.54
C PHE D 317 -23.83 2.77 3.84
N PRO D 318 -22.66 2.53 3.22
CA PRO D 318 -21.49 3.39 3.45
C PRO D 318 -21.76 4.80 2.94
N LEU D 319 -21.39 5.81 3.72
CA LEU D 319 -21.66 7.20 3.34
C LEU D 319 -21.47 7.48 1.85
N SER D 320 -20.31 7.12 1.31
CA SER D 320 -20.03 7.36 -0.10
C SER D 320 -19.31 6.20 -0.74
N GLY D 321 -19.67 4.98 -0.35
CA GLY D 321 -19.02 3.80 -0.91
C GLY D 321 -19.88 3.01 -1.88
N SER D 322 -21.05 3.55 -2.23
CA SER D 322 -21.94 2.87 -3.15
C SER D 322 -22.37 3.78 -4.29
N LEU D 323 -22.88 3.20 -5.37
CA LEU D 323 -23.37 4.01 -6.48
C LEU D 323 -24.84 4.33 -6.27
N ILE D 324 -25.19 5.61 -6.42
CA ILE D 324 -26.58 6.02 -6.23
C ILE D 324 -27.15 6.63 -7.50
N PHE D 325 -28.21 6.03 -8.03
CA PHE D 325 -28.83 6.54 -9.24
C PHE D 325 -30.14 7.22 -8.91
N GLY D 326 -30.54 8.19 -9.73
CA GLY D 326 -31.80 8.85 -9.52
C GLY D 326 -32.90 8.16 -10.31
N LYS D 327 -34.11 8.10 -9.75
CA LYS D 327 -35.21 7.50 -10.46
C LYS D 327 -35.73 8.44 -11.54
N GLN D 328 -36.57 7.91 -12.43
CA GLN D 328 -37.12 8.72 -13.51
C GLN D 328 -37.86 9.93 -12.97
N GLY D 329 -37.48 11.12 -13.42
CA GLY D 329 -38.14 12.33 -12.97
C GLY D 329 -37.50 12.97 -11.76
N THR D 330 -36.55 12.27 -11.14
CA THR D 330 -35.93 12.78 -9.91
C THR D 330 -35.13 14.05 -10.15
N GLY D 331 -35.31 15.04 -9.28
CA GLY D 331 -34.58 16.29 -9.42
C GLY D 331 -33.11 16.17 -9.08
N ARG D 332 -32.38 17.29 -9.15
CA ARG D 332 -30.93 17.24 -8.97
C ARG D 332 -30.46 17.64 -7.58
N ASP D 333 -31.28 18.37 -6.84
CA ASP D 333 -30.80 18.85 -5.55
C ASP D 333 -31.62 18.41 -4.34
N ASN D 334 -30.95 18.08 -3.25
CA ASN D 334 -31.62 17.66 -2.01
C ASN D 334 -32.88 16.84 -2.25
N VAL D 335 -32.74 15.71 -2.92
CA VAL D 335 -33.88 14.83 -3.14
C VAL D 335 -33.89 13.78 -2.03
N ASP D 336 -35.05 13.22 -1.75
CA ASP D 336 -35.15 12.23 -0.68
C ASP D 336 -34.75 10.84 -1.15
N ALA D 337 -34.48 9.95 -0.19
CA ALA D 337 -34.07 8.59 -0.53
C ALA D 337 -35.06 7.90 -1.46
N ASP D 338 -36.34 8.16 -1.25
CA ASP D 338 -37.37 7.57 -2.10
C ASP D 338 -37.20 7.97 -3.55
N LYS D 339 -36.40 9.01 -3.81
CA LYS D 339 -36.18 9.48 -5.17
C LYS D 339 -34.95 8.85 -5.82
N VAL D 340 -34.15 8.13 -5.05
CA VAL D 340 -32.92 7.58 -5.58
C VAL D 340 -32.81 6.08 -5.37
N MET D 341 -31.96 5.43 -6.15
CA MET D 341 -31.77 3.99 -6.03
C MET D 341 -30.36 3.72 -5.55
N ILE D 342 -30.21 3.19 -4.33
CA ILE D 342 -28.87 2.98 -3.78
C ILE D 342 -28.39 1.56 -3.99
N THR D 343 -27.29 1.40 -4.74
CA THR D 343 -26.77 0.07 -5.01
C THR D 343 -26.06 -0.52 -3.81
N ASN D 344 -25.77 -1.81 -3.86
CA ASN D 344 -25.02 -2.44 -2.77
C ASN D 344 -24.11 -3.53 -3.32
N GLU D 345 -23.21 -4.03 -2.48
CA GLU D 345 -22.27 -5.04 -2.93
C GLU D 345 -22.17 -6.21 -1.94
N GLU D 346 -23.28 -6.54 -1.29
CA GLU D 346 -23.27 -7.63 -0.32
C GLU D 346 -22.64 -8.90 -0.91
N GLU D 347 -22.80 -9.11 -2.22
CA GLU D 347 -22.27 -10.32 -2.86
C GLU D 347 -20.79 -10.55 -2.60
N ILE D 348 -20.03 -9.48 -2.40
CA ILE D 348 -18.58 -9.61 -2.23
C ILE D 348 -18.16 -9.81 -0.77
N LYS D 349 -19.12 -9.88 0.14
CA LYS D 349 -18.81 -10.12 1.54
C LYS D 349 -18.06 -11.44 1.71
N THR D 350 -18.16 -12.33 0.74
CA THR D 350 -17.45 -13.60 0.78
C THR D 350 -15.93 -13.40 0.78
N THR D 351 -15.45 -12.32 0.17
CA THR D 351 -14.01 -12.11 0.06
C THR D 351 -13.53 -10.72 0.44
N ASN D 352 -14.44 -9.75 0.48
CA ASN D 352 -14.05 -8.37 0.78
C ASN D 352 -14.53 -7.94 2.15
N PRO D 353 -13.73 -7.10 2.84
CA PRO D 353 -14.14 -6.59 4.14
C PRO D 353 -15.40 -5.75 4.09
N VAL D 354 -16.15 -5.69 5.18
CA VAL D 354 -17.35 -4.84 5.23
C VAL D 354 -16.91 -3.40 5.18
N ALA D 355 -17.55 -2.59 4.33
CA ALA D 355 -17.13 -1.19 4.14
C ALA D 355 -17.17 -0.33 5.40
N THR D 356 -18.08 -0.59 6.31
CA THR D 356 -18.21 0.27 7.49
C THR D 356 -17.66 -0.36 8.76
N GLU D 357 -16.77 -1.33 8.61
CA GLU D 357 -16.14 -1.95 9.77
C GLU D 357 -14.62 -1.93 9.65
N SER D 358 -13.91 -2.03 10.77
CA SER D 358 -12.43 -2.09 10.70
C SER D 358 -12.01 -3.36 9.97
N TYR D 359 -10.86 -3.34 9.31
CA TYR D 359 -10.35 -4.53 8.64
C TYR D 359 -10.09 -5.62 9.65
N GLY D 360 -9.64 -5.24 10.83
CA GLY D 360 -9.34 -6.22 11.86
C GLY D 360 -8.60 -5.58 13.02
N GLN D 361 -7.94 -6.39 13.83
CA GLN D 361 -7.23 -5.87 14.98
C GLN D 361 -5.76 -6.21 14.92
N VAL D 362 -4.91 -5.29 15.36
CA VAL D 362 -3.47 -5.53 15.34
C VAL D 362 -2.84 -5.27 16.72
N ALA D 363 -1.81 -6.04 17.05
CA ALA D 363 -1.12 -5.84 18.33
C ALA D 363 -0.48 -4.46 18.38
N THR D 364 -0.29 -3.94 19.58
CA THR D 364 0.26 -2.59 19.70
C THR D 364 1.34 -2.49 20.77
N ASN D 365 1.65 -3.60 21.43
CA ASN D 365 2.62 -3.57 22.51
C ASN D 365 3.23 -4.92 22.78
N HIS D 366 4.07 -5.00 23.81
CA HIS D 366 4.64 -6.26 24.20
C HIS D 366 4.14 -6.61 25.58
N GLN D 367 3.20 -7.54 25.67
CA GLN D 367 2.70 -7.95 26.97
C GLN D 367 3.89 -8.28 27.86
N SER D 368 3.90 -7.77 29.08
CA SER D 368 5.04 -7.98 29.96
C SER D 368 4.62 -8.28 31.39
N ALA D 369 5.57 -8.76 32.18
CA ALA D 369 5.25 -9.13 33.56
C ALA D 369 5.94 -8.27 34.60
N GLN D 370 5.68 -8.55 35.87
CA GLN D 370 6.27 -7.83 36.98
C GLN D 370 7.67 -8.35 37.24
N TRP D 371 8.47 -8.46 36.20
CA TRP D 371 9.84 -8.92 36.32
C TRP D 371 10.66 -7.78 36.91
N PRO D 372 12.00 -7.76 36.68
CA PRO D 372 12.74 -6.58 37.14
C PRO D 372 11.96 -5.37 36.67
N THR D 373 11.66 -4.42 37.55
CA THR D 373 10.79 -3.28 37.21
C THR D 373 9.37 -3.81 37.22
N SER D 374 8.98 -4.45 38.32
CA SER D 374 7.63 -5.03 38.42
C SER D 374 6.53 -4.03 38.16
N TYR D 375 6.77 -2.75 38.49
CA TYR D 375 5.80 -1.69 38.24
C TYR D 375 5.38 -1.68 36.79
N ASP D 376 6.14 -2.36 35.94
CA ASP D 376 5.78 -2.46 34.53
C ASP D 376 4.64 -3.44 34.37
N ALA D 377 4.96 -4.72 34.13
CA ALA D 377 3.97 -5.76 33.89
C ALA D 377 2.94 -5.25 32.91
N ALA D 378 3.24 -5.34 31.61
CA ALA D 378 2.33 -4.80 30.60
C ALA D 378 1.08 -5.65 30.42
N GLN D 379 0.28 -5.35 29.42
CA GLN D 379 -0.89 -6.19 29.15
C GLN D 379 -1.13 -6.22 27.65
N ALA D 380 -1.50 -7.38 27.13
CA ALA D 380 -1.68 -7.51 25.69
C ALA D 380 -2.63 -6.43 25.18
N GLN D 381 -2.11 -5.52 24.37
CA GLN D 381 -2.93 -4.44 23.83
C GLN D 381 -3.04 -4.54 22.32
N THR D 382 -4.24 -4.32 21.80
CA THR D 382 -4.44 -4.37 20.36
C THR D 382 -5.11 -3.10 19.85
N GLY D 383 -5.04 -2.87 18.56
CA GLY D 383 -5.64 -1.67 17.98
C GLY D 383 -6.42 -1.97 16.72
N TRP D 384 -7.42 -1.15 16.42
CA TRP D 384 -8.25 -1.39 15.24
C TRP D 384 -7.62 -0.89 13.96
N VAL D 385 -7.83 -1.62 12.88
CA VAL D 385 -7.29 -1.21 11.59
C VAL D 385 -8.40 -0.66 10.71
N GLN D 386 -8.42 0.65 10.52
CA GLN D 386 -9.48 1.27 9.72
C GLN D 386 -9.11 1.35 8.24
N ASN D 387 -7.82 1.38 7.93
CA ASN D 387 -7.42 1.37 6.52
C ASN D 387 -6.28 0.40 6.33
N GLN D 388 -6.53 -0.63 5.51
CA GLN D 388 -5.51 -1.64 5.28
C GLN D 388 -5.09 -1.65 3.83
N GLY D 389 -3.82 -1.45 3.56
CA GLY D 389 -3.33 -1.50 2.20
C GLY D 389 -3.09 -2.93 1.79
N ILE D 390 -2.62 -3.12 0.56
CA ILE D 390 -2.40 -4.48 0.04
C ILE D 390 -1.34 -5.28 0.79
N LEU D 391 -1.62 -6.57 0.98
CA LEU D 391 -0.66 -7.47 1.61
C LEU D 391 -0.61 -8.76 0.79
N PRO D 392 0.56 -9.40 0.71
CA PRO D 392 0.62 -10.69 0.00
C PRO D 392 -0.34 -11.69 0.59
N GLY D 393 -0.99 -12.49 -0.26
CA GLY D 393 -1.97 -13.45 0.21
C GLY D 393 -3.38 -12.89 0.23
N MET D 394 -3.53 -11.63 -0.17
CA MET D 394 -4.85 -11.01 -0.22
C MET D 394 -5.62 -11.37 -1.47
N VAL D 395 -6.93 -11.55 -1.35
CA VAL D 395 -7.76 -11.80 -2.51
C VAL D 395 -8.99 -10.91 -2.36
N TRP D 396 -9.63 -10.55 -3.46
CA TRP D 396 -10.78 -9.66 -3.42
C TRP D 396 -11.53 -9.72 -4.74
N GLN D 397 -12.75 -9.20 -4.72
CA GLN D 397 -13.54 -9.13 -5.94
C GLN D 397 -13.67 -7.66 -6.28
N ASP D 398 -13.93 -7.34 -7.54
CA ASP D 398 -14.13 -5.94 -7.91
C ASP D 398 -15.59 -5.52 -7.80
N ARG D 399 -15.85 -4.22 -7.86
CA ARG D 399 -17.21 -3.71 -7.75
C ARG D 399 -18.06 -4.20 -8.93
N ASP D 400 -19.32 -4.52 -8.66
CA ASP D 400 -20.20 -5.01 -9.73
C ASP D 400 -20.53 -3.96 -10.77
N VAL D 401 -20.98 -4.39 -11.93
CA VAL D 401 -21.40 -3.45 -12.96
C VAL D 401 -22.92 -3.43 -12.98
N TYR D 402 -23.51 -2.43 -13.64
CA TYR D 402 -24.97 -2.32 -13.66
C TYR D 402 -25.50 -1.90 -15.02
N LEU D 403 -26.73 -2.33 -15.34
CA LEU D 403 -27.34 -1.94 -16.61
C LEU D 403 -27.25 -0.43 -16.80
N GLN D 404 -27.40 0.33 -15.72
CA GLN D 404 -27.35 1.79 -15.81
C GLN D 404 -25.98 2.37 -15.42
N GLY D 405 -24.98 1.52 -15.27
CA GLY D 405 -23.66 1.95 -14.88
C GLY D 405 -22.71 2.11 -16.04
N PRO D 406 -21.47 2.60 -15.76
CA PRO D 406 -20.52 2.82 -16.85
C PRO D 406 -19.94 1.50 -17.33
N ILE D 407 -19.37 1.49 -18.53
CA ILE D 407 -18.78 0.27 -19.07
C ILE D 407 -17.27 0.28 -18.97
N TRP D 408 -16.65 1.38 -19.40
CA TRP D 408 -15.19 1.42 -19.41
C TRP D 408 -14.61 2.71 -18.87
N ALA D 409 -13.29 2.75 -18.73
CA ALA D 409 -12.62 3.95 -18.28
C ALA D 409 -11.20 3.96 -18.80
N LYS D 410 -10.62 5.14 -18.92
CA LYS D 410 -9.25 5.25 -19.38
C LYS D 410 -8.27 5.25 -18.23
N ILE D 411 -7.34 4.30 -18.22
CA ILE D 411 -6.33 4.24 -17.17
C ILE D 411 -5.40 5.44 -17.31
N PRO D 412 -5.21 6.19 -16.21
CA PRO D 412 -4.35 7.39 -16.26
C PRO D 412 -2.96 7.04 -16.75
N HIS D 413 -2.41 7.85 -17.65
CA HIS D 413 -1.08 7.62 -18.17
C HIS D 413 -0.02 7.97 -17.14
N THR D 414 0.44 6.99 -16.39
CA THR D 414 1.43 7.24 -15.35
C THR D 414 2.51 6.19 -15.29
N ASP D 415 3.53 6.42 -14.46
CA ASP D 415 4.59 5.44 -14.30
C ASP D 415 4.06 4.19 -13.63
N GLY D 416 3.13 4.37 -12.69
CA GLY D 416 2.62 3.22 -11.96
C GLY D 416 1.17 3.19 -11.56
N ASN D 417 0.62 2.00 -11.43
CA ASN D 417 -0.76 1.83 -10.98
C ASN D 417 -0.88 0.43 -10.41
N PHE D 418 -1.94 0.16 -9.68
CA PHE D 418 -2.15 -1.19 -9.17
C PHE D 418 -3.57 -1.64 -9.51
N HIS D 419 -3.74 -2.83 -10.06
CA HIS D 419 -5.08 -3.36 -10.30
C HIS D 419 -5.99 -2.23 -10.78
N PRO D 420 -5.71 -1.69 -11.97
CA PRO D 420 -6.48 -0.51 -12.43
C PRO D 420 -7.92 -0.77 -12.87
N SER D 421 -8.68 -1.55 -12.13
CA SER D 421 -10.09 -1.72 -12.45
C SER D 421 -10.80 -0.46 -12.01
N PRO D 422 -11.49 0.22 -12.92
CA PRO D 422 -12.12 1.51 -12.57
C PRO D 422 -12.95 1.39 -11.28
N LEU D 423 -12.71 2.24 -10.30
CA LEU D 423 -13.39 2.11 -9.00
C LEU D 423 -14.92 2.16 -9.08
N MET D 424 -15.47 2.82 -10.10
CA MET D 424 -16.91 2.85 -10.28
C MET D 424 -17.43 1.64 -11.03
N GLY D 425 -16.55 0.72 -11.44
CA GLY D 425 -16.94 -0.48 -12.13
C GLY D 425 -16.69 -0.37 -13.63
N GLY D 426 -16.43 -1.52 -14.26
CA GLY D 426 -16.19 -1.59 -15.68
C GLY D 426 -14.81 -2.15 -16.00
N PHE D 427 -14.35 -1.87 -17.21
CA PHE D 427 -13.07 -2.35 -17.70
C PHE D 427 -12.13 -1.16 -17.86
N GLY D 428 -10.95 -1.23 -17.28
CA GLY D 428 -9.98 -0.16 -17.40
C GLY D 428 -9.12 -0.40 -18.63
N MET D 429 -8.87 0.65 -19.39
CA MET D 429 -8.08 0.49 -20.62
C MET D 429 -7.14 1.65 -20.88
N LYS D 430 -5.92 1.34 -21.30
CA LYS D 430 -4.97 2.40 -21.64
C LYS D 430 -5.47 3.09 -22.89
N HIS D 431 -5.97 2.31 -23.84
CA HIS D 431 -6.49 2.87 -25.07
C HIS D 431 -7.95 2.48 -25.23
N PRO D 432 -8.81 3.13 -24.44
CA PRO D 432 -10.24 2.85 -24.54
C PRO D 432 -10.79 3.39 -25.85
N PRO D 433 -12.09 3.21 -26.11
CA PRO D 433 -12.69 3.75 -27.33
C PRO D 433 -12.42 5.24 -27.44
N PRO D 434 -12.00 5.71 -28.61
CA PRO D 434 -11.68 7.13 -28.75
C PRO D 434 -12.91 8.01 -28.65
N GLN D 435 -12.69 9.22 -28.16
CA GLN D 435 -13.77 10.20 -28.09
C GLN D 435 -14.17 10.64 -29.48
N ILE D 436 -15.47 10.80 -29.70
CA ILE D 436 -15.96 11.23 -31.01
C ILE D 436 -16.48 12.65 -30.91
N LEU D 437 -15.77 13.59 -31.52
CA LEU D 437 -16.14 14.99 -31.43
C LEU D 437 -16.94 15.44 -32.64
N ILE D 438 -17.96 16.27 -32.43
CA ILE D 438 -18.80 16.73 -33.52
C ILE D 438 -19.21 18.19 -33.35
N LYS D 439 -19.29 18.95 -34.45
CA LYS D 439 -19.62 20.37 -34.33
C LYS D 439 -20.26 20.98 -35.57
N ASN D 440 -21.24 21.87 -35.40
CA ASN D 440 -21.79 22.54 -36.57
C ASN D 440 -20.81 23.56 -37.12
N THR D 441 -20.42 23.40 -38.38
CA THR D 441 -19.53 24.37 -39.00
C THR D 441 -20.20 25.72 -39.05
N PRO D 442 -19.53 26.74 -38.51
CA PRO D 442 -20.13 28.09 -38.47
C PRO D 442 -20.42 28.63 -39.86
N VAL D 443 -21.56 29.31 -40.02
CA VAL D 443 -21.90 29.88 -41.30
C VAL D 443 -22.04 31.38 -41.11
N PRO D 444 -20.99 32.13 -41.45
CA PRO D 444 -21.03 33.57 -41.26
C PRO D 444 -22.28 34.15 -41.84
N ALA D 445 -22.82 35.19 -41.22
CA ALA D 445 -23.97 35.88 -41.82
C ALA D 445 -23.49 36.90 -42.86
N ASP D 446 -24.35 37.85 -43.23
CA ASP D 446 -23.98 38.85 -44.23
C ASP D 446 -22.83 39.74 -43.77
N PRO D 447 -21.70 39.72 -44.50
CA PRO D 447 -20.54 40.53 -44.11
C PRO D 447 -20.66 41.98 -44.58
N PRO D 448 -19.81 42.89 -44.05
CA PRO D 448 -19.93 44.26 -44.55
C PRO D 448 -19.36 44.43 -45.96
N THR D 449 -19.65 45.55 -46.59
CA THR D 449 -19.17 45.80 -47.95
C THR D 449 -17.77 46.41 -47.96
N ALA D 450 -17.28 46.85 -46.80
CA ALA D 450 -15.93 47.37 -46.72
C ALA D 450 -15.10 46.46 -45.83
N PHE D 451 -13.85 46.22 -46.20
CA PHE D 451 -13.04 45.27 -45.43
C PHE D 451 -12.92 45.62 -43.96
N ASN D 452 -13.05 44.62 -43.10
CA ASN D 452 -12.87 44.85 -41.67
C ASN D 452 -11.98 43.77 -41.09
N LYS D 453 -11.09 44.16 -40.18
CA LYS D 453 -10.17 43.20 -39.58
C LYS D 453 -10.80 42.23 -38.60
N ASP D 454 -11.73 42.70 -37.77
CA ASP D 454 -12.28 41.84 -36.73
C ASP D 454 -12.80 40.52 -37.25
N LYS D 455 -12.65 39.47 -36.45
CA LYS D 455 -13.20 38.18 -36.83
C LYS D 455 -14.71 38.32 -36.89
N LEU D 456 -15.36 37.50 -37.70
CA LEU D 456 -16.80 37.61 -37.86
C LEU D 456 -17.50 37.21 -36.58
N ASN D 457 -18.62 37.86 -36.27
CA ASN D 457 -19.35 37.55 -35.06
C ASN D 457 -20.82 37.31 -35.37
N SER D 458 -21.23 37.62 -36.60
CA SER D 458 -22.61 37.40 -37.01
C SER D 458 -22.70 36.09 -37.74
N PHE D 459 -23.51 35.16 -37.28
CA PHE D 459 -23.55 33.87 -37.93
C PHE D 459 -24.98 33.40 -38.18
N ILE D 460 -25.23 32.66 -39.25
CA ILE D 460 -26.60 32.18 -39.41
C ILE D 460 -26.91 31.14 -38.34
N THR D 461 -28.00 31.32 -37.61
CA THR D 461 -28.35 30.40 -36.54
C THR D 461 -28.59 29.03 -37.15
N GLN D 462 -28.02 27.98 -36.59
CA GLN D 462 -28.18 26.66 -37.19
C GLN D 462 -28.12 25.55 -36.17
N TYR D 463 -28.69 24.40 -36.50
CA TYR D 463 -28.59 23.25 -35.62
C TYR D 463 -28.71 22.00 -36.46
N SER D 464 -28.08 20.92 -36.03
CA SER D 464 -28.11 19.70 -36.82
C SER D 464 -28.77 18.52 -36.10
N THR D 465 -29.36 17.61 -36.87
CA THR D 465 -29.95 16.42 -36.28
C THR D 465 -29.35 15.25 -37.04
N GLY D 466 -29.89 14.06 -36.87
CA GLY D 466 -29.40 12.91 -37.60
C GLY D 466 -29.43 11.64 -36.77
N GLN D 467 -28.97 10.55 -37.37
CA GLN D 467 -28.98 9.27 -36.66
C GLN D 467 -27.60 8.79 -36.31
N VAL D 468 -27.50 7.94 -35.29
CA VAL D 468 -26.22 7.41 -34.87
C VAL D 468 -26.41 5.93 -34.60
N SER D 469 -25.42 5.11 -34.98
CA SER D 469 -25.49 3.69 -34.69
C SER D 469 -24.21 3.18 -34.04
N VAL D 470 -24.34 2.29 -33.06
CA VAL D 470 -23.18 1.72 -32.41
C VAL D 470 -23.38 0.24 -32.17
N GLU D 471 -22.41 -0.56 -32.63
CA GLU D 471 -22.50 -1.99 -32.47
C GLU D 471 -21.30 -2.49 -31.69
N ILE D 472 -21.56 -3.34 -30.72
CA ILE D 472 -20.48 -3.88 -29.92
C ILE D 472 -20.58 -5.38 -29.75
N GLU D 473 -19.50 -6.09 -30.06
CA GLU D 473 -19.49 -7.53 -29.85
C GLU D 473 -18.95 -7.82 -28.45
N TRP D 474 -19.63 -8.67 -27.71
CA TRP D 474 -19.21 -9.00 -26.36
C TRP D 474 -18.85 -10.48 -26.25
N GLU D 475 -17.72 -10.79 -25.65
CA GLU D 475 -17.34 -12.18 -25.43
C GLU D 475 -18.00 -12.71 -24.16
N LEU D 476 -18.44 -13.96 -24.18
CA LEU D 476 -19.16 -14.52 -23.05
C LEU D 476 -18.38 -15.68 -22.44
N GLN D 477 -18.51 -15.84 -21.13
CA GLN D 477 -17.88 -16.92 -20.39
C GLN D 477 -18.96 -17.83 -19.85
N LYS D 478 -19.15 -18.97 -20.50
CA LYS D 478 -20.18 -19.92 -20.10
C LYS D 478 -19.80 -20.60 -18.79
N GLU D 479 -20.82 -21.09 -18.09
CA GLU D 479 -20.67 -21.73 -16.80
C GLU D 479 -20.94 -23.23 -16.92
N ASN D 480 -20.13 -24.03 -16.23
CA ASN D 480 -20.27 -25.48 -16.19
C ASN D 480 -20.34 -25.95 -14.75
N SER D 481 -21.14 -25.26 -13.95
CA SER D 481 -21.24 -25.56 -12.53
C SER D 481 -21.91 -26.91 -12.30
N LYS D 482 -21.47 -27.59 -11.24
CA LYS D 482 -22.06 -28.86 -10.82
C LYS D 482 -23.00 -28.70 -9.63
N ARG D 483 -23.35 -27.47 -9.30
CA ARG D 483 -24.29 -27.22 -8.21
C ARG D 483 -25.60 -27.95 -8.47
N TRP D 484 -26.12 -28.61 -7.44
CA TRP D 484 -27.37 -29.35 -7.58
C TRP D 484 -28.55 -28.41 -7.50
N ASN D 485 -28.85 -27.91 -6.31
CA ASN D 485 -29.97 -27.00 -6.12
C ASN D 485 -30.03 -25.87 -7.14
N PRO D 486 -31.26 -25.44 -7.51
CA PRO D 486 -31.35 -24.29 -8.42
C PRO D 486 -30.58 -23.07 -7.97
N GLU D 487 -30.30 -22.17 -8.90
CA GLU D 487 -29.56 -20.96 -8.58
C GLU D 487 -30.49 -19.78 -8.46
N ILE D 488 -29.98 -18.68 -7.91
CA ILE D 488 -30.78 -17.47 -7.85
C ILE D 488 -30.74 -16.82 -9.22
N GLN D 489 -31.89 -16.37 -9.70
CA GLN D 489 -31.95 -15.75 -11.01
C GLN D 489 -32.74 -14.45 -10.97
N TYR D 490 -32.36 -13.49 -11.81
CA TYR D 490 -33.12 -12.27 -11.87
C TYR D 490 -34.43 -12.55 -12.56
N THR D 491 -35.53 -12.10 -11.96
CA THR D 491 -36.84 -12.38 -12.52
C THR D 491 -37.84 -11.29 -12.27
N SER D 492 -38.76 -11.06 -13.20
CA SER D 492 -39.82 -10.10 -12.96
C SER D 492 -40.81 -10.72 -11.99
N ASN D 493 -41.67 -9.90 -11.40
CA ASN D 493 -42.66 -10.42 -10.48
C ASN D 493 -44.03 -10.46 -11.13
N TYR D 494 -44.72 -11.59 -11.00
CA TYR D 494 -46.02 -11.74 -11.64
C TYR D 494 -47.07 -10.79 -11.08
N TYR D 495 -47.04 -10.56 -9.77
CA TYR D 495 -48.07 -9.73 -9.14
C TYR D 495 -48.50 -8.51 -9.95
N LYS D 496 -49.80 -8.32 -10.08
CA LYS D 496 -50.34 -7.22 -10.90
C LYS D 496 -49.86 -5.83 -10.52
N SER D 497 -49.86 -4.93 -11.49
CA SER D 497 -49.41 -3.56 -11.25
C SER D 497 -50.01 -2.62 -12.29
N ASN D 498 -49.92 -1.32 -12.03
CA ASN D 498 -50.47 -0.34 -12.95
C ASN D 498 -49.65 -0.26 -14.23
N ASN D 499 -48.36 -0.59 -14.14
CA ASN D 499 -47.50 -0.52 -15.31
C ASN D 499 -46.57 -1.70 -15.40
N VAL D 500 -45.91 -1.85 -16.54
CA VAL D 500 -44.96 -2.92 -16.71
C VAL D 500 -43.56 -2.39 -16.42
N GLU D 501 -42.82 -3.09 -15.57
CA GLU D 501 -41.47 -2.67 -15.25
C GLU D 501 -40.64 -2.55 -16.53
N PHE D 502 -39.80 -1.54 -16.59
CA PHE D 502 -38.97 -1.31 -17.79
C PHE D 502 -39.85 -1.12 -19.02
N ALA D 503 -40.73 -0.13 -18.96
CA ALA D 503 -41.59 0.17 -20.09
C ALA D 503 -42.02 1.63 -19.97
N VAL D 504 -42.95 2.06 -20.79
CA VAL D 504 -43.44 3.42 -20.71
C VAL D 504 -44.76 3.49 -19.97
N ASN D 505 -45.14 4.68 -19.52
CA ASN D 505 -46.40 4.85 -18.83
C ASN D 505 -47.46 5.42 -19.77
N THR D 506 -48.57 5.89 -19.21
CA THR D 506 -49.62 6.46 -20.03
C THR D 506 -49.17 7.76 -20.70
N GLU D 507 -48.06 8.31 -20.23
CA GLU D 507 -47.56 9.55 -20.80
C GLU D 507 -46.38 9.28 -21.71
N GLY D 508 -46.15 8.02 -22.04
CA GLY D 508 -45.07 7.66 -22.93
C GLY D 508 -43.70 7.83 -22.31
N VAL D 509 -43.65 7.95 -20.98
CA VAL D 509 -42.38 8.09 -20.29
C VAL D 509 -41.77 6.74 -19.93
N TYR D 510 -40.57 6.46 -20.43
CA TYR D 510 -39.90 5.21 -20.11
C TYR D 510 -39.16 5.33 -18.79
N SER D 511 -38.99 4.21 -18.08
CA SER D 511 -38.31 4.25 -16.79
C SER D 511 -37.63 2.95 -16.38
N GLU D 512 -36.53 3.05 -15.65
CA GLU D 512 -35.86 1.86 -15.13
C GLU D 512 -36.23 1.80 -13.66
N PRO D 513 -37.09 0.84 -13.27
CA PRO D 513 -37.53 0.85 -11.86
C PRO D 513 -36.46 0.52 -10.84
N ARG D 514 -35.33 -0.06 -11.26
CA ARG D 514 -34.31 -0.47 -10.31
C ARG D 514 -32.96 -0.75 -10.95
N PRO D 515 -31.88 -0.68 -10.16
CA PRO D 515 -30.59 -1.08 -10.75
C PRO D 515 -30.52 -2.58 -10.85
N ILE D 516 -29.88 -3.09 -11.89
CA ILE D 516 -29.71 -4.53 -12.03
C ILE D 516 -28.24 -4.87 -12.14
N GLY D 517 -27.71 -5.59 -11.15
CA GLY D 517 -26.33 -6.02 -11.22
C GLY D 517 -26.14 -7.20 -12.16
N THR D 518 -25.15 -8.04 -11.86
CA THR D 518 -24.86 -9.19 -12.71
C THR D 518 -24.51 -10.43 -11.92
N ARG D 519 -24.50 -10.34 -10.60
CA ARG D 519 -24.07 -11.46 -9.77
C ARG D 519 -25.22 -12.33 -9.27
N TYR D 520 -25.72 -13.22 -10.13
CA TYR D 520 -26.78 -14.13 -9.73
C TYR D 520 -26.27 -15.55 -9.66
N LEU D 521 -25.59 -15.99 -10.71
CA LEU D 521 -25.01 -17.33 -10.69
C LEU D 521 -23.95 -17.41 -9.60
N THR D 522 -23.57 -18.62 -9.21
CA THR D 522 -22.60 -18.77 -8.15
C THR D 522 -21.44 -19.68 -8.53
N ARG D 523 -20.34 -19.58 -7.80
CA ARG D 523 -19.20 -20.45 -8.05
C ARG D 523 -18.39 -20.60 -6.77
N ASN D 524 -17.69 -21.73 -6.62
CA ASN D 524 -16.87 -21.94 -5.44
C ASN D 524 -15.66 -21.02 -5.47
N LEU D 525 -15.03 -20.85 -4.33
CA LEU D 525 -13.81 -20.03 -4.28
C LEU D 525 -12.62 -20.81 -4.84
#